data_4AEZ
#
_entry.id   4AEZ
#
_cell.length_a   70.810
_cell.length_b   286.900
_cell.length_c   72.010
_cell.angle_alpha   90.00
_cell.angle_beta   119.04
_cell.angle_gamma   90.00
#
_symmetry.space_group_name_H-M   'P 1 21 1'
#
loop_
_entity.id
_entity.type
_entity.pdbx_description
1 polymer 'WD REPEAT-CONTAINING PROTEIN SLP1'
2 polymer 'MITOTIC SPINDLE CHECKPOINT COMPONENT MAD2'
3 polymer 'MITOTIC SPINDLE CHECKPOINT COMPONENT MAD3'
4 water water
#
loop_
_entity_poly.entity_id
_entity_poly.type
_entity_poly.pdbx_seq_one_letter_code
_entity_poly.pdbx_strand_id
1 'polypeptide(L)'
;DRFIPSRPNTANAFVNSISSDVPFDYSESVAEACGFDLNTRVLAFKLDAPEAKKPVDLRTQHNRPQRPVVTPAKRRFNTT
PERVLDAPGIIDDYYLNLLDWSNLNVVAVALERNVYVWNADSGSVSALAETDESTYVASVKWSHDGSFLSVGLGNGLVDI
YDVESQTKLRTMAGHQARVGCLSWNRHVLSSGSRSGAIHHHDVRIANHQIGTLQGHSSEVCGLAWRSDGLQLASGGNDNV
VQIWDARSSIPKFTKTNHNAAVKAVAWCPWQSNLLATGGGTMDKQIHFWNAATGARVNTVDAGSQVTSLIWSPHSKEIMS
THGFPDNNLSIWSYSSSGLTKQVDIPAHDTRVLYSALSPDGRILSTAASDENLKFWRVYDGDHVKRPIPITKTPSSSITI
R
;
A,D,G
2 'polypeptide(L)'
;MSSVPIRTNFSAKGSSKLVSEFFEYAVNSILFQRGIYPAEDFKVVRKYGLNMLVSVDEEVKTYIRKIVSQLHKWMFAKKI
QKLILVITSKCSGEDLERWQFNVEMVDTADQFQNIGNKEDELRVQKEIQALIAQITATVTFLPQLEEQCTFNVLVYADKD
SEVPTDWVDSDPRILRDAEQVQLRSFSTSMHKIDCQVAYRVNP
;
B,E,H
3 'polypeptide(L)'
;MEPLDAGKNWVHMDVIEQSKENIEPRKAGHSASALAKSSSRNHTEKEVAGLQKERMGHERKIETSESLDDPLQVWIDYIK
WTLDNFPQGETKTSGLVTLLERCTREFVRNPLYKDDVRYLRIWMQYVNYIDEPVELFSFLAHHHIGQESSIFYEEYANYF
ESRGLFQKADEVYQKGKRMKAKPFLRFQQKYQQFTHRWLEFAPQSFSSNTNSVNPLQTTFEST
;
C,F,I
#
# COMPACT_ATOMS: atom_id res chain seq x y z
N LEU A 38 -14.14 3.66 28.17
CA LEU A 38 -14.67 2.32 27.93
C LEU A 38 -16.18 2.29 28.07
N ASN A 39 -16.88 2.26 26.93
CA ASN A 39 -18.34 2.16 26.92
C ASN A 39 -18.82 0.73 26.73
N THR A 40 -17.88 -0.20 26.67
CA THR A 40 -18.16 -1.59 26.30
C THR A 40 -18.40 -2.54 27.47
N ARG A 41 -19.48 -3.30 27.38
CA ARG A 41 -19.80 -4.35 28.34
C ARG A 41 -19.71 -5.69 27.63
N VAL A 42 -18.92 -6.59 28.19
CA VAL A 42 -18.72 -7.89 27.56
C VAL A 42 -19.64 -8.94 28.16
N LEU A 43 -20.37 -9.63 27.30
CA LEU A 43 -21.34 -10.63 27.73
C LEU A 43 -21.11 -11.96 27.05
N ALA A 44 -21.42 -13.03 27.77
CA ALA A 44 -21.27 -14.38 27.27
C ALA A 44 -22.60 -15.09 27.38
N PHE A 45 -22.94 -15.90 26.40
CA PHE A 45 -24.19 -16.65 26.49
C PHE A 45 -23.98 -17.66 27.60
N LYS A 46 -24.88 -17.65 28.58
CA LYS A 46 -24.74 -18.51 29.75
C LYS A 46 -24.84 -20.00 29.49
N LEU A 47 -25.77 -20.38 28.62
CA LEU A 47 -26.00 -21.79 28.34
C LEU A 47 -24.84 -22.48 27.64
N ASP A 48 -24.53 -23.69 28.08
CA ASP A 48 -23.50 -24.49 27.47
C ASP A 48 -23.99 -24.97 26.11
N ALA A 49 -23.10 -25.01 25.13
CA ALA A 49 -23.47 -25.50 23.83
C ALA A 49 -23.73 -27.00 23.93
N PRO A 50 -24.63 -27.52 23.10
CA PRO A 50 -24.92 -28.96 23.06
C PRO A 50 -23.63 -29.71 22.77
N GLU A 51 -23.33 -30.76 23.55
CA GLU A 51 -22.24 -31.66 23.24
C GLU A 51 -22.52 -32.39 21.93
N ALA A 52 -21.47 -32.63 21.16
CA ALA A 52 -21.61 -33.35 19.90
C ALA A 52 -22.06 -34.79 20.13
N LYS A 53 -22.86 -35.30 19.20
CA LYS A 53 -23.28 -36.70 19.25
C LYS A 53 -22.34 -37.54 18.39
N LYS A 54 -22.11 -38.78 18.81
CA LYS A 54 -21.34 -39.73 18.00
C LYS A 54 -22.07 -40.05 16.70
N PRO A 55 -21.44 -39.74 15.55
CA PRO A 55 -22.05 -39.83 14.22
C PRO A 55 -22.27 -41.25 13.71
N VAL A 56 -23.37 -41.45 12.99
CA VAL A 56 -23.68 -42.75 12.38
C VAL A 56 -22.95 -42.99 11.05
N ASP A 57 -22.72 -41.91 10.29
CA ASP A 57 -22.07 -42.04 8.99
C ASP A 57 -20.69 -41.39 8.98
N ARG A 75 0.73 -50.01 -20.27
CA ARG A 75 1.89 -49.48 -20.99
C ARG A 75 3.04 -49.16 -20.05
N ARG A 76 4.04 -50.02 -20.03
CA ARG A 76 5.21 -49.85 -19.16
C ARG A 76 5.95 -48.56 -19.47
N PHE A 77 6.31 -47.84 -18.42
CA PHE A 77 6.99 -46.56 -18.52
C PHE A 77 8.25 -46.60 -17.68
N ASN A 78 9.35 -46.09 -18.21
CA ASN A 78 10.61 -46.07 -17.46
C ASN A 78 10.54 -45.05 -16.33
N THR A 79 10.77 -45.52 -15.10
CA THR A 79 10.65 -44.66 -13.94
C THR A 79 11.95 -43.91 -13.64
N THR A 80 13.00 -44.25 -14.39
CA THR A 80 14.29 -43.58 -14.27
C THR A 80 14.44 -42.54 -15.39
N PRO A 81 14.83 -41.31 -15.03
CA PRO A 81 15.05 -40.31 -16.07
C PRO A 81 16.29 -40.67 -16.87
N GLU A 82 16.26 -40.37 -18.16
CA GLU A 82 17.38 -40.59 -19.06
C GLU A 82 18.57 -39.72 -18.69
N ARG A 83 18.28 -38.47 -18.33
CA ARG A 83 19.33 -37.52 -18.01
C ARG A 83 18.93 -36.61 -16.85
N VAL A 84 19.92 -36.24 -16.03
CA VAL A 84 19.69 -35.29 -14.95
C VAL A 84 20.74 -34.19 -15.01
N LEU A 85 20.29 -32.94 -14.94
CA LEU A 85 21.18 -31.80 -14.96
C LEU A 85 21.03 -30.99 -13.68
N ASP A 86 22.15 -30.62 -13.08
CA ASP A 86 22.12 -29.83 -11.86
C ASP A 86 21.52 -28.46 -12.13
N ALA A 87 20.69 -28.00 -11.21
CA ALA A 87 20.07 -26.69 -11.34
C ALA A 87 20.19 -25.91 -10.04
N PRO A 88 21.40 -25.49 -9.73
CA PRO A 88 21.67 -24.77 -8.48
C PRO A 88 20.98 -23.41 -8.40
N GLY A 89 20.41 -23.11 -7.24
CA GLY A 89 19.79 -21.83 -6.98
C GLY A 89 18.41 -21.63 -7.56
N ILE A 90 17.81 -22.68 -8.12
CA ILE A 90 16.49 -22.52 -8.71
C ILE A 90 15.51 -22.12 -7.61
N ILE A 91 14.65 -21.16 -7.90
CA ILE A 91 13.74 -20.64 -6.90
C ILE A 91 12.53 -21.57 -6.77
N ASP A 92 12.10 -21.84 -5.53
CA ASP A 92 10.87 -22.58 -5.34
C ASP A 92 9.72 -21.57 -5.18
N ASP A 93 8.93 -21.37 -6.23
CA ASP A 93 7.73 -20.53 -6.14
C ASP A 93 6.72 -20.99 -7.19
N TYR A 94 5.50 -21.30 -6.78
CA TYR A 94 4.44 -21.72 -7.70
C TYR A 94 4.14 -20.65 -8.76
N TYR A 95 4.40 -19.40 -8.43
CA TYR A 95 3.97 -18.28 -9.26
C TYR A 95 4.97 -17.92 -10.35
N LEU A 96 6.01 -18.72 -10.50
CA LEU A 96 7.02 -18.45 -11.50
C LEU A 96 6.99 -19.55 -12.56
N ASN A 97 7.46 -19.27 -13.77
CA ASN A 97 7.70 -20.32 -14.74
C ASN A 97 9.13 -20.21 -15.28
N LEU A 98 9.99 -21.11 -14.83
CA LEU A 98 11.43 -20.99 -15.08
C LEU A 98 12.02 -21.94 -16.12
N LEU A 99 11.18 -22.74 -16.77
CA LEU A 99 11.67 -23.73 -17.71
C LEU A 99 10.97 -23.64 -19.06
N ASP A 100 11.72 -23.68 -20.16
CA ASP A 100 11.04 -23.84 -21.44
C ASP A 100 11.95 -24.51 -22.48
N TRP A 101 11.36 -25.26 -23.40
CA TRP A 101 12.13 -26.00 -24.41
C TRP A 101 11.74 -25.55 -25.81
N SER A 102 12.67 -24.94 -26.54
CA SER A 102 12.37 -24.38 -27.88
C SER A 102 12.26 -25.42 -29.00
N ASN A 103 11.62 -25.02 -30.09
CA ASN A 103 11.52 -25.84 -31.30
C ASN A 103 12.84 -25.95 -32.06
N LEU A 104 13.84 -25.20 -31.62
CA LEU A 104 15.20 -25.36 -32.11
C LEU A 104 15.96 -26.29 -31.18
N ASN A 105 15.22 -26.90 -30.27
CA ASN A 105 15.75 -27.88 -29.33
C ASN A 105 16.67 -27.28 -28.27
N VAL A 106 16.36 -26.06 -27.85
CA VAL A 106 17.14 -25.41 -26.81
C VAL A 106 16.32 -25.28 -25.55
N VAL A 107 16.88 -25.76 -24.44
CA VAL A 107 16.26 -25.60 -23.13
C VAL A 107 16.73 -24.30 -22.48
N ALA A 108 15.79 -23.49 -22.01
CA ALA A 108 16.10 -22.31 -21.22
C ALA A 108 15.64 -22.56 -19.79
N VAL A 109 16.48 -22.26 -18.82
CA VAL A 109 16.10 -22.41 -17.41
C VAL A 109 16.61 -21.23 -16.57
N ALA A 110 15.73 -20.71 -15.71
CA ALA A 110 16.09 -19.58 -14.86
C ALA A 110 16.62 -20.01 -13.50
N LEU A 111 17.83 -19.61 -13.17
CA LEU A 111 18.36 -19.81 -11.83
C LEU A 111 18.61 -18.44 -11.18
N GLU A 112 17.73 -18.07 -10.26
CA GLU A 112 17.80 -16.75 -9.63
C GLU A 112 17.84 -15.64 -10.67
N ARG A 113 18.97 -14.93 -10.71
CA ARG A 113 19.12 -13.81 -11.64
C ARG A 113 19.48 -14.23 -13.05
N ASN A 114 19.80 -15.50 -13.24
CA ASN A 114 20.32 -15.90 -14.54
C ASN A 114 19.45 -16.86 -15.33
N VAL A 115 19.45 -16.67 -16.63
CA VAL A 115 18.92 -17.64 -17.56
C VAL A 115 20.07 -18.34 -18.26
N TYR A 116 20.07 -19.67 -18.13
CA TYR A 116 21.02 -20.53 -18.82
C TYR A 116 20.33 -21.30 -19.94
N VAL A 117 21.05 -21.46 -21.05
CA VAL A 117 20.53 -22.24 -22.16
C VAL A 117 21.38 -23.47 -22.44
N TRP A 118 20.70 -24.57 -22.69
CA TRP A 118 21.31 -25.87 -22.95
C TRP A 118 20.84 -26.39 -24.28
N ASN A 119 21.77 -26.72 -25.17
CA ASN A 119 21.40 -27.29 -26.46
C ASN A 119 21.29 -28.80 -26.33
N ALA A 120 20.09 -29.33 -26.55
CA ALA A 120 19.83 -30.75 -26.37
C ALA A 120 20.64 -31.62 -27.35
N ASP A 121 20.98 -31.06 -28.50
CA ASP A 121 21.79 -31.79 -29.47
C ASP A 121 23.27 -31.80 -29.06
N SER A 122 23.88 -30.62 -29.04
CA SER A 122 25.30 -30.50 -28.75
C SER A 122 25.61 -30.63 -27.26
N GLY A 123 24.66 -30.27 -26.41
CA GLY A 123 24.89 -30.29 -24.98
C GLY A 123 25.76 -29.11 -24.55
N SER A 124 25.93 -28.14 -25.43
CA SER A 124 26.60 -26.90 -25.06
C SER A 124 25.72 -26.13 -24.06
N VAL A 125 26.37 -25.59 -23.02
CA VAL A 125 25.69 -24.77 -22.04
C VAL A 125 26.20 -23.34 -22.19
N SER A 126 25.33 -22.38 -21.93
CA SER A 126 25.74 -20.99 -21.95
C SER A 126 24.83 -20.16 -21.06
N ALA A 127 25.36 -19.06 -20.54
CA ALA A 127 24.58 -18.21 -19.65
C ALA A 127 24.04 -17.05 -20.47
N LEU A 128 22.75 -17.10 -20.70
CA LEU A 128 22.11 -16.17 -21.61
C LEU A 128 21.84 -14.82 -20.96
N ALA A 129 21.45 -14.81 -19.69
CA ALA A 129 21.10 -13.53 -19.10
C ALA A 129 21.34 -13.40 -17.60
N GLU A 130 21.69 -12.19 -17.16
CA GLU A 130 21.81 -11.88 -15.74
C GLU A 130 21.11 -10.58 -15.38
N THR A 131 20.09 -10.66 -14.52
CA THR A 131 19.35 -9.47 -14.11
C THR A 131 20.11 -8.63 -13.10
N ASP A 132 19.70 -7.37 -13.01
CA ASP A 132 20.13 -6.48 -11.95
C ASP A 132 19.83 -7.13 -10.58
N GLU A 133 20.66 -6.82 -9.59
CA GLU A 133 20.60 -7.43 -8.27
C GLU A 133 19.31 -7.09 -7.51
N SER A 134 18.58 -6.07 -7.97
CA SER A 134 17.35 -5.69 -7.28
C SER A 134 16.18 -6.60 -7.70
N THR A 135 16.45 -7.58 -8.55
CA THR A 135 15.36 -8.40 -9.08
C THR A 135 15.79 -9.80 -9.51
N TYR A 136 14.89 -10.53 -10.16
CA TYR A 136 15.10 -11.93 -10.49
C TYR A 136 14.22 -12.30 -11.68
N VAL A 137 14.49 -13.45 -12.28
CA VAL A 137 13.69 -13.92 -13.40
C VAL A 137 12.45 -14.66 -12.90
N ALA A 138 11.28 -14.17 -13.30
CA ALA A 138 10.03 -14.84 -12.97
C ALA A 138 9.47 -15.76 -14.09
N SER A 139 9.90 -15.56 -15.32
CA SER A 139 9.42 -16.41 -16.41
C SER A 139 10.34 -16.38 -17.62
N VAL A 140 10.32 -17.48 -18.38
CA VAL A 140 10.98 -17.53 -19.68
C VAL A 140 10.04 -18.22 -20.68
N LYS A 141 9.98 -17.70 -21.91
CA LYS A 141 9.26 -18.36 -22.97
C LYS A 141 9.91 -18.15 -24.33
N TRP A 142 10.12 -19.24 -25.05
CA TRP A 142 10.62 -19.15 -26.42
C TRP A 142 9.51 -18.75 -27.38
N SER A 143 9.86 -17.96 -28.39
CA SER A 143 8.95 -17.69 -29.50
C SER A 143 8.75 -19.00 -30.28
N HIS A 144 7.70 -19.07 -31.09
CA HIS A 144 7.37 -20.33 -31.75
C HIS A 144 8.49 -20.85 -32.66
N ASP A 145 9.13 -19.96 -33.41
CA ASP A 145 10.25 -20.36 -34.26
C ASP A 145 11.53 -20.65 -33.47
N GLY A 146 11.53 -20.33 -32.18
CA GLY A 146 12.68 -20.59 -31.33
C GLY A 146 13.79 -19.56 -31.45
N SER A 147 13.58 -18.54 -32.27
CA SER A 147 14.57 -17.47 -32.46
C SER A 147 14.78 -16.62 -31.20
N PHE A 148 13.68 -16.25 -30.54
CA PHE A 148 13.77 -15.27 -29.45
C PHE A 148 13.36 -15.85 -28.11
N LEU A 149 14.03 -15.41 -27.05
CA LEU A 149 13.63 -15.78 -25.71
C LEU A 149 13.08 -14.55 -24.98
N SER A 150 11.83 -14.65 -24.54
CA SER A 150 11.27 -13.62 -23.69
C SER A 150 11.50 -14.03 -22.25
N VAL A 151 11.85 -13.04 -21.43
CA VAL A 151 12.17 -13.25 -20.03
C VAL A 151 11.36 -12.25 -19.21
N GLY A 152 10.41 -12.72 -18.42
CA GLY A 152 9.69 -11.82 -17.53
C GLY A 152 10.42 -11.67 -16.22
N LEU A 153 10.40 -10.47 -15.63
CA LEU A 153 11.17 -10.20 -14.41
C LEU A 153 10.27 -9.90 -13.22
N GLY A 154 10.82 -10.09 -12.03
CA GLY A 154 10.11 -9.76 -10.80
C GLY A 154 9.70 -8.30 -10.68
N ASN A 155 10.36 -7.41 -11.43
CA ASN A 155 10.02 -5.99 -11.39
C ASN A 155 9.03 -5.53 -12.45
N GLY A 156 8.47 -6.48 -13.21
CA GLY A 156 7.48 -6.19 -14.22
C GLY A 156 8.01 -5.95 -15.64
N LEU A 157 9.32 -5.85 -15.78
CA LEU A 157 9.97 -5.70 -17.08
C LEU A 157 9.95 -7.01 -17.86
N VAL A 158 9.90 -6.93 -19.18
CA VAL A 158 10.02 -8.11 -20.04
C VAL A 158 11.17 -7.94 -21.03
N ASP A 159 12.19 -8.76 -20.91
CA ASP A 159 13.33 -8.72 -21.84
C ASP A 159 13.12 -9.66 -23.01
N ILE A 160 13.60 -9.27 -24.19
CA ILE A 160 13.63 -10.13 -25.37
C ILE A 160 15.07 -10.25 -25.84
N TYR A 161 15.54 -11.50 -25.91
CA TYR A 161 16.89 -11.84 -26.36
C TYR A 161 16.85 -12.57 -27.69
N ASP A 162 17.86 -12.30 -28.52
CA ASP A 162 18.15 -13.12 -29.69
C ASP A 162 19.06 -14.28 -29.27
N VAL A 163 18.61 -15.50 -29.54
CA VAL A 163 19.37 -16.69 -29.13
C VAL A 163 20.68 -16.85 -29.90
N GLU A 164 20.68 -16.43 -31.17
CA GLU A 164 21.88 -16.58 -31.99
C GLU A 164 23.06 -15.79 -31.42
N SER A 165 22.89 -14.49 -31.23
CA SER A 165 23.96 -13.63 -30.73
C SER A 165 23.93 -13.44 -29.21
N GLN A 166 22.90 -13.99 -28.56
CA GLN A 166 22.77 -13.91 -27.10
C GLN A 166 22.72 -12.46 -26.58
N THR A 167 22.35 -11.53 -27.45
CA THR A 167 22.27 -10.13 -27.05
C THR A 167 20.83 -9.79 -26.70
N LYS A 168 20.65 -8.90 -25.73
CA LYS A 168 19.31 -8.45 -25.40
C LYS A 168 18.83 -7.52 -26.49
N LEU A 169 17.77 -7.91 -27.18
CA LEU A 169 17.23 -7.10 -28.26
C LEU A 169 16.53 -5.91 -27.64
N ARG A 170 15.69 -6.18 -26.64
CA ARG A 170 14.95 -5.07 -26.06
C ARG A 170 14.42 -5.37 -24.67
N THR A 171 14.05 -4.31 -23.95
CA THR A 171 13.33 -4.42 -22.69
C THR A 171 11.99 -3.68 -22.81
N MET A 172 10.93 -4.31 -22.33
CA MET A 172 9.58 -3.78 -22.44
C MET A 172 8.96 -3.57 -21.06
N ALA A 173 8.73 -2.31 -20.71
CA ALA A 173 8.12 -1.92 -19.43
C ALA A 173 6.60 -1.79 -19.52
N GLY A 174 5.99 -1.41 -18.40
CA GLY A 174 4.57 -1.16 -18.31
C GLY A 174 3.79 -2.07 -17.38
N HIS A 175 4.37 -3.20 -16.94
CA HIS A 175 3.78 -3.95 -15.83
C HIS A 175 4.24 -3.38 -14.50
N GLN A 176 3.33 -3.34 -13.54
CA GLN A 176 3.60 -2.74 -12.24
C GLN A 176 4.10 -3.75 -11.21
N ALA A 177 4.18 -5.01 -11.60
CA ALA A 177 4.66 -6.04 -10.71
C ALA A 177 5.12 -7.24 -11.51
N ARG A 178 5.55 -8.28 -10.82
CA ARG A 178 6.19 -9.45 -11.42
C ARG A 178 5.40 -9.99 -12.63
N VAL A 179 6.12 -10.25 -13.72
CA VAL A 179 5.55 -10.97 -14.85
C VAL A 179 5.88 -12.46 -14.70
N GLY A 180 4.87 -13.24 -14.36
CA GLY A 180 5.09 -14.65 -14.05
C GLY A 180 4.78 -15.61 -15.18
N CYS A 181 4.10 -15.14 -16.21
CA CYS A 181 3.77 -16.02 -17.31
C CYS A 181 3.74 -15.31 -18.67
N LEU A 182 4.04 -16.07 -19.71
CA LEU A 182 4.30 -15.52 -21.03
C LEU A 182 3.70 -16.48 -22.04
N SER A 183 3.09 -15.96 -23.10
CA SER A 183 2.71 -16.80 -24.23
C SER A 183 2.83 -16.03 -25.55
N TRP A 184 3.41 -16.69 -26.55
CA TRP A 184 3.69 -16.09 -27.84
C TRP A 184 2.60 -16.43 -28.84
N ASN A 185 2.07 -15.40 -29.49
CA ASN A 185 1.26 -15.60 -30.67
C ASN A 185 1.97 -14.91 -31.83
N ARG A 186 2.66 -15.69 -32.67
CA ARG A 186 3.41 -15.11 -33.76
C ARG A 186 4.38 -14.07 -33.21
N HIS A 187 4.32 -12.87 -33.75
CA HIS A 187 5.17 -11.75 -33.32
C HIS A 187 4.59 -11.03 -32.10
N VAL A 188 3.38 -11.41 -31.72
CA VAL A 188 2.80 -10.87 -30.50
C VAL A 188 3.21 -11.71 -29.30
N LEU A 189 3.75 -11.07 -28.28
CA LEU A 189 4.04 -11.71 -27.01
C LEU A 189 3.02 -11.24 -25.97
N SER A 190 2.42 -12.15 -25.25
CA SER A 190 1.48 -11.76 -24.20
C SER A 190 2.09 -12.03 -22.82
N SER A 191 1.96 -11.07 -21.91
CA SER A 191 2.59 -11.14 -20.60
C SER A 191 1.57 -11.01 -19.47
N GLY A 192 1.54 -11.98 -18.57
CA GLY A 192 0.73 -11.89 -17.37
C GLY A 192 1.47 -11.53 -16.10
N SER A 193 0.77 -10.85 -15.19
CA SER A 193 1.43 -10.25 -14.04
C SER A 193 0.70 -10.48 -12.71
N ARG A 194 1.43 -10.24 -11.61
CA ARG A 194 0.89 -10.38 -10.28
C ARG A 194 -0.23 -9.37 -10.03
N SER A 195 -0.29 -8.35 -10.86
CA SER A 195 -1.32 -7.32 -10.75
C SER A 195 -2.68 -7.85 -11.23
N GLY A 196 -2.65 -8.94 -12.00
CA GLY A 196 -3.86 -9.48 -12.62
C GLY A 196 -4.05 -9.00 -14.06
N ALA A 197 -3.17 -8.12 -14.51
CA ALA A 197 -3.21 -7.61 -15.88
C ALA A 197 -2.52 -8.53 -16.88
N ILE A 198 -2.99 -8.49 -18.13
CA ILE A 198 -2.33 -9.12 -19.25
C ILE A 198 -2.04 -8.06 -20.29
N HIS A 199 -0.80 -8.04 -20.79
CA HIS A 199 -0.43 -7.06 -21.81
C HIS A 199 -0.07 -7.79 -23.11
N HIS A 200 -0.56 -7.28 -24.23
CA HIS A 200 -0.14 -7.75 -25.54
C HIS A 200 0.94 -6.82 -26.08
N HIS A 201 2.08 -7.39 -26.46
CA HIS A 201 3.19 -6.62 -27.01
C HIS A 201 3.44 -7.01 -28.45
N ASP A 202 3.48 -6.03 -29.34
CA ASP A 202 3.95 -6.35 -30.69
C ASP A 202 5.44 -6.06 -30.68
N VAL A 203 6.20 -7.15 -30.72
CA VAL A 203 7.63 -7.12 -30.41
C VAL A 203 8.45 -6.43 -31.51
N ARG A 204 7.84 -6.20 -32.66
CA ARG A 204 8.52 -5.56 -33.77
C ARG A 204 8.54 -4.05 -33.64
N ILE A 205 7.64 -3.49 -32.83
CA ILE A 205 7.44 -2.05 -32.84
C ILE A 205 7.89 -1.32 -31.58
N ALA A 206 8.30 -0.06 -31.77
CA ALA A 206 8.82 0.78 -30.69
C ALA A 206 7.83 0.93 -29.54
N ASN A 207 6.59 1.31 -29.84
CA ASN A 207 5.56 1.31 -28.81
C ASN A 207 4.92 -0.08 -28.78
N HIS A 208 5.51 -0.95 -27.96
CA HIS A 208 5.21 -2.38 -27.98
C HIS A 208 3.78 -2.82 -27.65
N GLN A 209 3.17 -2.19 -26.64
CA GLN A 209 1.89 -2.71 -26.17
C GLN A 209 0.76 -2.34 -27.11
N ILE A 210 0.08 -3.36 -27.62
CA ILE A 210 -1.05 -3.16 -28.52
C ILE A 210 -2.39 -3.39 -27.84
N GLY A 211 -2.37 -3.80 -26.58
CA GLY A 211 -3.61 -3.98 -25.84
C GLY A 211 -3.41 -4.54 -24.45
N THR A 212 -4.48 -4.51 -23.66
CA THR A 212 -4.44 -5.08 -22.32
C THR A 212 -5.74 -5.82 -22.07
N LEU A 213 -5.68 -6.84 -21.24
CA LEU A 213 -6.88 -7.53 -20.76
C LEU A 213 -6.83 -7.50 -19.25
N GLN A 214 -7.91 -7.10 -18.61
CA GLN A 214 -7.97 -7.28 -17.17
C GLN A 214 -9.07 -8.29 -16.88
N GLY A 215 -8.67 -9.54 -16.70
CA GLY A 215 -9.63 -10.58 -16.39
C GLY A 215 -9.42 -11.22 -15.04
N HIS A 216 -8.46 -10.70 -14.28
CA HIS A 216 -8.08 -11.34 -13.04
C HIS A 216 -7.90 -10.32 -11.92
N SER A 217 -8.46 -10.61 -10.77
CA SER A 217 -8.35 -9.71 -9.63
C SER A 217 -7.12 -10.06 -8.79
N SER A 218 -6.35 -11.04 -9.22
CA SER A 218 -5.03 -11.28 -8.61
C SER A 218 -4.09 -11.94 -9.61
N GLU A 219 -2.96 -12.48 -9.14
CA GLU A 219 -1.90 -12.87 -10.07
C GLU A 219 -2.36 -13.74 -11.24
N VAL A 220 -1.99 -13.35 -12.45
CA VAL A 220 -2.16 -14.22 -13.61
C VAL A 220 -1.09 -15.31 -13.54
N CYS A 221 -1.54 -16.56 -13.49
CA CYS A 221 -0.74 -17.75 -13.25
C CYS A 221 -0.53 -18.58 -14.51
N GLY A 222 -1.62 -19.00 -15.15
CA GLY A 222 -1.51 -19.62 -16.46
C GLY A 222 -1.82 -18.73 -17.65
N LEU A 223 -1.10 -18.91 -18.75
CA LEU A 223 -1.37 -18.13 -19.96
C LEU A 223 -0.99 -18.93 -21.20
N ALA A 224 -1.94 -19.19 -22.11
CA ALA A 224 -1.57 -19.87 -23.35
C ALA A 224 -2.37 -19.45 -24.59
N TRP A 225 -1.67 -19.04 -25.63
CA TRP A 225 -2.32 -18.84 -26.92
C TRP A 225 -2.49 -20.20 -27.61
N ARG A 226 -3.60 -20.37 -28.28
CA ARG A 226 -3.79 -21.51 -29.16
C ARG A 226 -2.75 -21.43 -30.26
N SER A 227 -2.33 -22.58 -30.76
CA SER A 227 -1.34 -22.62 -31.83
C SER A 227 -1.76 -21.83 -33.08
N ASP A 228 -3.07 -21.74 -33.33
CA ASP A 228 -3.55 -20.94 -34.47
C ASP A 228 -3.78 -19.45 -34.12
N GLY A 229 -3.56 -19.08 -32.85
CA GLY A 229 -3.69 -17.70 -32.43
C GLY A 229 -5.10 -17.14 -32.33
N LEU A 230 -6.10 -17.99 -32.47
CA LEU A 230 -7.48 -17.51 -32.50
C LEU A 230 -8.02 -17.25 -31.10
N GLN A 231 -7.51 -17.99 -30.13
CA GLN A 231 -7.96 -17.85 -28.76
C GLN A 231 -6.82 -17.89 -27.77
N LEU A 232 -7.05 -17.23 -26.63
CA LEU A 232 -6.09 -17.19 -25.53
C LEU A 232 -6.81 -17.65 -24.27
N ALA A 233 -6.15 -18.48 -23.46
CA ALA A 233 -6.71 -18.84 -22.17
C ALA A 233 -5.81 -18.33 -21.06
N SER A 234 -6.39 -17.85 -19.98
CA SER A 234 -5.62 -17.37 -18.85
C SER A 234 -6.19 -18.00 -17.59
N GLY A 235 -5.33 -18.51 -16.70
CA GLY A 235 -5.79 -18.85 -15.37
C GLY A 235 -5.22 -17.91 -14.31
N GLY A 236 -5.83 -17.86 -13.15
CA GLY A 236 -5.41 -16.84 -12.19
C GLY A 236 -5.42 -17.32 -10.75
N ASN A 237 -4.75 -16.55 -9.90
CA ASN A 237 -4.74 -16.81 -8.47
C ASN A 237 -6.08 -16.47 -7.82
N ASP A 238 -6.98 -15.87 -8.59
CA ASP A 238 -8.37 -15.63 -8.16
C ASP A 238 -9.24 -16.86 -8.47
N ASN A 239 -8.60 -17.95 -8.88
CA ASN A 239 -9.27 -19.22 -9.17
C ASN A 239 -10.15 -19.14 -10.41
N VAL A 240 -9.87 -18.19 -11.28
CA VAL A 240 -10.68 -17.99 -12.48
C VAL A 240 -9.94 -18.44 -13.76
N VAL A 241 -10.70 -19.06 -14.66
CA VAL A 241 -10.24 -19.30 -16.00
C VAL A 241 -10.94 -18.36 -16.96
N GLN A 242 -10.17 -17.66 -17.77
CA GLN A 242 -10.74 -16.78 -18.78
C GLN A 242 -10.42 -17.31 -20.16
N ILE A 243 -11.42 -17.35 -21.01
CA ILE A 243 -11.24 -17.72 -22.41
C ILE A 243 -11.59 -16.52 -23.27
N TRP A 244 -10.56 -16.04 -23.98
CA TRP A 244 -10.59 -14.81 -24.75
C TRP A 244 -10.52 -15.13 -26.24
N ASP A 245 -11.40 -14.50 -27.02
CA ASP A 245 -11.24 -14.50 -28.47
C ASP A 245 -10.15 -13.49 -28.79
N ALA A 246 -9.36 -13.76 -29.83
CA ALA A 246 -8.21 -12.93 -30.17
C ALA A 246 -8.54 -11.44 -30.31
N ARG A 247 -9.65 -11.12 -30.96
CA ARG A 247 -9.96 -9.72 -31.26
C ARG A 247 -10.59 -8.96 -30.09
N SER A 248 -10.97 -9.67 -29.04
CA SER A 248 -11.84 -9.07 -28.02
C SER A 248 -11.23 -8.90 -26.63
N SER A 249 -11.41 -7.73 -26.06
CA SER A 249 -11.04 -7.48 -24.67
C SER A 249 -12.15 -7.94 -23.72
N ILE A 250 -13.21 -8.50 -24.27
CA ILE A 250 -14.26 -9.08 -23.45
C ILE A 250 -14.07 -10.59 -23.45
N PRO A 251 -14.00 -11.20 -22.26
CA PRO A 251 -13.86 -12.66 -22.17
C PRO A 251 -14.98 -13.36 -22.92
N LYS A 252 -14.65 -14.37 -23.70
CA LYS A 252 -15.69 -15.18 -24.36
C LYS A 252 -16.40 -16.00 -23.31
N PHE A 253 -15.63 -16.67 -22.47
CA PHE A 253 -16.20 -17.40 -21.33
C PHE A 253 -15.38 -17.17 -20.07
N THR A 254 -16.04 -17.20 -18.92
CA THR A 254 -15.40 -17.10 -17.62
C THR A 254 -15.83 -18.29 -16.77
N LYS A 255 -14.86 -19.13 -16.40
CA LYS A 255 -15.13 -20.33 -15.61
C LYS A 255 -14.60 -20.23 -14.16
N THR A 256 -15.53 -20.39 -13.23
CA THR A 256 -15.27 -20.36 -11.79
C THR A 256 -15.20 -21.73 -11.12
N ASN A 257 -15.24 -22.80 -11.89
CA ASN A 257 -15.30 -24.16 -11.32
C ASN A 257 -14.11 -24.50 -10.39
N HIS A 258 -12.93 -23.99 -10.70
CA HIS A 258 -11.78 -24.31 -9.87
C HIS A 258 -11.87 -23.59 -8.53
N ASN A 259 -11.55 -24.34 -7.48
CA ASN A 259 -11.50 -23.83 -6.11
C ASN A 259 -10.09 -23.40 -5.65
N ALA A 260 -9.15 -23.29 -6.58
CA ALA A 260 -7.83 -22.76 -6.23
C ALA A 260 -7.19 -22.16 -7.47
N ALA A 261 -5.93 -21.72 -7.38
CA ALA A 261 -5.32 -21.00 -8.49
C ALA A 261 -5.23 -21.90 -9.69
N VAL A 262 -5.24 -21.29 -10.88
CA VAL A 262 -5.10 -22.10 -12.07
C VAL A 262 -3.84 -21.69 -12.80
N LYS A 263 -2.76 -22.40 -12.53
CA LYS A 263 -1.47 -22.18 -13.17
C LYS A 263 -1.37 -22.96 -14.48
N ALA A 264 -2.05 -24.12 -14.52
CA ALA A 264 -1.90 -25.08 -15.60
C ALA A 264 -2.97 -24.90 -16.67
N VAL A 265 -2.54 -24.48 -17.85
CA VAL A 265 -3.44 -24.16 -18.94
C VAL A 265 -2.84 -24.70 -20.24
N ALA A 266 -3.56 -25.58 -20.92
CA ALA A 266 -3.02 -26.16 -22.15
C ALA A 266 -4.07 -26.45 -23.23
N TRP A 267 -3.82 -25.99 -24.46
CA TRP A 267 -4.70 -26.30 -25.60
C TRP A 267 -4.33 -27.63 -26.21
N CYS A 268 -5.35 -28.43 -26.56
CA CYS A 268 -5.13 -29.73 -27.18
C CYS A 268 -4.66 -29.55 -28.62
N PRO A 269 -3.50 -30.10 -28.97
CA PRO A 269 -2.96 -29.94 -30.32
C PRO A 269 -3.71 -30.71 -31.43
N TRP A 270 -4.44 -31.76 -31.08
CA TRP A 270 -5.21 -32.50 -32.10
C TRP A 270 -6.69 -32.15 -32.15
N GLN A 271 -7.15 -31.31 -31.22
CA GLN A 271 -8.52 -30.82 -31.23
C GLN A 271 -8.52 -29.34 -30.88
N SER A 272 -8.91 -28.49 -31.83
CA SER A 272 -8.72 -27.04 -31.74
C SER A 272 -9.32 -26.41 -30.49
N ASN A 273 -10.59 -26.71 -30.23
CA ASN A 273 -11.35 -26.03 -29.19
C ASN A 273 -11.21 -26.66 -27.80
N LEU A 274 -10.43 -27.72 -27.68
CA LEU A 274 -10.32 -28.45 -26.42
C LEU A 274 -9.25 -27.83 -25.54
N LEU A 275 -9.64 -27.40 -24.34
CA LEU A 275 -8.74 -26.77 -23.40
C LEU A 275 -8.68 -27.56 -22.09
N ALA A 276 -7.48 -27.78 -21.56
CA ALA A 276 -7.31 -28.32 -20.19
C ALA A 276 -6.84 -27.25 -19.20
N THR A 277 -7.45 -27.22 -18.03
CA THR A 277 -6.98 -26.35 -16.97
C THR A 277 -6.89 -27.16 -15.70
N GLY A 278 -5.99 -26.79 -14.79
CA GLY A 278 -5.92 -27.54 -13.55
C GLY A 278 -5.61 -26.65 -12.36
N GLY A 279 -6.16 -27.04 -11.22
CA GLY A 279 -6.26 -26.15 -10.07
C GLY A 279 -5.22 -26.47 -9.02
N GLY A 280 -5.04 -25.55 -8.09
CA GLY A 280 -3.99 -25.67 -7.10
C GLY A 280 -4.41 -26.50 -5.92
N THR A 281 -3.79 -26.23 -4.77
CA THR A 281 -3.84 -27.10 -3.60
C THR A 281 -5.24 -27.36 -3.04
N MET A 282 -6.10 -26.35 -3.04
CA MET A 282 -7.42 -26.58 -2.47
C MET A 282 -8.38 -27.09 -3.54
N ASP A 283 -7.88 -27.33 -4.74
CA ASP A 283 -8.72 -27.78 -5.85
C ASP A 283 -8.33 -29.19 -6.33
N LYS A 284 -7.16 -29.31 -6.96
CA LYS A 284 -6.64 -30.64 -7.33
C LYS A 284 -7.31 -31.26 -8.55
N GLN A 285 -8.26 -30.53 -9.16
CA GLN A 285 -8.98 -31.01 -10.33
C GLN A 285 -8.38 -30.53 -11.66
N ILE A 286 -8.48 -31.39 -12.66
CA ILE A 286 -8.25 -31.02 -14.05
C ILE A 286 -9.58 -31.01 -14.79
N HIS A 287 -9.97 -29.85 -15.30
CA HIS A 287 -11.20 -29.73 -16.06
C HIS A 287 -10.87 -29.53 -17.52
N PHE A 288 -11.77 -30.02 -18.39
CA PHE A 288 -11.60 -29.87 -19.83
C PHE A 288 -12.80 -29.13 -20.42
N TRP A 289 -12.53 -28.20 -21.32
CA TRP A 289 -13.56 -27.33 -21.84
C TRP A 289 -13.58 -27.36 -23.34
N ASN A 290 -14.77 -27.19 -23.91
CA ASN A 290 -14.90 -26.86 -25.32
C ASN A 290 -14.93 -25.35 -25.36
N ALA A 291 -13.91 -24.76 -25.96
CA ALA A 291 -13.77 -23.31 -25.95
C ALA A 291 -14.69 -22.59 -26.94
N ALA A 292 -15.35 -23.33 -27.82
CA ALA A 292 -16.38 -22.74 -28.68
C ALA A 292 -17.75 -22.65 -28.01
N THR A 293 -18.17 -23.74 -27.35
CA THR A 293 -19.48 -23.78 -26.70
C THR A 293 -19.45 -23.45 -25.20
N GLY A 294 -18.27 -23.44 -24.61
CA GLY A 294 -18.12 -23.24 -23.18
C GLY A 294 -18.51 -24.42 -22.30
N ALA A 295 -18.82 -25.55 -22.92
CA ALA A 295 -19.16 -26.74 -22.14
C ALA A 295 -17.94 -27.33 -21.44
N ARG A 296 -18.16 -27.90 -20.27
CA ARG A 296 -17.13 -28.69 -19.61
C ARG A 296 -17.31 -30.13 -20.11
N VAL A 297 -16.35 -30.62 -20.89
CA VAL A 297 -16.50 -31.93 -21.53
C VAL A 297 -15.88 -33.10 -20.78
N ASN A 298 -15.05 -32.78 -19.78
CA ASN A 298 -14.38 -33.82 -18.99
C ASN A 298 -13.83 -33.26 -17.69
N THR A 299 -13.57 -34.15 -16.74
CA THR A 299 -12.96 -33.73 -15.51
C THR A 299 -12.27 -34.90 -14.84
N VAL A 300 -11.23 -34.63 -14.07
CA VAL A 300 -10.60 -35.69 -13.31
C VAL A 300 -10.01 -35.14 -12.02
N ASP A 301 -10.01 -35.96 -11.00
CA ASP A 301 -9.46 -35.57 -9.72
C ASP A 301 -8.00 -35.96 -9.74
N ALA A 302 -7.11 -34.98 -9.75
CA ALA A 302 -5.68 -35.30 -9.87
C ALA A 302 -5.00 -35.68 -8.54
N GLY A 303 -5.64 -35.40 -7.41
CA GLY A 303 -5.10 -35.80 -6.12
C GLY A 303 -4.05 -34.86 -5.53
N SER A 304 -3.51 -33.97 -6.34
CA SER A 304 -2.51 -33.01 -5.90
C SER A 304 -2.62 -31.67 -6.60
N GLN A 305 -2.02 -30.66 -6.01
CA GLN A 305 -1.90 -29.35 -6.61
C GLN A 305 -1.34 -29.55 -8.02
N VAL A 306 -2.03 -29.02 -9.03
CA VAL A 306 -1.59 -29.21 -10.41
C VAL A 306 -0.70 -28.05 -10.87
N THR A 307 0.57 -28.35 -11.15
CA THR A 307 1.48 -27.29 -11.57
C THR A 307 1.65 -27.12 -13.09
N SER A 308 1.34 -28.15 -13.85
CA SER A 308 1.36 -28.03 -15.31
C SER A 308 0.58 -29.14 -15.98
N LEU A 309 0.21 -28.91 -17.24
CA LEU A 309 -0.51 -29.85 -18.07
C LEU A 309 0.12 -29.78 -19.44
N ILE A 310 0.49 -30.94 -19.99
CA ILE A 310 1.12 -30.97 -21.30
C ILE A 310 0.51 -32.08 -22.14
N TRP A 311 -0.12 -31.71 -23.25
CA TRP A 311 -0.74 -32.70 -24.12
C TRP A 311 0.35 -33.46 -24.86
N SER A 312 0.15 -34.75 -25.04
CA SER A 312 1.04 -35.54 -25.87
C SER A 312 0.68 -35.31 -27.33
N PRO A 313 1.64 -34.85 -28.13
CA PRO A 313 1.38 -34.65 -29.57
C PRO A 313 1.14 -35.95 -30.35
N HIS A 314 1.79 -37.05 -29.95
CA HIS A 314 1.77 -38.32 -30.72
C HIS A 314 0.65 -39.30 -30.35
N SER A 315 -0.03 -39.08 -29.23
CA SER A 315 -0.97 -40.05 -28.72
C SER A 315 -2.10 -39.31 -28.01
N LYS A 316 -3.21 -39.99 -27.74
CA LYS A 316 -4.29 -39.28 -27.08
C LYS A 316 -4.05 -39.46 -25.58
N GLU A 317 -3.38 -38.47 -25.01
CA GLU A 317 -2.90 -38.55 -23.65
C GLU A 317 -2.57 -37.14 -23.20
N ILE A 318 -2.53 -36.95 -21.89
CA ILE A 318 -2.12 -35.68 -21.34
C ILE A 318 -1.32 -35.94 -20.08
N MET A 319 -0.27 -35.14 -19.90
CA MET A 319 0.61 -35.29 -18.75
C MET A 319 0.32 -34.17 -17.78
N SER A 320 0.35 -34.48 -16.48
CA SER A 320 0.26 -33.45 -15.45
C SER A 320 1.44 -33.58 -14.49
N THR A 321 1.93 -32.45 -14.01
CA THR A 321 2.94 -32.40 -12.95
C THR A 321 2.27 -31.84 -11.70
N HIS A 322 2.76 -32.23 -10.53
CA HIS A 322 2.07 -31.93 -9.28
C HIS A 322 2.95 -31.34 -8.19
N GLY A 323 2.31 -30.53 -7.36
CA GLY A 323 2.84 -29.97 -6.14
C GLY A 323 2.34 -30.76 -4.94
N PHE A 324 2.01 -30.06 -3.87
CA PHE A 324 1.53 -30.69 -2.65
C PHE A 324 0.36 -31.64 -2.86
N PRO A 325 0.36 -32.79 -2.18
CA PRO A 325 1.45 -33.47 -1.44
C PRO A 325 2.40 -34.34 -2.27
N ASP A 326 1.98 -34.75 -3.47
CA ASP A 326 2.60 -35.89 -4.14
C ASP A 326 3.91 -35.70 -4.92
N ASN A 327 4.17 -34.51 -5.43
CA ASN A 327 5.43 -34.27 -6.14
C ASN A 327 5.65 -35.27 -7.28
N ASN A 328 4.58 -35.58 -7.99
CA ASN A 328 4.63 -36.65 -8.98
C ASN A 328 4.42 -36.18 -10.41
N LEU A 329 4.56 -37.12 -11.33
CA LEU A 329 4.29 -36.92 -12.73
C LEU A 329 3.28 -37.98 -13.14
N SER A 330 2.19 -37.55 -13.77
CA SER A 330 1.11 -38.46 -14.18
C SER A 330 0.86 -38.38 -15.68
N ILE A 331 0.63 -39.54 -16.29
CA ILE A 331 0.21 -39.60 -17.67
C ILE A 331 -1.17 -40.25 -17.71
N TRP A 332 -2.11 -39.52 -18.29
CA TRP A 332 -3.49 -39.98 -18.41
C TRP A 332 -3.88 -40.24 -19.86
N SER A 333 -4.65 -41.30 -20.09
CA SER A 333 -5.26 -41.52 -21.39
C SER A 333 -6.50 -40.62 -21.51
N TYR A 334 -6.66 -39.99 -22.66
CA TYR A 334 -7.80 -39.11 -22.86
C TYR A 334 -8.82 -39.66 -23.85
N SER A 335 -10.08 -39.66 -23.45
CA SER A 335 -11.18 -40.02 -24.35
C SER A 335 -12.47 -39.29 -23.96
N SER A 336 -13.44 -39.28 -24.87
CA SER A 336 -14.72 -38.64 -24.62
C SER A 336 -15.41 -39.26 -23.41
N SER A 337 -15.17 -40.56 -23.23
CA SER A 337 -15.75 -41.30 -22.11
C SER A 337 -15.15 -40.86 -20.78
N GLY A 338 -13.89 -40.45 -20.80
CA GLY A 338 -13.21 -40.04 -19.58
C GLY A 338 -11.71 -40.27 -19.58
N LEU A 339 -11.08 -39.98 -18.45
CA LEU A 339 -9.62 -40.12 -18.32
C LEU A 339 -9.20 -41.29 -17.42
N THR A 340 -8.19 -42.01 -17.85
CA THR A 340 -7.70 -43.14 -17.11
C THR A 340 -6.22 -42.91 -16.78
N LYS A 341 -5.86 -43.09 -15.53
CA LYS A 341 -4.47 -42.89 -15.15
C LYS A 341 -3.63 -44.06 -15.61
N GLN A 342 -2.65 -43.76 -16.46
CA GLN A 342 -1.77 -44.76 -17.03
C GLN A 342 -0.51 -44.84 -16.19
N VAL A 343 0.18 -43.71 -16.09
CA VAL A 343 1.47 -43.71 -15.41
C VAL A 343 1.51 -42.71 -14.26
N ASP A 344 1.98 -43.13 -13.09
CA ASP A 344 2.12 -42.22 -11.96
C ASP A 344 3.45 -42.44 -11.25
N ILE A 345 4.37 -41.48 -11.31
CA ILE A 345 5.68 -41.69 -10.68
C ILE A 345 6.23 -40.49 -9.94
N PRO A 346 6.83 -40.72 -8.74
CA PRO A 346 7.38 -39.56 -8.05
C PRO A 346 8.55 -39.03 -8.86
N ALA A 347 8.46 -37.78 -9.29
CA ALA A 347 9.45 -37.18 -10.17
C ALA A 347 10.62 -36.52 -9.43
N HIS A 348 10.32 -35.84 -8.34
CA HIS A 348 11.28 -35.02 -7.62
C HIS A 348 11.06 -35.18 -6.14
N ASP A 349 12.02 -34.70 -5.35
CA ASP A 349 11.93 -34.72 -3.90
C ASP A 349 11.20 -33.49 -3.36
N THR A 350 10.92 -32.54 -4.24
CA THR A 350 10.03 -31.43 -3.91
C THR A 350 8.97 -31.29 -5.02
N ARG A 351 8.12 -30.26 -4.92
CA ARG A 351 7.02 -30.08 -5.84
C ARG A 351 7.58 -29.97 -7.24
N VAL A 352 6.90 -30.55 -8.24
CA VAL A 352 7.44 -30.41 -9.57
C VAL A 352 6.83 -29.13 -10.12
N LEU A 353 7.56 -28.04 -10.00
CA LEU A 353 6.98 -26.74 -10.29
C LEU A 353 7.08 -26.33 -11.75
N TYR A 354 8.04 -26.91 -12.46
CA TYR A 354 8.33 -26.45 -13.81
C TYR A 354 8.48 -27.62 -14.73
N SER A 355 8.05 -27.46 -15.98
CA SER A 355 8.13 -28.54 -16.95
C SER A 355 8.14 -27.98 -18.36
N ALA A 356 8.72 -28.71 -19.31
CA ALA A 356 8.63 -28.34 -20.72
C ALA A 356 8.86 -29.57 -21.59
N LEU A 357 8.11 -29.68 -22.68
CA LEU A 357 8.21 -30.86 -23.56
C LEU A 357 9.17 -30.60 -24.70
N SER A 358 9.95 -31.60 -25.08
CA SER A 358 10.87 -31.47 -26.21
C SER A 358 10.08 -31.21 -27.50
N PRO A 359 10.68 -30.52 -28.47
CA PRO A 359 9.96 -30.20 -29.71
C PRO A 359 9.56 -31.44 -30.52
N ASP A 360 10.22 -32.57 -30.33
CA ASP A 360 9.78 -33.81 -30.98
C ASP A 360 8.72 -34.57 -30.17
N GLY A 361 8.31 -34.00 -29.03
CA GLY A 361 7.28 -34.59 -28.19
C GLY A 361 7.63 -35.89 -27.46
N ARG A 362 8.88 -36.32 -27.56
CA ARG A 362 9.28 -37.60 -26.96
C ARG A 362 9.80 -37.48 -25.53
N ILE A 363 10.17 -36.29 -25.13
CA ILE A 363 10.84 -36.14 -23.84
C ILE A 363 10.29 -34.97 -23.05
N LEU A 364 9.98 -35.24 -21.79
CA LEU A 364 9.52 -34.19 -20.88
C LEU A 364 10.62 -33.81 -19.89
N SER A 365 10.95 -32.53 -19.83
CA SER A 365 11.85 -32.02 -18.80
C SER A 365 11.03 -31.50 -17.64
N THR A 366 11.46 -31.80 -16.43
CA THR A 366 10.85 -31.24 -15.22
C THR A 366 11.95 -30.63 -14.35
N ALA A 367 11.59 -29.62 -13.57
CA ALA A 367 12.54 -29.02 -12.65
C ALA A 367 11.87 -28.73 -11.32
N ALA A 368 12.66 -28.74 -10.25
CA ALA A 368 12.14 -28.52 -8.92
C ALA A 368 13.24 -27.93 -8.03
N SER A 369 12.90 -27.69 -6.78
CA SER A 369 13.81 -27.05 -5.84
C SER A 369 14.68 -28.09 -5.13
N ASP A 370 14.58 -29.35 -5.57
CA ASP A 370 15.62 -30.32 -5.22
C ASP A 370 16.83 -30.08 -6.11
N GLU A 371 16.72 -29.08 -6.98
CA GLU A 371 17.80 -28.62 -7.85
C GLU A 371 18.24 -29.62 -8.90
N ASN A 372 17.29 -30.43 -9.33
CA ASN A 372 17.49 -31.33 -10.47
C ASN A 372 16.60 -30.92 -11.62
N LEU A 373 17.19 -30.89 -12.81
CA LEU A 373 16.46 -30.74 -14.05
C LEU A 373 16.50 -32.09 -14.72
N LYS A 374 15.36 -32.78 -14.73
CA LYS A 374 15.28 -34.17 -15.13
C LYS A 374 14.58 -34.36 -16.46
N PHE A 375 15.02 -35.36 -17.20
CA PHE A 375 14.51 -35.65 -18.53
C PHE A 375 13.91 -37.05 -18.59
N TRP A 376 12.62 -37.09 -18.88
CA TRP A 376 11.88 -38.35 -18.91
C TRP A 376 11.50 -38.68 -20.34
N ARG A 377 11.68 -39.93 -20.74
CA ARG A 377 11.25 -40.28 -22.07
C ARG A 377 9.80 -40.70 -21.91
N VAL A 378 8.89 -39.89 -22.45
CA VAL A 378 7.46 -40.13 -22.29
C VAL A 378 6.84 -40.90 -23.45
N TYR A 379 7.40 -40.74 -24.64
CA TYR A 379 6.87 -41.44 -25.81
C TYR A 379 7.91 -42.35 -26.45
N ASP A 380 7.52 -43.59 -26.74
CA ASP A 380 8.40 -44.55 -27.35
C ASP A 380 8.81 -45.64 -26.37
N LYS B 13 -33.21 -2.34 11.21
CA LYS B 13 -34.39 -2.65 10.40
C LYS B 13 -34.04 -3.74 9.38
N GLY B 14 -34.03 -3.40 8.09
CA GLY B 14 -33.61 -4.33 7.05
C GLY B 14 -32.18 -4.80 7.29
N SER B 15 -31.31 -3.84 7.62
CA SER B 15 -29.90 -4.12 7.87
C SER B 15 -29.69 -5.05 9.07
N SER B 16 -30.38 -4.80 10.16
CA SER B 16 -30.27 -5.65 11.35
C SER B 16 -30.68 -7.08 11.01
N LYS B 17 -31.72 -7.21 10.20
CA LYS B 17 -32.21 -8.52 9.80
C LYS B 17 -31.14 -9.24 8.97
N LEU B 18 -30.65 -8.53 7.96
CA LEU B 18 -29.64 -9.05 7.06
C LEU B 18 -28.39 -9.50 7.83
N VAL B 19 -27.87 -8.61 8.67
CA VAL B 19 -26.68 -8.88 9.43
C VAL B 19 -26.88 -10.03 10.40
N SER B 20 -28.02 -10.06 11.09
CA SER B 20 -28.29 -11.15 12.02
C SER B 20 -28.27 -12.48 11.28
N GLU B 21 -28.89 -12.50 10.10
CA GLU B 21 -28.90 -13.70 9.27
C GLU B 21 -27.48 -14.12 8.88
N PHE B 22 -26.69 -13.14 8.42
CA PHE B 22 -25.27 -13.40 8.19
C PHE B 22 -24.61 -14.04 9.40
N PHE B 23 -24.81 -13.47 10.59
CA PHE B 23 -24.23 -14.06 11.80
C PHE B 23 -24.65 -15.52 11.92
N GLU B 24 -25.93 -15.81 11.72
CA GLU B 24 -26.38 -17.20 11.81
C GLU B 24 -25.62 -18.13 10.84
N TYR B 25 -25.50 -17.71 9.59
CA TYR B 25 -24.78 -18.52 8.61
C TYR B 25 -23.27 -18.65 8.90
N ALA B 26 -22.67 -17.56 9.36
CA ALA B 26 -21.24 -17.54 9.69
C ALA B 26 -20.97 -18.49 10.85
N VAL B 27 -21.76 -18.37 11.91
CA VAL B 27 -21.63 -19.26 13.03
C VAL B 27 -21.75 -20.72 12.61
N ASN B 28 -22.78 -21.04 11.82
CA ASN B 28 -22.88 -22.41 11.30
C ASN B 28 -21.61 -22.83 10.56
N SER B 29 -21.10 -21.92 9.72
CA SER B 29 -19.95 -22.22 8.87
C SER B 29 -18.73 -22.56 9.71
N ILE B 30 -18.48 -21.73 10.71
CA ILE B 30 -17.32 -21.90 11.57
C ILE B 30 -17.44 -23.22 12.30
N LEU B 31 -18.65 -23.53 12.78
CA LEU B 31 -18.90 -24.76 13.52
C LEU B 31 -18.59 -25.98 12.65
N PHE B 32 -18.97 -25.90 11.38
CA PHE B 32 -18.72 -27.00 10.46
C PHE B 32 -17.24 -27.11 10.11
N GLN B 33 -16.63 -26.01 9.69
CA GLN B 33 -15.26 -26.00 9.19
C GLN B 33 -14.20 -26.31 10.25
N ARG B 34 -14.45 -25.87 11.48
CA ARG B 34 -13.53 -26.11 12.57
C ARG B 34 -13.84 -27.45 13.24
N GLY B 35 -14.85 -28.15 12.73
CA GLY B 35 -15.15 -29.50 13.18
C GLY B 35 -15.72 -29.59 14.58
N ILE B 36 -16.41 -28.54 15.02
CA ILE B 36 -17.05 -28.53 16.34
C ILE B 36 -18.14 -29.61 16.42
N TYR B 37 -18.90 -29.79 15.35
CA TYR B 37 -19.80 -30.93 15.21
C TYR B 37 -19.46 -31.63 13.91
N PRO B 38 -19.69 -32.96 13.84
CA PRO B 38 -19.38 -33.75 12.65
C PRO B 38 -20.15 -33.32 11.41
N ALA B 39 -19.58 -33.58 10.23
CA ALA B 39 -20.19 -33.17 8.95
C ALA B 39 -21.64 -33.62 8.79
N GLU B 40 -21.96 -34.82 9.25
CA GLU B 40 -23.30 -35.35 9.10
C GLU B 40 -24.35 -34.52 9.86
N ASP B 41 -23.91 -33.69 10.79
CA ASP B 41 -24.85 -32.86 11.55
C ASP B 41 -25.20 -31.56 10.83
N PHE B 42 -24.69 -31.43 9.61
CA PHE B 42 -25.01 -30.29 8.77
C PHE B 42 -25.58 -30.73 7.42
N LYS B 43 -26.21 -29.79 6.73
CA LYS B 43 -26.64 -30.02 5.36
C LYS B 43 -26.31 -28.81 4.51
N VAL B 44 -26.36 -29.00 3.19
CA VAL B 44 -26.07 -27.95 2.24
C VAL B 44 -27.34 -27.17 1.90
N VAL B 45 -27.27 -25.84 2.02
CA VAL B 45 -28.31 -24.97 1.49
C VAL B 45 -27.68 -23.83 0.70
N ARG B 46 -28.35 -23.40 -0.36
CA ARG B 46 -27.83 -22.34 -1.21
C ARG B 46 -28.08 -20.97 -0.59
N LYS B 47 -27.02 -20.21 -0.36
CA LYS B 47 -27.16 -18.86 0.14
C LYS B 47 -25.96 -18.04 -0.32
N TYR B 48 -26.18 -16.76 -0.61
CA TYR B 48 -25.12 -15.88 -1.09
C TYR B 48 -24.39 -16.45 -2.31
N GLY B 49 -25.08 -17.28 -3.09
CA GLY B 49 -24.48 -17.87 -4.27
C GLY B 49 -23.43 -18.93 -3.92
N LEU B 50 -23.52 -19.45 -2.70
CA LEU B 50 -22.59 -20.48 -2.25
C LEU B 50 -23.33 -21.70 -1.70
N ASN B 51 -22.61 -22.80 -1.53
CA ASN B 51 -23.16 -23.93 -0.81
C ASN B 51 -22.78 -23.79 0.65
N MET B 52 -23.76 -23.44 1.47
CA MET B 52 -23.54 -23.15 2.88
C MET B 52 -23.89 -24.38 3.68
N LEU B 53 -23.12 -24.64 4.73
CA LEU B 53 -23.40 -25.75 5.63
C LEU B 53 -24.18 -25.21 6.81
N VAL B 54 -25.28 -25.88 7.15
CA VAL B 54 -26.17 -25.42 8.20
C VAL B 54 -26.64 -26.60 9.05
N SER B 55 -26.65 -26.41 10.36
CA SER B 55 -26.97 -27.51 11.27
C SER B 55 -28.37 -28.09 11.04
N VAL B 56 -28.46 -29.41 10.98
CA VAL B 56 -29.74 -30.10 10.97
C VAL B 56 -30.10 -30.63 12.36
N ASP B 57 -29.26 -30.34 13.34
CA ASP B 57 -29.47 -30.82 14.70
C ASP B 57 -30.40 -29.89 15.49
N GLU B 58 -31.51 -30.43 15.99
CA GLU B 58 -32.49 -29.61 16.70
C GLU B 58 -31.93 -28.85 17.90
N GLU B 59 -31.16 -29.53 18.74
CA GLU B 59 -30.50 -28.89 19.87
C GLU B 59 -29.61 -27.71 19.44
N VAL B 60 -28.74 -27.96 18.48
CA VAL B 60 -27.78 -26.95 18.02
C VAL B 60 -28.53 -25.81 17.36
N LYS B 61 -29.52 -26.17 16.55
CA LYS B 61 -30.36 -25.20 15.86
C LYS B 61 -31.02 -24.27 16.87
N THR B 62 -31.55 -24.83 17.95
CA THR B 62 -32.21 -24.05 18.99
C THR B 62 -31.23 -23.13 19.74
N TYR B 63 -30.05 -23.65 20.09
CA TYR B 63 -29.00 -22.87 20.74
C TYR B 63 -28.66 -21.65 19.89
N ILE B 64 -28.33 -21.92 18.63
CA ILE B 64 -27.99 -20.86 17.71
C ILE B 64 -29.15 -19.88 17.55
N ARG B 65 -30.37 -20.39 17.45
CA ARG B 65 -31.55 -19.56 17.26
C ARG B 65 -31.72 -18.58 18.42
N LYS B 66 -31.63 -19.08 19.66
CA LYS B 66 -31.74 -18.20 20.82
C LYS B 66 -30.70 -17.09 20.70
N ILE B 67 -29.47 -17.50 20.41
CA ILE B 67 -28.39 -16.51 20.34
C ILE B 67 -28.71 -15.44 19.29
N VAL B 68 -29.05 -15.88 18.09
CA VAL B 68 -29.22 -15.00 16.95
C VAL B 68 -30.41 -14.07 17.16
N SER B 69 -31.46 -14.57 17.79
CA SER B 69 -32.60 -13.74 18.11
C SER B 69 -32.16 -12.59 19.03
N GLN B 70 -31.35 -12.90 20.04
CA GLN B 70 -30.88 -11.79 20.88
C GLN B 70 -29.97 -10.80 20.12
N LEU B 71 -29.11 -11.34 19.26
CA LEU B 71 -28.24 -10.52 18.44
C LEU B 71 -29.06 -9.58 17.55
N HIS B 72 -30.19 -10.09 17.05
CA HIS B 72 -31.07 -9.33 16.19
C HIS B 72 -31.67 -8.18 16.99
N LYS B 73 -32.10 -8.47 18.22
CA LYS B 73 -32.59 -7.39 19.08
C LYS B 73 -31.53 -6.31 19.30
N TRP B 74 -30.29 -6.72 19.59
CA TRP B 74 -29.22 -5.76 19.84
C TRP B 74 -28.82 -4.96 18.59
N MET B 75 -28.91 -5.59 17.43
CA MET B 75 -28.63 -4.91 16.17
C MET B 75 -29.69 -3.83 15.96
N PHE B 76 -30.95 -4.23 16.09
CA PHE B 76 -32.05 -3.30 15.94
C PHE B 76 -31.91 -2.08 16.86
N ALA B 77 -31.45 -2.31 18.09
CA ALA B 77 -31.31 -1.21 19.05
C ALA B 77 -29.94 -0.53 18.96
N LYS B 78 -29.09 -1.03 18.07
CA LYS B 78 -27.77 -0.44 17.87
C LYS B 78 -26.85 -0.60 19.08
N LYS B 79 -27.08 -1.65 19.86
CA LYS B 79 -26.32 -1.86 21.08
C LYS B 79 -25.06 -2.74 20.94
N ILE B 80 -24.94 -3.44 19.81
CA ILE B 80 -23.90 -4.45 19.70
C ILE B 80 -22.67 -4.00 18.90
N GLN B 81 -21.54 -3.95 19.57
CA GLN B 81 -20.26 -3.58 18.97
C GLN B 81 -19.49 -4.75 18.31
N LYS B 82 -19.53 -5.92 18.92
CA LYS B 82 -18.82 -7.10 18.40
C LYS B 82 -19.54 -8.40 18.74
N LEU B 83 -19.36 -9.39 17.87
CA LEU B 83 -19.75 -10.76 18.18
C LEU B 83 -18.49 -11.60 18.19
N ILE B 84 -18.33 -12.39 19.24
CA ILE B 84 -17.14 -13.21 19.42
C ILE B 84 -17.53 -14.68 19.50
N LEU B 85 -16.80 -15.52 18.79
CA LEU B 85 -16.92 -16.96 18.96
C LEU B 85 -15.56 -17.54 19.35
N VAL B 86 -15.49 -18.08 20.56
CA VAL B 86 -14.26 -18.72 20.98
C VAL B 86 -14.38 -20.24 21.00
N ILE B 87 -13.30 -20.88 20.55
CA ILE B 87 -13.23 -22.33 20.48
C ILE B 87 -12.24 -22.83 21.54
N THR B 88 -12.62 -23.89 22.23
CA THR B 88 -11.90 -24.31 23.43
C THR B 88 -11.80 -25.82 23.51
N SER B 89 -10.61 -26.32 23.83
CA SER B 89 -10.40 -27.75 23.97
C SER B 89 -11.18 -28.24 25.18
N LYS B 90 -11.91 -29.34 25.01
CA LYS B 90 -12.58 -29.97 26.15
C LYS B 90 -11.56 -30.76 26.97
N CYS B 91 -10.44 -31.11 26.34
CA CYS B 91 -9.38 -31.83 27.04
C CYS B 91 -8.64 -30.94 28.05
N SER B 92 -8.08 -29.83 27.55
CA SER B 92 -7.30 -28.93 28.39
C SER B 92 -8.09 -27.74 28.96
N GLY B 93 -9.29 -27.52 28.43
CA GLY B 93 -10.11 -26.39 28.86
C GLY B 93 -9.61 -25.02 28.42
N GLU B 94 -8.65 -25.00 27.50
CA GLU B 94 -8.08 -23.72 27.07
C GLU B 94 -8.52 -23.27 25.68
N ASP B 95 -8.59 -21.95 25.50
CA ASP B 95 -9.05 -21.36 24.25
C ASP B 95 -7.99 -21.42 23.16
N LEU B 96 -8.31 -22.11 22.08
CA LEU B 96 -7.38 -22.28 20.97
C LEU B 96 -7.59 -21.32 19.82
N GLU B 97 -8.78 -20.71 19.75
CA GLU B 97 -9.16 -19.95 18.59
C GLU B 97 -10.25 -18.94 18.97
N ARG B 98 -10.20 -17.75 18.37
CA ARG B 98 -11.16 -16.71 18.69
C ARG B 98 -11.59 -15.95 17.42
N TRP B 99 -12.86 -16.04 17.07
CA TRP B 99 -13.39 -15.34 15.88
C TRP B 99 -14.12 -14.11 16.35
N GLN B 100 -13.78 -12.98 15.76
CA GLN B 100 -14.32 -11.72 16.22
C GLN B 100 -14.93 -10.97 15.05
N PHE B 101 -16.25 -10.76 15.10
CA PHE B 101 -16.93 -9.95 14.09
C PHE B 101 -17.16 -8.55 14.64
N ASN B 102 -16.56 -7.57 13.97
CA ASN B 102 -16.71 -6.18 14.34
C ASN B 102 -17.88 -5.52 13.60
N VAL B 103 -18.73 -4.88 14.39
CA VAL B 103 -19.87 -4.11 13.90
C VAL B 103 -19.61 -2.62 14.06
N GLU B 104 -19.57 -1.90 12.95
CA GLU B 104 -19.39 -0.45 13.01
C GLU B 104 -20.52 0.24 12.27
N MET B 105 -20.92 1.41 12.75
CA MET B 105 -21.88 2.22 12.01
C MET B 105 -21.15 2.92 10.88
N VAL B 106 -21.66 2.77 9.66
CA VAL B 106 -21.08 3.46 8.51
C VAL B 106 -21.01 4.97 8.79
N ASP B 107 -19.85 5.55 8.49
CA ASP B 107 -19.57 6.95 8.80
C ASP B 107 -20.44 7.93 8.01
N ASN B 117 -30.34 1.18 -2.34
CA ASN B 117 -31.21 0.90 -3.48
C ASN B 117 -31.18 -0.58 -3.89
N LYS B 118 -31.98 -0.94 -4.89
CA LYS B 118 -32.03 -2.32 -5.38
C LYS B 118 -30.63 -2.87 -5.66
N GLU B 119 -29.80 -2.05 -6.32
CA GLU B 119 -28.44 -2.48 -6.64
C GLU B 119 -27.62 -2.72 -5.37
N ASP B 120 -27.83 -1.89 -4.35
CA ASP B 120 -27.13 -2.05 -3.08
C ASP B 120 -27.36 -3.43 -2.45
N GLU B 121 -28.58 -3.95 -2.52
CA GLU B 121 -28.86 -5.29 -2.01
C GLU B 121 -27.97 -6.33 -2.69
N LEU B 122 -27.86 -6.23 -4.01
CA LEU B 122 -27.00 -7.12 -4.79
C LEU B 122 -25.52 -6.98 -4.39
N ARG B 123 -25.02 -5.75 -4.35
CA ARG B 123 -23.65 -5.51 -3.93
C ARG B 123 -23.36 -6.13 -2.56
N VAL B 124 -24.22 -5.86 -1.59
CA VAL B 124 -24.05 -6.45 -0.27
C VAL B 124 -23.98 -7.97 -0.38
N GLN B 125 -24.85 -8.57 -1.19
CA GLN B 125 -24.81 -10.03 -1.38
C GLN B 125 -23.43 -10.50 -1.89
N LYS B 126 -22.89 -9.80 -2.88
CA LYS B 126 -21.55 -10.14 -3.38
C LYS B 126 -20.44 -10.00 -2.31
N GLU B 127 -20.45 -8.89 -1.57
CA GLU B 127 -19.47 -8.66 -0.52
C GLU B 127 -19.53 -9.73 0.56
N ILE B 128 -20.75 -10.10 0.92
CA ILE B 128 -20.92 -11.14 1.92
C ILE B 128 -20.34 -12.43 1.37
N GLN B 129 -20.65 -12.73 0.11
CA GLN B 129 -20.11 -13.92 -0.54
C GLN B 129 -18.59 -13.97 -0.39
N ALA B 130 -17.93 -12.86 -0.72
CA ALA B 130 -16.48 -12.79 -0.64
C ALA B 130 -15.96 -13.02 0.80
N LEU B 131 -16.62 -12.41 1.78
CA LEU B 131 -16.20 -12.65 3.17
C LEU B 131 -16.36 -14.12 3.57
N ILE B 132 -17.48 -14.73 3.20
CA ILE B 132 -17.69 -16.13 3.52
C ILE B 132 -16.62 -17.01 2.86
N ALA B 133 -16.30 -16.71 1.61
CA ALA B 133 -15.23 -17.44 0.93
C ALA B 133 -13.91 -17.32 1.70
N GLN B 134 -13.58 -16.14 2.21
CA GLN B 134 -12.35 -16.01 3.00
C GLN B 134 -12.41 -16.81 4.31
N ILE B 135 -13.57 -16.78 4.95
CA ILE B 135 -13.74 -17.58 6.16
C ILE B 135 -13.40 -19.02 5.85
N THR B 136 -13.92 -19.53 4.74
CA THR B 136 -13.60 -20.88 4.29
C THR B 136 -12.11 -21.07 3.94
N ALA B 137 -11.50 -20.07 3.33
CA ALA B 137 -10.09 -20.15 2.93
C ALA B 137 -9.13 -20.12 4.13
N THR B 138 -9.63 -19.80 5.32
CA THR B 138 -8.75 -19.85 6.49
C THR B 138 -8.26 -21.28 6.76
N VAL B 139 -8.87 -22.27 6.09
CA VAL B 139 -8.48 -23.66 6.27
C VAL B 139 -7.05 -23.88 5.78
N THR B 140 -6.56 -22.97 4.95
CA THR B 140 -5.22 -23.16 4.42
C THR B 140 -4.11 -22.98 5.46
N PHE B 141 -4.26 -22.00 6.36
CA PHE B 141 -3.30 -21.81 7.44
C PHE B 141 -3.67 -22.19 8.90
N LEU B 142 -4.94 -22.48 9.18
CA LEU B 142 -5.36 -22.72 10.56
C LEU B 142 -4.93 -24.10 11.05
N PRO B 143 -4.36 -24.15 12.25
CA PRO B 143 -3.92 -25.46 12.76
C PRO B 143 -5.11 -26.38 12.85
N GLN B 144 -4.90 -27.67 12.55
CA GLN B 144 -5.95 -28.64 12.75
C GLN B 144 -6.22 -28.74 14.25
N LEU B 145 -7.48 -28.81 14.60
CA LEU B 145 -7.86 -29.02 15.99
C LEU B 145 -7.94 -30.53 16.15
N GLU B 146 -7.02 -31.09 16.93
CA GLU B 146 -6.89 -32.54 17.02
C GLU B 146 -7.62 -33.10 18.22
N GLU B 147 -8.18 -32.22 19.03
CA GLU B 147 -8.96 -32.60 20.19
C GLU B 147 -10.38 -32.08 20.00
N GLN B 148 -11.34 -32.80 20.56
CA GLN B 148 -12.71 -32.33 20.55
C GLN B 148 -12.74 -30.99 21.26
N CYS B 149 -13.35 -30.01 20.62
CA CYS B 149 -13.47 -28.68 21.20
C CYS B 149 -14.94 -28.34 21.37
N THR B 150 -15.21 -27.41 22.27
CA THR B 150 -16.52 -26.83 22.39
C THR B 150 -16.38 -25.37 22.03
N PHE B 151 -17.46 -24.60 22.16
CA PHE B 151 -17.37 -23.19 21.82
C PHE B 151 -18.29 -22.36 22.68
N ASN B 152 -17.96 -21.07 22.76
CA ASN B 152 -18.75 -20.11 23.52
C ASN B 152 -18.92 -18.89 22.65
N VAL B 153 -20.00 -18.15 22.87
CA VAL B 153 -20.14 -16.88 22.16
C VAL B 153 -20.29 -15.69 23.09
N LEU B 154 -19.57 -14.63 22.73
CA LEU B 154 -19.55 -13.40 23.51
C LEU B 154 -19.99 -12.26 22.59
N VAL B 155 -20.49 -11.19 23.19
CA VAL B 155 -20.67 -9.94 22.46
C VAL B 155 -20.09 -8.79 23.27
N TYR B 156 -19.52 -7.81 22.59
CA TYR B 156 -19.21 -6.54 23.22
C TYR B 156 -20.43 -5.66 22.99
N ALA B 157 -20.95 -5.06 24.05
CA ALA B 157 -22.15 -4.23 23.93
C ALA B 157 -21.99 -2.88 24.61
N ASP B 158 -22.88 -1.95 24.28
CA ASP B 158 -22.94 -0.67 24.98
C ASP B 158 -23.31 -0.93 26.43
N LYS B 159 -22.77 -0.11 27.33
CA LYS B 159 -23.02 -0.23 28.75
C LYS B 159 -24.51 -0.21 29.10
N ASP B 160 -25.29 0.54 28.34
CA ASP B 160 -26.71 0.74 28.65
C ASP B 160 -27.61 -0.31 27.99
N SER B 161 -26.98 -1.30 27.36
CA SER B 161 -27.74 -2.37 26.70
C SER B 161 -28.62 -3.14 27.67
N GLU B 162 -29.73 -3.64 27.17
CA GLU B 162 -30.59 -4.54 27.94
C GLU B 162 -30.00 -5.94 27.86
N VAL B 163 -29.80 -6.58 29.02
CA VAL B 163 -29.27 -7.93 29.04
C VAL B 163 -30.26 -8.93 29.64
N PRO B 164 -30.76 -9.86 28.81
CA PRO B 164 -31.66 -10.95 29.20
C PRO B 164 -30.95 -11.91 30.13
N THR B 165 -31.72 -12.72 30.86
CA THR B 165 -31.13 -13.63 31.85
C THR B 165 -30.09 -14.58 31.26
N ASP B 166 -30.26 -14.93 29.99
CA ASP B 166 -29.39 -15.92 29.35
C ASP B 166 -28.01 -15.38 29.00
N TRP B 167 -27.82 -14.08 29.14
CA TRP B 167 -26.53 -13.48 28.91
C TRP B 167 -25.98 -12.92 30.20
N VAL B 168 -24.67 -12.98 30.35
CA VAL B 168 -24.07 -12.66 31.62
C VAL B 168 -22.66 -12.09 31.45
N ASP B 169 -22.18 -11.38 32.46
CA ASP B 169 -20.88 -10.76 32.37
C ASP B 169 -19.76 -11.80 32.16
N SER B 170 -18.73 -11.39 31.41
CA SER B 170 -17.64 -12.28 31.05
C SER B 170 -16.43 -11.42 30.75
N ASP B 171 -15.23 -11.98 30.92
CA ASP B 171 -14.06 -11.29 30.41
C ASP B 171 -13.98 -11.62 28.92
N PRO B 172 -13.22 -10.83 28.16
CA PRO B 172 -13.17 -10.91 26.70
C PRO B 172 -12.52 -12.19 26.16
N ARG B 173 -11.85 -12.94 27.02
CA ARG B 173 -11.20 -14.19 26.63
C ARG B 173 -10.26 -14.02 25.43
N ILE B 174 -9.53 -12.91 25.46
CA ILE B 174 -8.50 -12.61 24.48
C ILE B 174 -7.40 -13.66 24.50
N LEU B 175 -6.97 -14.10 23.32
CA LEU B 175 -5.93 -15.14 23.25
C LEU B 175 -4.55 -14.60 23.59
N ARG B 176 -3.77 -15.40 24.30
CA ARG B 176 -2.38 -15.06 24.56
C ARG B 176 -1.48 -15.64 23.48
N ASP B 177 -0.48 -14.86 23.07
CA ASP B 177 0.51 -15.35 22.12
C ASP B 177 -0.18 -15.95 20.90
N ALA B 178 -1.06 -15.15 20.30
CA ALA B 178 -1.86 -15.61 19.18
C ALA B 178 -1.45 -14.93 17.89
N GLU B 179 -1.56 -15.67 16.79
CA GLU B 179 -1.50 -15.10 15.46
C GLU B 179 -2.87 -14.52 15.20
N GLN B 180 -2.92 -13.46 14.40
CA GLN B 180 -4.19 -12.83 14.08
C GLN B 180 -4.25 -12.38 12.63
N VAL B 181 -5.41 -12.63 12.02
CA VAL B 181 -5.62 -12.32 10.62
C VAL B 181 -6.87 -11.46 10.45
N GLN B 182 -6.74 -10.41 9.65
CA GLN B 182 -7.88 -9.57 9.30
C GLN B 182 -8.55 -10.05 8.00
N LEU B 183 -9.84 -10.34 8.08
CA LEU B 183 -10.59 -10.69 6.88
C LEU B 183 -11.32 -9.47 6.31
N ARG B 184 -11.97 -9.66 5.17
CA ARG B 184 -12.67 -8.57 4.48
C ARG B 184 -13.92 -8.15 5.21
N SER B 185 -14.58 -7.12 4.71
CA SER B 185 -15.80 -6.61 5.32
C SER B 185 -16.90 -6.52 4.28
N PHE B 186 -18.14 -6.34 4.73
CA PHE B 186 -19.22 -5.92 3.85
C PHE B 186 -19.96 -4.78 4.53
N SER B 187 -20.58 -3.91 3.74
CA SER B 187 -21.31 -2.77 4.27
C SER B 187 -22.74 -2.73 3.76
N THR B 188 -23.69 -2.48 4.66
CA THR B 188 -25.03 -2.10 4.25
C THR B 188 -25.08 -0.58 4.31
N SER B 189 -26.26 0.00 4.09
CA SER B 189 -26.40 1.44 4.23
C SER B 189 -26.29 1.83 5.70
N MET B 190 -26.42 0.83 6.57
CA MET B 190 -26.44 1.01 8.02
C MET B 190 -25.13 0.53 8.67
N HIS B 191 -24.80 -0.74 8.44
CA HIS B 191 -23.66 -1.36 9.14
C HIS B 191 -22.49 -1.78 8.24
N LYS B 192 -21.28 -1.69 8.81
CA LYS B 192 -20.09 -2.27 8.24
C LYS B 192 -19.62 -3.40 9.16
N ILE B 193 -19.52 -4.60 8.59
CA ILE B 193 -19.24 -5.80 9.33
C ILE B 193 -17.94 -6.38 8.81
N ASP B 194 -17.00 -6.65 9.70
CA ASP B 194 -15.78 -7.35 9.29
C ASP B 194 -15.45 -8.47 10.26
N CYS B 195 -14.51 -9.33 9.87
CA CYS B 195 -14.14 -10.50 10.66
C CYS B 195 -12.62 -10.57 10.89
N GLN B 196 -12.23 -10.91 12.09
CA GLN B 196 -10.84 -11.14 12.42
C GLN B 196 -10.76 -12.51 13.08
N VAL B 197 -9.70 -13.25 12.83
CA VAL B 197 -9.54 -14.50 13.55
C VAL B 197 -8.18 -14.56 14.26
N ALA B 198 -8.19 -14.97 15.53
CA ALA B 198 -6.97 -15.17 16.30
C ALA B 198 -6.84 -16.66 16.59
N TYR B 199 -5.62 -17.17 16.55
CA TYR B 199 -5.44 -18.60 16.80
C TYR B 199 -4.06 -18.84 17.35
N ARG B 200 -3.86 -20.00 17.97
CA ARG B 200 -2.56 -20.34 18.50
C ARG B 200 -1.92 -21.43 17.65
N VAL B 201 -0.72 -21.15 17.14
CA VAL B 201 0.03 -22.17 16.39
C VAL B 201 0.81 -23.07 17.35
N ASN C 9 0.33 -5.28 13.05
CA ASN C 9 0.11 -6.39 13.97
C ASN C 9 -1.03 -7.31 13.51
N TRP C 10 -1.76 -6.85 12.49
CA TRP C 10 -2.83 -7.64 11.91
C TRP C 10 -2.57 -7.94 10.44
N VAL C 11 -2.36 -9.21 10.14
CA VAL C 11 -2.10 -9.61 8.77
C VAL C 11 -3.40 -9.76 7.99
N HIS C 12 -3.50 -9.06 6.87
CA HIS C 12 -4.70 -9.15 6.05
C HIS C 12 -4.71 -10.42 5.21
N MET C 13 -5.89 -11.00 5.08
CA MET C 13 -6.08 -12.20 4.30
C MET C 13 -5.77 -11.99 2.80
N ASP C 14 -5.99 -10.78 2.29
CA ASP C 14 -5.65 -10.52 0.88
C ASP C 14 -4.17 -10.84 0.66
N VAL C 15 -3.35 -10.37 1.60
CA VAL C 15 -1.92 -10.60 1.53
C VAL C 15 -1.59 -12.09 1.58
N ILE C 16 -2.29 -12.84 2.42
CA ILE C 16 -2.02 -14.28 2.51
C ILE C 16 -2.41 -14.99 1.21
N GLU C 17 -3.55 -14.57 0.65
CA GLU C 17 -4.09 -15.13 -0.56
C GLU C 17 -3.07 -14.96 -1.68
N GLN C 18 -2.38 -13.82 -1.73
CA GLN C 18 -1.35 -13.66 -2.77
C GLN C 18 -0.35 -14.81 -2.83
N SER C 19 -0.05 -15.40 -1.67
CA SER C 19 0.90 -16.51 -1.56
C SER C 19 0.30 -17.90 -1.42
N LYS C 20 -1.03 -18.00 -1.45
CA LYS C 20 -1.69 -19.25 -1.07
C LYS C 20 -1.14 -20.54 -1.71
N GLU C 21 -0.65 -20.48 -2.95
CA GLU C 21 -0.20 -21.71 -3.59
C GLU C 21 1.21 -22.16 -3.15
N ASN C 22 1.87 -21.38 -2.29
CA ASN C 22 3.14 -21.80 -1.68
C ASN C 22 2.98 -22.34 -0.25
N ILE C 23 1.75 -22.37 0.22
CA ILE C 23 1.51 -22.78 1.61
C ILE C 23 1.29 -24.29 1.67
N GLU C 24 2.26 -25.00 2.25
CA GLU C 24 2.15 -26.45 2.44
C GLU C 24 1.04 -26.78 3.43
N PRO C 25 0.11 -27.69 3.06
CA PRO C 25 -0.87 -28.10 4.07
C PRO C 25 -0.16 -28.74 5.26
N ARG C 26 -0.42 -28.24 6.46
CA ARG C 26 0.24 -28.76 7.66
C ARG C 26 -0.77 -28.88 8.80
N LYS C 27 -0.74 -29.99 9.51
CA LYS C 27 -1.58 -30.18 10.67
C LYS C 27 -1.46 -29.01 11.65
N ALA C 28 -0.24 -28.51 11.85
CA ALA C 28 -0.01 -27.48 12.85
C ALA C 28 -0.36 -26.07 12.34
N GLY C 29 -0.67 -25.97 11.06
CA GLY C 29 -0.99 -24.67 10.51
C GLY C 29 0.23 -23.80 10.30
N HIS C 30 -0.01 -22.52 10.03
CA HIS C 30 1.06 -21.58 9.70
C HIS C 30 0.91 -20.31 10.51
N SER C 31 2.05 -19.67 10.80
CA SER C 31 2.05 -18.36 11.41
C SER C 31 1.63 -17.28 10.42
N ALA C 32 0.74 -16.40 10.86
CA ALA C 32 0.24 -15.31 10.03
C ALA C 32 1.37 -14.38 9.57
N SER C 33 2.18 -13.91 10.51
CA SER C 33 3.28 -13.03 10.17
C SER C 33 4.24 -13.69 9.18
N ALA C 34 4.47 -14.98 9.37
CA ALA C 34 5.30 -15.73 8.43
C ALA C 34 4.71 -15.69 7.02
N LEU C 35 3.39 -15.80 6.92
CA LEU C 35 2.74 -15.76 5.62
C LEU C 35 2.85 -14.37 5.00
N ALA C 36 2.75 -13.34 5.85
CA ALA C 36 2.94 -11.96 5.41
C ALA C 36 4.32 -11.79 4.78
N LYS C 37 5.34 -12.31 5.46
CA LYS C 37 6.71 -12.27 4.96
C LYS C 37 6.85 -13.06 3.65
N SER C 38 6.18 -14.20 3.53
CA SER C 38 6.22 -15.00 2.31
C SER C 38 5.66 -14.24 1.11
N SER C 39 4.51 -13.61 1.29
CA SER C 39 3.87 -12.86 0.21
C SER C 39 4.71 -11.67 -0.28
N SER C 40 5.57 -11.14 0.59
CA SER C 40 6.40 -10.02 0.20
C SER C 40 7.85 -10.37 -0.23
N ARG C 41 8.18 -11.65 -0.32
CA ARG C 41 9.53 -12.04 -0.73
C ARG C 41 9.90 -11.35 -2.02
N ASN C 42 11.09 -10.74 -2.08
CA ASN C 42 11.58 -10.17 -3.33
C ASN C 42 12.61 -11.03 -4.07
N HIS C 43 12.97 -12.17 -3.48
CA HIS C 43 13.84 -13.14 -4.14
C HIS C 43 15.18 -12.55 -4.58
N THR C 44 15.62 -11.46 -3.94
CA THR C 44 16.93 -10.88 -4.21
C THR C 44 18.08 -11.54 -3.45
N GLU C 45 19.30 -11.43 -3.99
CA GLU C 45 20.49 -11.95 -3.32
C GLU C 45 20.62 -11.46 -1.86
N LYS C 46 20.26 -10.20 -1.63
CA LYS C 46 20.26 -9.61 -0.30
C LYS C 46 19.32 -10.34 0.67
N GLU C 47 18.11 -10.61 0.21
CA GLU C 47 17.11 -11.31 1.01
C GLU C 47 17.63 -12.68 1.43
N VAL C 48 18.20 -13.38 0.45
CA VAL C 48 18.79 -14.69 0.67
C VAL C 48 19.90 -14.59 1.70
N ALA C 49 20.68 -13.51 1.62
CA ALA C 49 21.78 -13.28 2.54
C ALA C 49 21.27 -13.05 3.96
N GLY C 50 20.19 -12.29 4.11
CA GLY C 50 19.57 -12.11 5.40
C GLY C 50 19.17 -13.44 6.00
N LEU C 51 18.54 -14.29 5.18
CA LEU C 51 18.14 -15.61 5.65
C LEU C 51 19.35 -16.45 6.05
N GLN C 52 20.44 -16.30 5.30
CA GLN C 52 21.67 -17.03 5.58
C GLN C 52 22.28 -16.60 6.91
N LYS C 53 22.21 -15.30 7.18
CA LYS C 53 22.63 -14.75 8.46
C LYS C 53 21.82 -15.35 9.61
N GLU C 54 20.49 -15.29 9.49
CA GLU C 54 19.67 -15.81 10.58
C GLU C 54 19.94 -17.30 10.80
N ARG C 55 20.06 -18.06 9.72
CA ARG C 55 20.41 -19.47 9.84
C ARG C 55 21.72 -19.62 10.62
N MET C 56 22.74 -18.86 10.24
CA MET C 56 24.02 -18.87 10.97
C MET C 56 23.81 -18.67 12.48
N GLY C 57 22.97 -17.68 12.82
CA GLY C 57 22.65 -17.44 14.21
C GLY C 57 22.11 -18.68 14.90
N HIS C 58 21.10 -19.30 14.29
CA HIS C 58 20.53 -20.52 14.87
C HIS C 58 21.58 -21.62 15.05
N GLU C 59 22.48 -21.75 14.08
CA GLU C 59 23.51 -22.79 14.13
C GLU C 59 24.49 -22.55 15.28
N ARG C 60 24.83 -21.28 15.49
CA ARG C 60 25.62 -20.90 16.65
C ARG C 60 24.90 -21.22 17.95
N LYS C 61 23.59 -21.00 17.98
CA LYS C 61 22.85 -21.34 19.20
C LYS C 61 22.92 -22.84 19.47
N ILE C 62 22.85 -23.64 18.40
CA ILE C 62 22.99 -25.07 18.56
C ILE C 62 24.39 -25.41 19.09
N GLU C 63 25.39 -24.67 18.62
CA GLU C 63 26.76 -24.85 19.13
C GLU C 63 26.83 -24.75 20.65
N THR C 64 26.30 -23.65 21.19
CA THR C 64 26.37 -23.37 22.63
C THR C 64 25.23 -24.01 23.43
N SER C 65 24.37 -24.76 22.77
CA SER C 65 23.13 -25.27 23.40
C SER C 65 23.33 -26.15 24.64
N GLU C 66 24.48 -26.80 24.73
CA GLU C 66 24.77 -27.71 25.83
C GLU C 66 24.69 -27.03 27.18
N SER C 67 25.13 -25.78 27.24
CA SER C 67 25.13 -25.02 28.49
C SER C 67 23.71 -24.86 29.05
N LEU C 68 22.75 -24.67 28.16
CA LEU C 68 21.36 -24.44 28.55
C LEU C 68 20.67 -25.61 29.24
N ASP C 69 19.77 -25.27 30.16
CA ASP C 69 18.97 -26.27 30.89
C ASP C 69 18.06 -27.06 29.96
N ASP C 70 17.46 -26.37 28.99
CA ASP C 70 16.53 -26.99 28.05
C ASP C 70 16.95 -26.70 26.62
N PRO C 71 17.94 -27.46 26.15
CA PRO C 71 18.57 -27.21 24.84
C PRO C 71 17.64 -27.50 23.67
N LEU C 72 16.63 -28.34 23.89
CA LEU C 72 15.65 -28.65 22.85
C LEU C 72 15.02 -27.35 22.36
N GLN C 73 14.82 -26.41 23.28
CA GLN C 73 14.21 -25.13 22.93
C GLN C 73 14.93 -24.54 21.73
N VAL C 74 16.25 -24.58 21.75
CA VAL C 74 17.05 -23.99 20.67
C VAL C 74 16.69 -24.59 19.32
N TRP C 75 16.51 -25.91 19.28
CA TRP C 75 16.09 -26.60 18.07
C TRP C 75 14.67 -26.19 17.68
N ILE C 76 13.79 -26.10 18.67
CA ILE C 76 12.41 -25.75 18.37
C ILE C 76 12.39 -24.43 17.64
N ASP C 77 13.04 -23.43 18.24
CA ASP C 77 13.12 -22.11 17.63
C ASP C 77 13.66 -22.18 16.20
N TYR C 78 14.65 -23.05 16.00
CA TYR C 78 15.31 -23.18 14.72
C TYR C 78 14.34 -23.84 13.75
N ILE C 79 13.67 -24.89 14.22
CA ILE C 79 12.73 -25.64 13.37
C ILE C 79 11.60 -24.70 12.97
N LYS C 80 11.08 -23.96 13.96
CA LYS C 80 10.05 -22.97 13.70
C LYS C 80 10.52 -21.98 12.66
N TRP C 81 11.76 -21.52 12.81
CA TRP C 81 12.28 -20.51 11.89
C TRP C 81 12.24 -21.07 10.47
N THR C 82 12.48 -22.37 10.35
CA THR C 82 12.52 -22.96 9.03
C THR C 82 11.07 -23.02 8.53
N LEU C 83 10.18 -23.54 9.37
CA LEU C 83 8.79 -23.70 8.99
C LEU C 83 8.21 -22.34 8.61
N ASP C 84 8.60 -21.32 9.37
CA ASP C 84 8.10 -19.97 9.16
C ASP C 84 8.65 -19.37 7.88
N ASN C 85 9.93 -19.62 7.60
CA ASN C 85 10.54 -18.94 6.45
C ASN C 85 10.38 -19.66 5.13
N PHE C 86 10.00 -20.93 5.20
CA PHE C 86 9.79 -21.75 4.02
C PHE C 86 8.42 -22.41 4.12
N PRO C 87 7.36 -21.64 3.87
CA PRO C 87 5.97 -22.14 3.99
C PRO C 87 5.70 -23.36 3.10
N GLN C 88 6.55 -23.61 2.11
CA GLN C 88 6.41 -24.78 1.26
C GLN C 88 7.10 -26.03 1.83
N GLY C 89 7.70 -25.90 3.01
CA GLY C 89 8.40 -27.02 3.63
C GLY C 89 9.74 -27.39 3.02
N GLU C 90 9.91 -28.63 2.61
CA GLU C 90 11.21 -29.11 2.21
C GLU C 90 11.66 -28.59 0.84
N THR C 91 12.80 -27.89 0.84
CA THR C 91 13.52 -27.54 -0.38
C THR C 91 15.02 -27.68 -0.12
N LYS C 92 15.82 -27.65 -1.17
CA LYS C 92 17.26 -27.74 -0.98
C LYS C 92 17.73 -26.69 0.03
N THR C 93 17.29 -25.45 -0.14
CA THR C 93 17.80 -24.36 0.70
C THR C 93 17.08 -24.31 2.04
N SER C 94 15.93 -24.95 2.15
CA SER C 94 15.22 -24.96 3.42
C SER C 94 15.86 -25.93 4.43
N GLY C 95 16.36 -27.05 3.91
CA GLY C 95 17.00 -28.07 4.73
C GLY C 95 16.11 -28.62 5.84
N LEU C 96 14.80 -28.47 5.69
CA LEU C 96 13.87 -28.89 6.75
C LEU C 96 14.08 -30.32 7.23
N VAL C 97 14.08 -31.27 6.31
CA VAL C 97 14.13 -32.67 6.69
C VAL C 97 15.45 -32.99 7.40
N THR C 98 16.54 -32.41 6.91
CA THR C 98 17.84 -32.61 7.56
C THR C 98 17.84 -32.07 8.98
N LEU C 99 17.32 -30.87 9.17
CA LEU C 99 17.19 -30.29 10.50
C LEU C 99 16.38 -31.22 11.42
N LEU C 100 15.23 -31.69 10.94
CA LEU C 100 14.39 -32.57 11.75
C LEU C 100 15.16 -33.82 12.12
N GLU C 101 16.00 -34.28 11.18
CA GLU C 101 16.79 -35.46 11.42
C GLU C 101 17.85 -35.24 12.50
N ARG C 102 18.56 -34.11 12.41
CA ARG C 102 19.62 -33.81 13.37
C ARG C 102 18.99 -33.67 14.74
N CYS C 103 17.83 -33.01 14.80
CA CYS C 103 17.18 -32.84 16.08
C CYS C 103 16.73 -34.18 16.68
N THR C 104 16.05 -35.02 15.89
CA THR C 104 15.64 -36.32 16.41
C THR C 104 16.85 -37.11 16.89
N ARG C 105 17.93 -37.05 16.13
CA ARG C 105 19.13 -37.81 16.45
C ARG C 105 19.83 -37.29 17.70
N GLU C 106 19.70 -35.99 17.95
CA GLU C 106 20.40 -35.35 19.06
C GLU C 106 19.97 -35.88 20.42
N PHE C 107 18.67 -36.02 20.62
CA PHE C 107 18.12 -36.33 21.94
C PHE C 107 17.76 -37.78 22.24
N VAL C 108 18.08 -38.69 21.32
CA VAL C 108 17.68 -40.09 21.44
C VAL C 108 18.00 -40.75 22.79
N ARG C 109 19.20 -40.53 23.30
CA ARG C 109 19.63 -41.15 24.55
C ARG C 109 19.44 -40.24 25.77
N ASN C 110 18.85 -39.07 25.55
CA ASN C 110 18.67 -38.10 26.64
C ASN C 110 17.41 -38.34 27.47
N PRO C 111 17.60 -38.71 28.75
CA PRO C 111 16.53 -39.01 29.70
C PRO C 111 15.51 -37.88 29.85
N LEU C 112 15.99 -36.64 29.85
CA LEU C 112 15.10 -35.48 30.04
C LEU C 112 13.97 -35.39 29.03
N TYR C 113 14.23 -35.82 27.80
CA TYR C 113 13.23 -35.70 26.74
C TYR C 113 12.44 -36.97 26.39
N LYS C 114 12.70 -38.06 27.12
CA LYS C 114 12.04 -39.33 26.85
C LYS C 114 10.53 -39.16 26.74
N ASP C 115 9.94 -38.50 27.74
CA ASP C 115 8.51 -38.27 27.79
C ASP C 115 8.04 -36.89 27.36
N ASP C 116 8.96 -36.07 26.85
CA ASP C 116 8.63 -34.70 26.47
C ASP C 116 7.90 -34.68 25.13
N VAL C 117 6.67 -34.18 25.13
CA VAL C 117 5.82 -34.24 23.95
C VAL C 117 6.27 -33.35 22.80
N ARG C 118 7.10 -32.35 23.10
CA ARG C 118 7.64 -31.46 22.07
C ARG C 118 8.58 -32.23 21.16
N TYR C 119 9.47 -33.00 21.79
CA TYR C 119 10.43 -33.84 21.11
C TYR C 119 9.70 -34.88 20.27
N LEU C 120 8.71 -35.52 20.88
CA LEU C 120 7.88 -36.49 20.16
C LEU C 120 7.22 -35.86 18.94
N ARG C 121 6.76 -34.61 19.07
CA ARG C 121 6.11 -33.94 17.94
C ARG C 121 7.10 -33.75 16.82
N ILE C 122 8.32 -33.42 17.19
CA ILE C 122 9.38 -33.29 16.20
C ILE C 122 9.60 -34.62 15.47
N TRP C 123 9.60 -35.73 16.23
CA TRP C 123 9.64 -37.06 15.63
C TRP C 123 8.48 -37.27 14.65
N MET C 124 7.28 -36.87 15.04
CA MET C 124 6.10 -37.06 14.17
C MET C 124 6.20 -36.20 12.91
N GLN C 125 6.83 -35.04 12.99
CA GLN C 125 7.04 -34.26 11.79
C GLN C 125 8.06 -34.96 10.90
N TYR C 126 9.04 -35.62 11.51
CA TYR C 126 10.07 -36.28 10.73
C TYR C 126 9.51 -37.48 9.99
N VAL C 127 8.64 -38.23 10.66
CA VAL C 127 8.12 -39.48 10.13
C VAL C 127 7.34 -39.32 8.82
N ASN C 128 6.78 -38.14 8.57
CA ASN C 128 6.11 -37.87 7.31
C ASN C 128 7.02 -38.03 6.09
N TYR C 129 8.32 -37.84 6.30
CA TYR C 129 9.28 -37.92 5.20
C TYR C 129 9.93 -39.31 5.08
N ILE C 130 9.52 -40.24 5.93
CA ILE C 130 10.12 -41.57 5.99
C ILE C 130 9.43 -42.58 5.08
N ASP C 131 10.22 -43.36 4.35
CA ASP C 131 9.69 -44.41 3.47
C ASP C 131 8.98 -45.53 4.23
N GLU C 132 9.62 -46.00 5.30
CA GLU C 132 9.03 -47.08 6.09
C GLU C 132 8.92 -46.65 7.55
N PRO C 133 7.82 -45.98 7.89
CA PRO C 133 7.59 -45.37 9.21
C PRO C 133 7.58 -46.40 10.33
N VAL C 134 7.26 -47.64 10.00
CA VAL C 134 7.12 -48.67 11.01
C VAL C 134 8.44 -48.88 11.72
N GLU C 135 9.53 -48.70 10.98
CA GLU C 135 10.86 -48.81 11.55
C GLU C 135 11.11 -47.70 12.54
N LEU C 136 10.57 -46.52 12.25
CA LEU C 136 10.71 -45.36 13.12
C LEU C 136 9.93 -45.57 14.43
N PHE C 137 8.68 -45.98 14.32
CA PHE C 137 7.88 -46.21 15.52
C PHE C 137 8.53 -47.30 16.37
N SER C 138 8.95 -48.39 15.73
CA SER C 138 9.66 -49.45 16.46
C SER C 138 10.89 -48.89 17.17
N PHE C 139 11.62 -48.02 16.46
CA PHE C 139 12.80 -47.37 17.03
C PHE C 139 12.43 -46.66 18.32
N LEU C 140 11.42 -45.80 18.27
CA LEU C 140 11.01 -45.06 19.45
C LEU C 140 10.62 -45.99 20.60
N ALA C 141 9.81 -47.00 20.30
CA ALA C 141 9.38 -47.94 21.32
C ALA C 141 10.59 -48.59 21.99
N HIS C 142 11.55 -49.01 21.17
CA HIS C 142 12.75 -49.68 21.64
C HIS C 142 13.54 -48.76 22.59
N HIS C 143 13.51 -47.47 22.29
CA HIS C 143 14.21 -46.48 23.11
C HIS C 143 13.34 -45.84 24.17
N HIS C 144 12.10 -46.34 24.30
CA HIS C 144 11.20 -45.86 25.34
C HIS C 144 10.96 -44.37 25.22
N ILE C 145 10.70 -43.93 24.00
CA ILE C 145 10.45 -42.53 23.72
C ILE C 145 8.99 -42.34 23.35
N GLY C 146 8.28 -41.49 24.08
CA GLY C 146 6.90 -41.16 23.77
C GLY C 146 5.90 -42.25 24.13
N GLN C 147 6.37 -43.30 24.79
CA GLN C 147 5.54 -44.46 25.10
C GLN C 147 4.41 -44.15 26.09
N GLU C 148 4.55 -43.03 26.81
CA GLU C 148 3.53 -42.62 27.75
C GLU C 148 2.58 -41.60 27.13
N SER C 149 2.76 -41.34 25.85
CA SER C 149 1.98 -40.30 25.16
C SER C 149 0.97 -40.83 24.15
N SER C 150 -0.23 -40.27 24.17
CA SER C 150 -1.31 -40.68 23.27
C SER C 150 -0.97 -40.43 21.79
N ILE C 151 -0.22 -39.37 21.53
CA ILE C 151 0.15 -39.00 20.16
C ILE C 151 0.97 -40.08 19.46
N PHE C 152 1.86 -40.74 20.20
CA PHE C 152 2.66 -41.81 19.63
C PHE C 152 1.76 -42.92 19.10
N TYR C 153 0.92 -43.44 19.99
CA TYR C 153 -0.05 -44.47 19.64
C TYR C 153 -0.99 -44.05 18.52
N GLU C 154 -1.43 -42.79 18.56
CA GLU C 154 -2.29 -42.25 17.51
C GLU C 154 -1.61 -42.35 16.14
N GLU C 155 -0.37 -41.90 16.07
CA GLU C 155 0.36 -41.91 14.80
C GLU C 155 0.73 -43.33 14.31
N TYR C 156 1.22 -44.17 15.20
CA TYR C 156 1.54 -45.55 14.88
C TYR C 156 0.28 -46.28 14.37
N ALA C 157 -0.77 -46.20 15.19
CA ALA C 157 -2.04 -46.85 14.86
C ALA C 157 -2.56 -46.29 13.55
N ASN C 158 -2.36 -44.99 13.32
CA ASN C 158 -2.84 -44.35 12.10
C ASN C 158 -2.13 -44.89 10.87
N TYR C 159 -0.82 -45.09 10.98
CA TYR C 159 -0.09 -45.69 9.87
C TYR C 159 -0.73 -47.04 9.54
N PHE C 160 -0.90 -47.88 10.57
CA PHE C 160 -1.54 -49.17 10.32
C PHE C 160 -2.95 -49.06 9.72
N GLU C 161 -3.77 -48.17 10.27
CA GLU C 161 -5.14 -48.00 9.79
C GLU C 161 -5.18 -47.52 8.34
N SER C 162 -4.27 -46.61 8.00
CA SER C 162 -4.18 -46.10 6.64
C SER C 162 -3.84 -47.25 5.70
N ARG C 163 -2.99 -48.15 6.19
CA ARG C 163 -2.59 -49.34 5.45
C ARG C 163 -3.74 -50.35 5.39
N GLY C 164 -4.78 -50.12 6.19
CA GLY C 164 -5.90 -51.02 6.28
C GLY C 164 -5.73 -52.14 7.28
N LEU C 165 -4.63 -52.12 8.02
CA LEU C 165 -4.37 -53.13 9.04
C LEU C 165 -5.00 -52.75 10.38
N PHE C 166 -6.30 -52.97 10.51
CA PHE C 166 -7.02 -52.61 11.72
C PHE C 166 -6.60 -53.37 12.98
N GLN C 167 -6.33 -54.66 12.85
CA GLN C 167 -5.92 -55.46 13.99
C GLN C 167 -4.58 -54.97 14.53
N LYS C 168 -3.66 -54.62 13.64
CA LYS C 168 -2.37 -54.11 14.03
C LYS C 168 -2.54 -52.79 14.78
N ALA C 169 -3.45 -51.96 14.30
CA ALA C 169 -3.71 -50.68 14.93
C ALA C 169 -4.25 -50.87 16.34
N ASP C 170 -5.12 -51.85 16.51
CA ASP C 170 -5.71 -52.14 17.81
C ASP C 170 -4.65 -52.57 18.82
N GLU C 171 -3.68 -53.34 18.35
CA GLU C 171 -2.62 -53.81 19.24
C GLU C 171 -1.87 -52.62 19.80
N VAL C 172 -1.63 -51.62 18.94
CA VAL C 172 -0.95 -50.42 19.36
C VAL C 172 -1.76 -49.69 20.42
N TYR C 173 -3.07 -49.63 20.21
CA TYR C 173 -3.97 -48.99 21.16
C TYR C 173 -3.96 -49.72 22.50
N GLN C 174 -3.92 -51.04 22.43
CA GLN C 174 -3.91 -51.85 23.64
C GLN C 174 -2.68 -51.56 24.48
N LYS C 175 -1.54 -51.42 23.80
CA LYS C 175 -0.29 -51.13 24.50
C LYS C 175 -0.41 -49.78 25.20
N GLY C 176 -1.02 -48.83 24.50
CA GLY C 176 -1.21 -47.50 25.06
C GLY C 176 -2.09 -47.54 26.29
N LYS C 177 -3.15 -48.34 26.22
CA LYS C 177 -4.08 -48.45 27.35
C LYS C 177 -3.37 -49.03 28.56
N ARG C 178 -2.57 -50.06 28.33
CA ARG C 178 -1.74 -50.65 29.38
C ARG C 178 -0.73 -49.60 29.82
N MET C 179 -0.23 -48.86 28.84
CA MET C 179 0.70 -47.77 29.06
C MET C 179 0.07 -46.63 29.85
N LYS C 180 -1.25 -46.50 29.75
CA LYS C 180 -1.93 -45.38 30.38
C LYS C 180 -1.41 -44.06 29.83
N ALA C 181 -1.23 -44.02 28.51
CA ALA C 181 -0.72 -42.85 27.83
C ALA C 181 -1.66 -41.66 28.02
N LYS C 182 -1.07 -40.47 28.13
CA LYS C 182 -1.81 -39.27 28.48
C LYS C 182 -1.64 -38.19 27.43
N PRO C 183 -2.60 -37.26 27.40
CA PRO C 183 -3.70 -37.23 28.37
C PRO C 183 -4.71 -38.34 28.09
N PHE C 184 -5.10 -39.08 29.13
CA PHE C 184 -5.90 -40.29 28.97
C PHE C 184 -7.29 -40.05 28.38
N LEU C 185 -7.77 -38.81 28.48
CA LEU C 185 -9.06 -38.46 27.91
C LEU C 185 -8.99 -38.43 26.39
N ARG C 186 -7.98 -37.72 25.88
CA ARG C 186 -7.70 -37.68 24.45
C ARG C 186 -7.51 -39.10 23.93
N PHE C 187 -6.64 -39.86 24.60
CA PHE C 187 -6.38 -41.23 24.20
C PHE C 187 -7.67 -42.05 24.15
N GLN C 188 -8.51 -41.88 25.17
CA GLN C 188 -9.78 -42.60 25.25
C GLN C 188 -10.66 -42.30 24.04
N GLN C 189 -10.83 -41.02 23.73
CA GLN C 189 -11.64 -40.63 22.58
C GLN C 189 -11.06 -41.18 21.28
N LYS C 190 -9.74 -41.11 21.15
CA LYS C 190 -9.06 -41.56 19.93
C LYS C 190 -9.26 -43.06 19.71
N TYR C 191 -9.08 -43.83 20.78
CA TYR C 191 -9.29 -45.27 20.73
C TYR C 191 -10.75 -45.57 20.38
N GLN C 192 -11.67 -44.95 21.10
CA GLN C 192 -13.10 -45.17 20.86
C GLN C 192 -13.43 -44.95 19.39
N GLN C 193 -13.03 -43.78 18.88
CA GLN C 193 -13.27 -43.42 17.49
C GLN C 193 -12.67 -44.45 16.54
N PHE C 194 -11.44 -44.88 16.81
CA PHE C 194 -10.83 -45.90 15.97
C PHE C 194 -11.71 -47.13 15.91
N THR C 195 -12.06 -47.66 17.08
CA THR C 195 -12.93 -48.83 17.17
C THR C 195 -14.17 -48.64 16.30
N HIS C 196 -14.77 -47.45 16.40
CA HIS C 196 -15.92 -47.12 15.56
C HIS C 196 -15.60 -47.33 14.08
N ARG C 197 -14.50 -46.71 13.63
CA ARG C 197 -14.07 -46.83 12.25
C ARG C 197 -13.79 -48.29 11.82
N TRP C 198 -13.31 -49.09 12.75
CA TRP C 198 -12.99 -50.49 12.50
C TRP C 198 -14.28 -51.28 12.29
N LEU C 199 -15.28 -50.97 13.10
CA LEU C 199 -16.59 -51.60 12.96
C LEU C 199 -17.31 -51.18 11.69
N GLU C 200 -17.13 -49.92 11.29
CA GLU C 200 -17.75 -49.41 10.06
C GLU C 200 -17.08 -49.97 8.80
N PHE C 201 -15.75 -49.85 8.74
CA PHE C 201 -14.98 -50.23 7.55
C PHE C 201 -14.57 -51.70 7.39
N ALA C 202 -14.34 -52.40 8.50
CA ALA C 202 -13.90 -53.79 8.41
C ALA C 202 -14.47 -54.66 9.54
N PRO C 203 -15.81 -54.76 9.59
CA PRO C 203 -16.50 -55.50 10.65
C PRO C 203 -16.04 -56.95 10.71
N GLN C 204 -15.84 -57.57 9.55
CA GLN C 204 -15.52 -58.99 9.48
C GLN C 204 -14.24 -59.34 10.24
N SER C 205 -13.37 -58.35 10.40
CA SER C 205 -12.09 -58.53 11.10
C SER C 205 -12.09 -58.08 12.56
N PHE C 206 -13.22 -57.57 13.05
CA PHE C 206 -13.27 -57.11 14.43
C PHE C 206 -13.21 -58.31 15.36
N SER C 207 -12.19 -58.36 16.20
CA SER C 207 -11.87 -59.56 16.98
C SER C 207 -12.37 -59.55 18.41
N SER C 208 -13.05 -58.49 18.82
CA SER C 208 -13.48 -58.34 20.20
C SER C 208 -14.98 -58.60 20.30
N ASN C 209 -15.41 -59.11 21.45
CA ASN C 209 -16.82 -59.47 21.64
C ASN C 209 -17.76 -58.30 21.39
N THR C 210 -18.76 -58.54 20.53
CA THR C 210 -19.76 -57.52 20.21
C THR C 210 -21.08 -57.68 20.97
N ASN C 211 -21.19 -58.74 21.77
CA ASN C 211 -22.49 -59.12 22.32
C ASN C 211 -23.55 -59.10 21.21
N SER C 212 -23.23 -59.75 20.10
CA SER C 212 -24.10 -59.74 18.91
C SER C 212 -25.34 -60.63 19.07
N VAL C 213 -26.34 -60.36 18.26
CA VAL C 213 -27.62 -61.07 18.36
C VAL C 213 -27.59 -62.46 17.74
N ASN C 214 -28.43 -63.34 18.27
CA ASN C 214 -28.59 -64.70 17.73
C ASN C 214 -30.04 -64.96 17.34
N PRO C 215 -30.38 -64.63 16.09
CA PRO C 215 -31.77 -64.77 15.68
C PRO C 215 -32.28 -66.19 15.91
N LEU C 216 -33.44 -66.28 16.56
CA LEU C 216 -34.14 -67.55 16.77
C LEU C 216 -33.37 -68.57 17.63
N GLN C 217 -32.48 -68.10 18.49
CA GLN C 217 -31.92 -69.02 19.48
C GLN C 217 -33.05 -69.32 20.48
N THR C 218 -33.04 -70.53 21.02
CA THR C 218 -34.08 -70.92 21.96
C THR C 218 -33.78 -70.34 23.34
N THR C 219 -34.63 -69.46 23.83
CA THR C 219 -34.43 -68.91 25.17
C THR C 219 -35.31 -69.53 26.25
N PHE C 220 -36.23 -70.40 25.84
CA PHE C 220 -37.09 -71.08 26.81
C PHE C 220 -37.83 -72.27 26.21
N GLU C 221 -37.81 -73.38 26.94
CA GLU C 221 -38.53 -74.57 26.55
C GLU C 221 -39.42 -75.03 27.69
N SER C 222 -40.69 -75.28 27.39
CA SER C 222 -41.62 -75.78 28.39
C SER C 222 -41.17 -77.17 28.83
N THR C 223 -40.70 -77.95 27.88
CA THR C 223 -40.23 -79.30 28.12
C THR C 223 -41.16 -80.31 27.46
N VAL D 42 -56.19 46.90 -22.08
CA VAL D 42 -56.18 45.70 -21.24
C VAL D 42 -57.32 45.72 -20.22
N LEU D 43 -58.30 44.85 -20.41
CA LEU D 43 -59.45 44.77 -19.52
C LEU D 43 -59.34 43.55 -18.59
N ALA D 44 -60.32 43.41 -17.70
CA ALA D 44 -60.38 42.25 -16.82
C ALA D 44 -61.82 41.90 -16.42
N PHE D 45 -62.10 40.61 -16.29
CA PHE D 45 -63.43 40.16 -15.88
C PHE D 45 -63.64 40.39 -14.39
N LYS D 46 -64.71 41.10 -14.04
CA LYS D 46 -64.93 41.56 -12.67
C LYS D 46 -65.28 40.45 -11.68
N LEU D 47 -66.06 39.46 -12.12
CA LEU D 47 -66.51 38.39 -11.23
C LEU D 47 -65.35 37.50 -10.81
N ASP D 48 -65.35 37.09 -9.54
CA ASP D 48 -64.38 36.12 -9.06
C ASP D 48 -64.91 34.71 -9.28
N ALA D 49 -64.12 33.88 -9.95
CA ALA D 49 -64.53 32.52 -10.29
C ALA D 49 -64.96 31.76 -9.05
N PRO D 50 -65.94 30.84 -9.21
CA PRO D 50 -66.47 30.02 -8.12
C PRO D 50 -65.37 29.22 -7.41
N GLU D 51 -65.42 29.18 -6.08
CA GLU D 51 -64.39 28.53 -5.28
C GLU D 51 -64.38 27.01 -5.47
N PHE D 77 -44.18 -16.50 -6.07
CA PHE D 77 -43.53 -15.65 -7.06
C PHE D 77 -42.27 -15.02 -6.48
N ASN D 78 -41.25 -14.83 -7.31
CA ASN D 78 -39.95 -14.37 -6.80
C ASN D 78 -39.57 -12.92 -7.13
N THR D 79 -39.40 -12.12 -6.09
CA THR D 79 -39.08 -10.70 -6.23
C THR D 79 -37.58 -10.46 -6.48
N THR D 80 -36.76 -11.47 -6.17
CA THR D 80 -35.34 -11.38 -6.44
C THR D 80 -35.07 -11.84 -7.87
N PRO D 81 -34.32 -11.04 -8.64
CA PRO D 81 -34.02 -11.46 -10.01
C PRO D 81 -33.18 -12.72 -10.00
N GLU D 82 -33.36 -13.55 -11.02
CA GLU D 82 -32.63 -14.81 -11.13
C GLU D 82 -31.18 -14.50 -11.49
N ARG D 83 -30.99 -13.47 -12.29
CA ARG D 83 -29.68 -13.13 -12.81
C ARG D 83 -29.61 -11.64 -13.15
N VAL D 84 -28.42 -11.05 -12.96
CA VAL D 84 -28.17 -9.66 -13.33
C VAL D 84 -26.83 -9.50 -14.06
N LEU D 85 -26.87 -8.83 -15.22
CA LEU D 85 -25.70 -8.54 -16.03
C LEU D 85 -25.47 -7.03 -16.07
N ASP D 86 -24.20 -6.64 -16.11
CA ASP D 86 -23.83 -5.23 -16.12
C ASP D 86 -24.19 -4.63 -17.47
N ALA D 87 -24.74 -3.41 -17.46
CA ALA D 87 -25.08 -2.72 -18.69
C ALA D 87 -24.51 -1.30 -18.73
N PRO D 88 -23.17 -1.17 -18.71
CA PRO D 88 -22.53 0.14 -18.54
C PRO D 88 -22.75 1.07 -19.73
N GLY D 89 -23.04 2.34 -19.46
CA GLY D 89 -23.30 3.31 -20.50
C GLY D 89 -24.65 3.18 -21.22
N ILE D 90 -25.53 2.30 -20.75
CA ILE D 90 -26.83 2.19 -21.42
C ILE D 90 -27.54 3.54 -21.34
N ILE D 91 -28.12 3.98 -22.46
CA ILE D 91 -28.72 5.30 -22.53
C ILE D 91 -30.10 5.35 -21.87
N ASP D 92 -30.41 6.44 -21.17
CA ASP D 92 -31.74 6.61 -20.60
C ASP D 92 -32.55 7.52 -21.51
N ASP D 93 -33.40 6.93 -22.34
CA ASP D 93 -34.27 7.67 -23.23
C ASP D 93 -35.53 6.82 -23.50
N TYR D 94 -36.70 7.37 -23.25
CA TYR D 94 -37.96 6.65 -23.48
C TYR D 94 -38.16 6.32 -24.95
N TYR D 95 -37.57 7.13 -25.82
CA TYR D 95 -37.78 7.02 -27.25
C TYR D 95 -36.89 5.97 -27.93
N LEU D 96 -36.13 5.23 -27.13
CA LEU D 96 -35.27 4.18 -27.68
C LEU D 96 -35.80 2.81 -27.28
N ASN D 97 -35.45 1.80 -28.07
CA ASN D 97 -35.76 0.46 -27.65
C ASN D 97 -34.51 -0.41 -27.80
N LEU D 98 -33.88 -0.65 -26.66
CA LEU D 98 -32.49 -1.10 -26.63
C LEU D 98 -32.25 -2.57 -26.34
N LEU D 99 -33.33 -3.35 -26.20
CA LEU D 99 -33.25 -4.71 -25.68
C LEU D 99 -34.18 -5.62 -26.47
N ASP D 100 -33.65 -6.74 -26.97
CA ASP D 100 -34.52 -7.76 -27.56
C ASP D 100 -33.97 -9.15 -27.30
N TRP D 101 -34.84 -10.16 -27.30
CA TRP D 101 -34.46 -11.54 -27.00
C TRP D 101 -34.94 -12.42 -28.14
N SER D 102 -34.01 -13.07 -28.83
CA SER D 102 -34.33 -13.82 -30.06
C SER D 102 -34.97 -15.17 -29.76
N ASN D 103 -35.68 -15.71 -30.75
CA ASN D 103 -36.24 -17.06 -30.68
C ASN D 103 -35.19 -18.17 -30.76
N LEU D 104 -33.94 -17.78 -31.00
CA LEU D 104 -32.79 -18.69 -30.84
C LEU D 104 -32.16 -18.52 -29.44
N ASN D 105 -32.85 -17.78 -28.58
CA ASN D 105 -32.42 -17.59 -27.19
C ASN D 105 -31.16 -16.73 -27.04
N VAL D 106 -31.06 -15.72 -27.91
CA VAL D 106 -29.94 -14.79 -27.83
C VAL D 106 -30.43 -13.38 -27.51
N VAL D 107 -29.90 -12.80 -26.44
CA VAL D 107 -30.26 -11.44 -26.05
C VAL D 107 -29.36 -10.41 -26.72
N ALA D 108 -29.98 -9.39 -27.31
CA ALA D 108 -29.28 -8.25 -27.89
C ALA D 108 -29.53 -7.01 -27.02
N VAL D 109 -28.44 -6.39 -26.57
CA VAL D 109 -28.55 -5.14 -25.83
C VAL D 109 -27.61 -4.08 -26.40
N ALA D 110 -28.13 -2.86 -26.53
CA ALA D 110 -27.36 -1.76 -27.09
C ALA D 110 -26.82 -0.90 -25.97
N LEU D 111 -25.50 -0.75 -25.92
CA LEU D 111 -24.90 0.18 -24.97
C LEU D 111 -24.23 1.30 -25.74
N GLU D 112 -24.87 2.47 -25.76
CA GLU D 112 -24.37 3.60 -26.54
C GLU D 112 -24.16 3.23 -28.01
N ARG D 113 -22.91 3.23 -28.45
CA ARG D 113 -22.57 2.91 -29.84
C ARG D 113 -22.50 1.41 -30.14
N ASN D 114 -22.48 0.57 -29.12
CA ASN D 114 -22.26 -0.86 -29.34
C ASN D 114 -23.48 -1.74 -29.12
N VAL D 115 -23.62 -2.76 -29.96
CA VAL D 115 -24.58 -3.82 -29.69
C VAL D 115 -23.80 -5.05 -29.25
N TYR D 116 -24.18 -5.56 -28.08
CA TYR D 116 -23.64 -6.80 -27.53
C TYR D 116 -24.71 -7.89 -27.57
N VAL D 117 -24.26 -9.12 -27.79
CA VAL D 117 -25.13 -10.28 -27.74
C VAL D 117 -24.70 -11.24 -26.64
N TRP D 118 -25.68 -11.74 -25.91
CA TRP D 118 -25.48 -12.69 -24.84
C TRP D 118 -26.30 -13.95 -25.13
N ASN D 119 -25.61 -15.08 -25.29
CA ASN D 119 -26.30 -16.35 -25.49
C ASN D 119 -26.79 -16.89 -24.16
N ALA D 120 -28.11 -17.09 -24.07
CA ALA D 120 -28.76 -17.46 -22.81
C ALA D 120 -28.43 -18.87 -22.34
N ASP D 121 -28.08 -19.75 -23.26
CA ASP D 121 -27.64 -21.11 -22.91
C ASP D 121 -26.19 -21.21 -22.46
N SER D 122 -25.29 -20.61 -23.24
CA SER D 122 -23.85 -20.77 -22.99
C SER D 122 -23.27 -19.64 -22.14
N GLY D 123 -24.07 -18.58 -21.94
CA GLY D 123 -23.64 -17.44 -21.17
C GLY D 123 -22.57 -16.60 -21.86
N SER D 124 -22.31 -16.91 -23.13
CA SER D 124 -21.29 -16.21 -23.88
C SER D 124 -21.73 -14.81 -24.31
N VAL D 125 -20.76 -13.89 -24.25
CA VAL D 125 -20.95 -12.49 -24.59
C VAL D 125 -20.03 -12.10 -25.75
N SER D 126 -20.57 -11.40 -26.73
CA SER D 126 -19.73 -10.82 -27.76
C SER D 126 -20.21 -9.46 -28.23
N ALA D 127 -19.25 -8.68 -28.71
CA ALA D 127 -19.49 -7.37 -29.27
C ALA D 127 -19.92 -7.62 -30.71
N LEU D 128 -21.13 -7.23 -31.04
CA LEU D 128 -21.62 -7.47 -32.38
C LEU D 128 -21.32 -6.26 -33.24
N ALA D 129 -21.88 -5.12 -32.88
CA ALA D 129 -21.76 -3.96 -33.77
C ALA D 129 -21.30 -2.68 -33.08
N GLU D 130 -20.68 -1.78 -33.85
CA GLU D 130 -20.24 -0.50 -33.34
C GLU D 130 -20.47 0.68 -34.29
N THR D 131 -21.30 1.63 -33.87
CA THR D 131 -21.61 2.77 -34.73
C THR D 131 -20.46 3.74 -34.78
N ASP D 132 -20.49 4.58 -35.81
CA ASP D 132 -19.64 5.75 -35.90
C ASP D 132 -19.87 6.68 -34.70
N GLU D 133 -18.82 7.39 -34.28
CA GLU D 133 -18.92 8.32 -33.16
C GLU D 133 -19.94 9.44 -33.39
N SER D 134 -20.39 9.59 -34.62
CA SER D 134 -21.35 10.64 -34.94
C SER D 134 -22.76 10.25 -34.55
N THR D 135 -22.95 8.99 -34.16
CA THR D 135 -24.29 8.49 -33.89
C THR D 135 -24.32 7.45 -32.76
N TYR D 136 -25.45 6.78 -32.60
CA TYR D 136 -25.64 5.81 -31.52
C TYR D 136 -26.75 4.83 -31.93
N VAL D 137 -26.88 3.72 -31.23
CA VAL D 137 -27.96 2.76 -31.48
C VAL D 137 -29.29 3.21 -30.81
N ALA D 138 -30.30 3.46 -31.65
CA ALA D 138 -31.66 3.77 -31.20
C ALA D 138 -32.57 2.55 -30.94
N SER D 139 -32.35 1.46 -31.67
CA SER D 139 -33.25 0.31 -31.50
C SER D 139 -32.61 -0.98 -31.99
N VAL D 140 -33.09 -2.10 -31.43
CA VAL D 140 -32.71 -3.43 -31.91
C VAL D 140 -33.94 -4.35 -31.96
N LYS D 141 -34.08 -5.10 -33.05
CA LYS D 141 -35.13 -6.09 -33.18
C LYS D 141 -34.67 -7.36 -33.91
N TRP D 142 -34.78 -8.49 -33.24
CA TRP D 142 -34.51 -9.78 -33.88
C TRP D 142 -35.58 -10.11 -34.93
N SER D 143 -35.18 -10.76 -36.01
CA SER D 143 -36.16 -11.30 -36.94
C SER D 143 -36.81 -12.50 -36.27
N HIS D 144 -38.01 -12.84 -36.67
CA HIS D 144 -38.78 -13.90 -36.02
C HIS D 144 -38.03 -15.24 -35.91
N ASP D 145 -37.28 -15.61 -36.93
CA ASP D 145 -36.54 -16.89 -36.88
C ASP D 145 -35.22 -16.76 -36.13
N GLY D 146 -34.91 -15.55 -35.69
CA GLY D 146 -33.73 -15.30 -34.86
C GLY D 146 -32.42 -15.19 -35.61
N SER D 147 -32.45 -15.29 -36.94
CA SER D 147 -31.19 -15.27 -37.68
C SER D 147 -30.73 -13.87 -38.08
N PHE D 148 -31.61 -12.88 -37.98
CA PHE D 148 -31.23 -11.53 -38.35
C PHE D 148 -31.54 -10.53 -37.25
N LEU D 149 -30.58 -9.65 -36.98
CA LEU D 149 -30.83 -8.55 -36.06
C LEU D 149 -30.91 -7.26 -36.84
N SER D 150 -31.99 -6.52 -36.66
CA SER D 150 -32.08 -5.16 -37.21
C SER D 150 -31.68 -4.15 -36.12
N VAL D 151 -30.96 -3.12 -36.54
CA VAL D 151 -30.45 -2.12 -35.61
C VAL D 151 -30.73 -0.74 -36.17
N GLY D 152 -31.60 0.01 -35.51
CA GLY D 152 -31.90 1.36 -35.92
C GLY D 152 -30.90 2.31 -35.29
N LEU D 153 -30.50 3.34 -36.03
CA LEU D 153 -29.50 4.27 -35.55
C LEU D 153 -30.09 5.67 -35.37
N GLY D 154 -29.44 6.48 -34.55
CA GLY D 154 -29.88 7.85 -34.30
C GLY D 154 -29.85 8.70 -35.56
N ASN D 155 -29.06 8.30 -36.55
CA ASN D 155 -28.98 9.05 -37.78
C ASN D 155 -30.00 8.57 -38.83
N GLY D 156 -30.84 7.61 -38.45
CA GLY D 156 -31.93 7.21 -39.31
C GLY D 156 -31.68 5.98 -40.15
N LEU D 157 -30.41 5.56 -40.20
CA LEU D 157 -30.02 4.35 -40.91
C LEU D 157 -30.54 3.08 -40.20
N VAL D 158 -30.86 2.06 -40.99
CA VAL D 158 -31.22 0.77 -40.41
C VAL D 158 -30.28 -0.33 -40.88
N ASP D 159 -29.48 -0.87 -39.96
CA ASP D 159 -28.54 -1.93 -40.31
C ASP D 159 -29.14 -3.31 -40.07
N ILE D 160 -28.77 -4.26 -40.93
CA ILE D 160 -29.18 -5.65 -40.76
C ILE D 160 -27.94 -6.54 -40.64
N TYR D 161 -27.92 -7.28 -39.53
CA TYR D 161 -26.89 -8.27 -39.21
C TYR D 161 -27.34 -9.71 -39.37
N ASP D 162 -26.50 -10.50 -40.03
CA ASP D 162 -26.65 -11.94 -40.08
C ASP D 162 -25.78 -12.50 -38.97
N VAL D 163 -26.40 -13.07 -37.95
CA VAL D 163 -25.65 -13.42 -36.73
C VAL D 163 -24.88 -14.73 -36.78
N GLU D 164 -25.24 -15.61 -37.71
CA GLU D 164 -24.51 -16.86 -37.90
C GLU D 164 -23.19 -16.55 -38.60
N SER D 165 -23.24 -15.60 -39.55
CA SER D 165 -22.05 -15.15 -40.24
C SER D 165 -21.27 -14.20 -39.33
N GLN D 166 -22.00 -13.63 -38.39
CA GLN D 166 -21.49 -12.49 -37.62
C GLN D 166 -20.94 -11.46 -38.60
N THR D 167 -21.74 -11.13 -39.60
CA THR D 167 -21.45 -10.03 -40.49
C THR D 167 -22.65 -9.09 -40.59
N LYS D 168 -22.40 -7.85 -40.98
CA LYS D 168 -23.47 -6.95 -41.30
C LYS D 168 -23.92 -7.29 -42.70
N LEU D 169 -25.18 -7.66 -42.86
CA LEU D 169 -25.72 -8.00 -44.17
C LEU D 169 -25.84 -6.72 -44.99
N ARG D 170 -26.32 -5.64 -44.36
CA ARG D 170 -26.51 -4.42 -45.15
C ARG D 170 -26.96 -3.19 -44.35
N THR D 171 -26.95 -2.04 -45.01
CA THR D 171 -27.40 -0.79 -44.42
C THR D 171 -28.50 -0.16 -45.29
N MET D 172 -29.63 0.17 -44.66
CA MET D 172 -30.77 0.70 -45.39
C MET D 172 -31.08 2.16 -45.01
N ALA D 173 -30.97 3.03 -46.01
CA ALA D 173 -31.18 4.46 -45.82
C ALA D 173 -32.61 4.84 -46.13
N GLY D 174 -32.90 6.15 -46.07
CA GLY D 174 -34.22 6.67 -46.35
C GLY D 174 -34.99 7.29 -45.19
N HIS D 175 -34.53 7.07 -43.96
CA HIS D 175 -35.08 7.84 -42.85
C HIS D 175 -34.19 9.07 -42.64
N GLN D 176 -34.81 10.22 -42.42
CA GLN D 176 -34.03 11.42 -42.15
C GLN D 176 -33.72 11.59 -40.65
N ALA D 177 -34.43 10.85 -39.81
CA ALA D 177 -34.28 11.00 -38.36
C ALA D 177 -34.11 9.67 -37.67
N ARG D 178 -33.90 9.72 -36.35
CA ARG D 178 -33.66 8.51 -35.57
C ARG D 178 -34.73 7.44 -35.81
N VAL D 179 -34.28 6.19 -35.92
CA VAL D 179 -35.20 5.08 -36.01
C VAL D 179 -35.24 4.43 -34.64
N GLY D 180 -36.34 4.64 -33.92
CA GLY D 180 -36.40 4.18 -32.55
C GLY D 180 -37.27 2.94 -32.39
N CYS D 181 -37.94 2.57 -33.48
CA CYS D 181 -38.86 1.45 -33.47
C CYS D 181 -38.62 0.50 -34.63
N LEU D 182 -38.82 -0.78 -34.38
CA LEU D 182 -38.68 -1.83 -35.40
C LEU D 182 -39.66 -2.97 -35.17
N SER D 183 -40.29 -3.45 -36.23
CA SER D 183 -41.11 -4.67 -36.17
C SER D 183 -41.04 -5.49 -37.45
N TRP D 184 -40.90 -6.81 -37.33
CA TRP D 184 -40.74 -7.69 -38.48
C TRP D 184 -42.05 -8.31 -38.92
N ASN D 185 -42.23 -8.42 -40.23
CA ASN D 185 -43.25 -9.30 -40.79
C ASN D 185 -42.55 -10.17 -41.81
N ARG D 186 -42.31 -11.42 -41.46
CA ARG D 186 -41.47 -12.30 -42.27
C ARG D 186 -40.17 -11.63 -42.73
N HIS D 187 -39.98 -11.59 -44.04
CA HIS D 187 -38.80 -10.97 -44.63
C HIS D 187 -38.92 -9.44 -44.69
N VAL D 188 -40.11 -8.94 -44.34
CA VAL D 188 -40.34 -7.49 -44.22
C VAL D 188 -39.99 -6.97 -42.81
N LEU D 189 -39.19 -5.91 -42.77
CA LEU D 189 -38.90 -5.21 -41.54
C LEU D 189 -39.44 -3.79 -41.63
N SER D 190 -40.30 -3.42 -40.68
CA SER D 190 -40.84 -2.07 -40.64
C SER D 190 -40.07 -1.24 -39.62
N SER D 191 -39.77 0.01 -39.98
CA SER D 191 -38.98 0.89 -39.13
C SER D 191 -39.73 2.20 -38.86
N GLY D 192 -39.89 2.52 -37.57
CA GLY D 192 -40.43 3.80 -37.15
C GLY D 192 -39.41 4.84 -36.74
N SER D 193 -39.77 6.09 -36.96
CA SER D 193 -38.82 7.19 -36.94
C SER D 193 -39.29 8.41 -36.18
N ARG D 194 -38.35 9.25 -35.79
CA ARG D 194 -38.66 10.47 -35.05
C ARG D 194 -39.59 11.35 -35.88
N SER D 195 -39.47 11.28 -37.20
CA SER D 195 -40.28 12.12 -38.08
C SER D 195 -41.75 11.71 -38.04
N GLY D 196 -42.01 10.50 -37.58
CA GLY D 196 -43.37 9.98 -37.56
C GLY D 196 -43.63 9.11 -38.78
N ALA D 197 -42.62 9.01 -39.64
CA ALA D 197 -42.70 8.13 -40.80
C ALA D 197 -42.48 6.68 -40.40
N ILE D 198 -43.11 5.77 -41.14
CA ILE D 198 -42.91 4.35 -41.01
C ILE D 198 -42.51 3.83 -42.38
N HIS D 199 -41.40 3.11 -42.45
CA HIS D 199 -40.96 2.56 -43.73
C HIS D 199 -41.00 1.04 -43.71
N HIS D 200 -41.34 0.45 -44.86
CA HIS D 200 -41.29 -1.00 -45.00
C HIS D 200 -40.09 -1.43 -45.83
N HIS D 201 -39.40 -2.47 -45.36
CA HIS D 201 -38.19 -2.92 -46.03
C HIS D 201 -38.23 -4.41 -46.34
N ASP D 202 -37.98 -4.75 -47.59
CA ASP D 202 -37.69 -6.13 -47.92
C ASP D 202 -36.19 -6.27 -47.91
N VAL D 203 -35.65 -7.02 -46.95
CA VAL D 203 -34.21 -7.07 -46.77
C VAL D 203 -33.50 -7.90 -47.84
N ARG D 204 -34.28 -8.67 -48.60
CA ARG D 204 -33.73 -9.47 -49.70
C ARG D 204 -33.45 -8.61 -50.93
N ILE D 205 -34.38 -7.74 -51.26
CA ILE D 205 -34.31 -6.90 -52.45
C ILE D 205 -33.21 -5.83 -52.36
N ALA D 206 -32.80 -5.31 -53.51
CA ALA D 206 -31.90 -4.18 -53.56
C ALA D 206 -32.64 -2.89 -53.21
N ASN D 207 -33.87 -2.75 -53.73
CA ASN D 207 -34.69 -1.64 -53.28
C ASN D 207 -35.49 -2.18 -52.12
N HIS D 208 -35.08 -1.80 -50.92
CA HIS D 208 -35.64 -2.37 -49.72
C HIS D 208 -36.98 -1.72 -49.42
N GLN D 209 -37.09 -0.44 -49.76
CA GLN D 209 -38.22 0.32 -49.27
C GLN D 209 -39.35 0.17 -50.27
N ILE D 210 -40.20 -0.81 -49.99
CA ILE D 210 -41.42 -1.07 -50.75
C ILE D 210 -42.52 -0.02 -50.57
N GLY D 211 -42.71 0.42 -49.32
CA GLY D 211 -43.78 1.36 -49.00
C GLY D 211 -43.50 2.33 -47.87
N THR D 212 -44.22 3.45 -47.88
CA THR D 212 -44.08 4.48 -46.87
C THR D 212 -45.40 4.80 -46.19
N LEU D 213 -45.40 4.87 -44.86
CA LEU D 213 -46.61 5.22 -44.12
C LEU D 213 -46.36 6.40 -43.18
N GLN D 214 -47.21 7.41 -43.23
CA GLN D 214 -47.11 8.49 -42.25
C GLN D 214 -48.33 8.38 -41.34
N GLY D 215 -48.13 7.85 -40.15
CA GLY D 215 -49.23 7.67 -39.23
C GLY D 215 -49.25 8.63 -38.07
N HIS D 216 -48.16 9.38 -37.90
CA HIS D 216 -48.06 10.29 -36.78
C HIS D 216 -47.39 11.59 -37.18
N SER D 217 -47.70 12.65 -36.44
CA SER D 217 -47.13 13.96 -36.72
C SER D 217 -45.80 14.09 -35.99
N SER D 218 -45.46 13.08 -35.20
CA SER D 218 -44.18 13.08 -34.50
C SER D 218 -43.72 11.66 -34.24
N GLU D 219 -42.70 11.51 -33.40
CA GLU D 219 -41.93 10.27 -33.36
C GLU D 219 -42.79 9.01 -33.24
N VAL D 220 -42.52 8.03 -34.07
CA VAL D 220 -43.13 6.72 -33.90
C VAL D 220 -42.42 6.05 -32.73
N CYS D 221 -43.20 5.69 -31.71
CA CYS D 221 -42.69 5.19 -30.45
C CYS D 221 -42.91 3.68 -30.32
N GLY D 222 -44.17 3.24 -30.38
CA GLY D 222 -44.45 1.81 -30.53
C GLY D 222 -44.70 1.35 -31.95
N LEU D 223 -44.23 0.14 -32.29
CA LEU D 223 -44.53 -0.50 -33.57
C LEU D 223 -44.62 -2.01 -33.40
N ALA D 224 -45.74 -2.62 -33.80
CA ALA D 224 -45.93 -4.05 -33.69
C ALA D 224 -46.73 -4.72 -34.83
N TRP D 225 -46.14 -5.67 -35.52
CA TRP D 225 -46.90 -6.48 -36.47
C TRP D 225 -47.60 -7.59 -35.72
N ARG D 226 -48.87 -7.81 -36.03
CA ARG D 226 -49.56 -9.03 -35.61
C ARG D 226 -48.80 -10.22 -36.19
N SER D 227 -48.73 -11.30 -35.42
CA SER D 227 -47.93 -12.46 -35.86
C SER D 227 -48.40 -13.09 -37.18
N ASP D 228 -49.68 -12.89 -37.53
CA ASP D 228 -50.18 -13.41 -38.80
C ASP D 228 -49.99 -12.40 -39.94
N GLY D 229 -49.38 -11.26 -39.62
CA GLY D 229 -49.03 -10.26 -40.61
C GLY D 229 -50.21 -9.55 -41.26
N LEU D 230 -51.41 -9.76 -40.72
CA LEU D 230 -52.63 -9.18 -41.29
C LEU D 230 -52.89 -7.74 -40.86
N GLN D 231 -52.36 -7.38 -39.70
CA GLN D 231 -52.52 -6.02 -39.16
C GLN D 231 -51.26 -5.52 -38.46
N LEU D 232 -51.09 -4.20 -38.49
CA LEU D 232 -49.94 -3.54 -37.88
C LEU D 232 -50.49 -2.53 -36.90
N ALA D 233 -49.74 -2.28 -35.82
CA ALA D 233 -50.15 -1.25 -34.88
C ALA D 233 -48.99 -0.33 -34.55
N SER D 234 -49.26 0.96 -34.46
CA SER D 234 -48.23 1.89 -34.06
C SER D 234 -48.75 2.85 -33.01
N GLY D 235 -47.83 3.48 -32.30
CA GLY D 235 -48.23 4.59 -31.47
C GLY D 235 -47.12 5.60 -31.46
N GLY D 236 -47.53 6.87 -31.40
CA GLY D 236 -46.63 7.99 -31.54
C GLY D 236 -46.48 8.89 -30.35
N ASN D 237 -45.59 9.85 -30.48
CA ASN D 237 -45.44 10.91 -29.50
C ASN D 237 -46.53 11.96 -29.74
N ASP D 238 -47.38 11.71 -30.74
CA ASP D 238 -48.57 12.54 -30.94
C ASP D 238 -49.75 12.02 -30.13
N ASN D 239 -49.46 11.02 -29.31
CA ASN D 239 -50.44 10.40 -28.43
C ASN D 239 -51.50 9.62 -29.22
N VAL D 240 -51.18 9.23 -30.44
CA VAL D 240 -52.14 8.48 -31.25
C VAL D 240 -51.77 7.01 -31.45
N VAL D 241 -52.75 6.15 -31.31
CA VAL D 241 -52.62 4.73 -31.67
C VAL D 241 -53.25 4.47 -33.04
N GLN D 242 -52.43 4.04 -34.00
CA GLN D 242 -52.92 3.65 -35.32
C GLN D 242 -53.02 2.13 -35.43
N ILE D 243 -54.16 1.66 -35.94
CA ILE D 243 -54.35 0.25 -36.29
C ILE D 243 -54.59 0.14 -37.80
N TRP D 244 -53.65 -0.51 -38.49
CA TRP D 244 -53.68 -0.62 -39.94
C TRP D 244 -53.91 -2.07 -40.38
N ASP D 245 -54.74 -2.26 -41.40
CA ASP D 245 -54.80 -3.54 -42.09
C ASP D 245 -53.61 -3.63 -43.03
N ALA D 246 -53.12 -4.82 -43.27
CA ALA D 246 -51.99 -4.98 -44.18
C ALA D 246 -52.28 -4.34 -45.56
N ARG D 247 -51.34 -3.52 -46.01
CA ARG D 247 -51.36 -2.95 -47.36
C ARG D 247 -52.51 -1.96 -47.66
N SER D 248 -52.85 -1.12 -46.69
CA SER D 248 -53.70 0.05 -46.94
C SER D 248 -53.24 1.22 -46.09
N SER D 249 -53.04 2.37 -46.72
CA SER D 249 -52.46 3.53 -46.06
C SER D 249 -53.46 4.21 -45.14
N ILE D 250 -54.71 3.76 -45.17
CA ILE D 250 -55.73 4.36 -44.32
C ILE D 250 -55.89 3.52 -43.07
N PRO D 251 -55.67 4.12 -41.90
CA PRO D 251 -55.81 3.33 -40.67
C PRO D 251 -57.20 2.73 -40.56
N LYS D 252 -57.27 1.44 -40.23
CA LYS D 252 -58.54 0.82 -39.92
C LYS D 252 -59.14 1.57 -38.74
N PHE D 253 -58.30 1.84 -37.75
CA PHE D 253 -58.75 2.64 -36.60
C PHE D 253 -57.69 3.63 -36.12
N THR D 254 -58.14 4.79 -35.71
CA THR D 254 -57.29 5.79 -35.12
C THR D 254 -57.86 6.13 -33.75
N LYS D 255 -57.07 5.90 -32.70
CA LYS D 255 -57.55 6.09 -31.33
C LYS D 255 -56.78 7.20 -30.63
N THR D 256 -57.51 8.22 -30.20
CA THR D 256 -56.93 9.38 -29.54
C THR D 256 -57.09 9.29 -28.04
N ASN D 257 -57.61 8.18 -27.54
CA ASN D 257 -57.88 8.07 -26.11
C ASN D 257 -56.69 8.41 -25.20
N HIS D 258 -55.49 8.01 -25.61
CA HIS D 258 -54.32 8.24 -24.78
C HIS D 258 -53.95 9.71 -24.73
N ASN D 259 -53.65 10.16 -23.53
CA ASN D 259 -53.26 11.55 -23.25
C ASN D 259 -51.75 11.81 -23.23
N ALA D 260 -50.97 10.82 -23.66
CA ALA D 260 -49.52 10.96 -23.72
C ALA D 260 -48.97 10.06 -24.83
N ALA D 261 -47.66 10.03 -25.01
CA ALA D 261 -47.08 9.19 -26.06
C ALA D 261 -47.44 7.73 -25.82
N VAL D 262 -47.52 6.96 -26.89
CA VAL D 262 -47.79 5.53 -26.74
C VAL D 262 -46.61 4.72 -27.28
N LYS D 263 -45.75 4.31 -26.34
CA LYS D 263 -44.58 3.51 -26.63
C LYS D 263 -44.95 2.03 -26.62
N ALA D 264 -45.90 1.69 -25.77
CA ALA D 264 -46.23 0.30 -25.48
C ALA D 264 -47.38 -0.16 -26.36
N VAL D 265 -47.07 -1.07 -27.29
CA VAL D 265 -48.04 -1.63 -28.22
C VAL D 265 -47.81 -3.14 -28.38
N ALA D 266 -48.80 -3.95 -27.99
CA ALA D 266 -48.65 -5.41 -28.02
C ALA D 266 -49.91 -6.21 -28.43
N TRP D 267 -49.75 -7.08 -29.41
CA TRP D 267 -50.81 -7.98 -29.87
C TRP D 267 -50.93 -9.20 -28.97
N CYS D 268 -52.14 -9.47 -28.51
CA CYS D 268 -52.38 -10.68 -27.73
C CYS D 268 -52.14 -11.91 -28.61
N PRO D 269 -51.17 -12.75 -28.24
CA PRO D 269 -50.81 -13.94 -29.02
C PRO D 269 -51.88 -15.02 -28.95
N TRP D 270 -52.69 -15.04 -27.89
CA TRP D 270 -53.81 -16.01 -27.81
C TRP D 270 -55.20 -15.49 -28.28
N GLN D 271 -55.33 -14.19 -28.48
CA GLN D 271 -56.55 -13.65 -29.08
C GLN D 271 -56.18 -12.71 -30.22
N SER D 272 -56.51 -13.14 -31.44
CA SER D 272 -55.99 -12.53 -32.65
C SER D 272 -56.30 -11.04 -32.75
N ASN D 273 -57.49 -10.65 -32.34
CA ASN D 273 -57.90 -9.26 -32.49
C ASN D 273 -57.68 -8.36 -31.27
N LEU D 274 -57.08 -8.93 -30.22
CA LEU D 274 -56.87 -8.19 -28.98
C LEU D 274 -55.55 -7.43 -29.06
N LEU D 275 -55.64 -6.11 -28.87
CA LEU D 275 -54.46 -5.25 -28.92
C LEU D 275 -54.37 -4.41 -27.65
N ALA D 276 -53.18 -4.39 -27.04
CA ALA D 276 -52.99 -3.61 -25.83
C ALA D 276 -52.05 -2.45 -26.09
N THR D 277 -52.40 -1.28 -25.55
CA THR D 277 -51.57 -0.11 -25.72
C THR D 277 -51.45 0.63 -24.40
N GLY D 278 -50.39 1.39 -24.21
CA GLY D 278 -50.26 2.09 -22.95
C GLY D 278 -49.61 3.43 -23.10
N GLY D 279 -50.02 4.34 -22.23
CA GLY D 279 -49.70 5.73 -22.40
C GLY D 279 -48.57 6.20 -21.51
N GLY D 280 -48.00 7.33 -21.89
CA GLY D 280 -46.91 7.94 -21.16
C GLY D 280 -47.35 8.69 -19.92
N THR D 281 -46.50 9.62 -19.52
CA THR D 281 -46.53 10.23 -18.20
C THR D 281 -47.84 10.94 -17.86
N MET D 282 -48.40 11.67 -18.80
CA MET D 282 -49.65 12.38 -18.54
C MET D 282 -50.89 11.49 -18.66
N ASP D 283 -50.68 10.21 -18.98
CA ASP D 283 -51.82 9.30 -19.21
C ASP D 283 -51.82 8.15 -18.22
N LYS D 284 -50.82 7.29 -18.33
CA LYS D 284 -50.64 6.15 -17.43
C LYS D 284 -51.78 5.14 -17.48
N GLN D 285 -52.38 4.99 -18.65
CA GLN D 285 -53.49 4.06 -18.81
C GLN D 285 -53.17 2.96 -19.80
N ILE D 286 -53.62 1.75 -19.52
CA ILE D 286 -53.47 0.65 -20.46
C ILE D 286 -54.83 0.39 -21.08
N HIS D 287 -54.90 0.48 -22.40
CA HIS D 287 -56.15 0.32 -23.12
C HIS D 287 -56.14 -0.94 -23.97
N PHE D 288 -57.22 -1.70 -23.90
CA PHE D 288 -57.34 -2.90 -24.70
C PHE D 288 -58.41 -2.70 -25.76
N TRP D 289 -58.07 -3.03 -27.00
CA TRP D 289 -58.95 -2.79 -28.12
C TRP D 289 -59.21 -4.04 -28.93
N ASN D 290 -60.35 -4.05 -29.62
CA ASN D 290 -60.67 -5.11 -30.56
C ASN D 290 -60.29 -4.54 -31.91
N ALA D 291 -59.33 -5.17 -32.56
CA ALA D 291 -58.81 -4.67 -33.82
C ALA D 291 -59.87 -4.64 -34.91
N ALA D 292 -60.68 -5.68 -34.99
CA ALA D 292 -61.73 -5.75 -36.00
C ALA D 292 -62.84 -4.71 -35.84
N THR D 293 -63.32 -4.53 -34.61
CA THR D 293 -64.43 -3.61 -34.36
C THR D 293 -64.03 -2.20 -33.95
N GLY D 294 -62.80 -2.04 -33.47
CA GLY D 294 -62.31 -0.74 -33.04
C GLY D 294 -62.81 -0.38 -31.66
N ALA D 295 -63.55 -1.31 -31.06
CA ALA D 295 -64.10 -1.11 -29.72
C ALA D 295 -63.05 -1.25 -28.62
N ARG D 296 -63.33 -0.64 -27.47
CA ARG D 296 -62.46 -0.76 -26.32
C ARG D 296 -63.13 -1.74 -25.38
N VAL D 297 -62.44 -2.84 -25.08
CA VAL D 297 -63.02 -3.90 -24.25
C VAL D 297 -62.49 -3.94 -22.81
N ASN D 298 -61.41 -3.22 -22.54
CA ASN D 298 -60.87 -3.17 -21.18
C ASN D 298 -59.97 -1.96 -20.98
N THR D 299 -59.82 -1.56 -19.73
CA THR D 299 -58.94 -0.46 -19.40
C THR D 299 -58.43 -0.59 -17.97
N VAL D 300 -57.21 -0.12 -17.74
CA VAL D 300 -56.68 -0.05 -16.39
C VAL D 300 -55.84 1.21 -16.18
N ASP D 301 -55.83 1.68 -14.94
CA ASP D 301 -54.96 2.77 -14.52
C ASP D 301 -53.69 2.12 -13.99
N ALA D 302 -52.58 2.31 -14.69
CA ALA D 302 -51.31 1.75 -14.26
C ALA D 302 -50.65 2.58 -13.16
N GLY D 303 -51.00 3.85 -13.09
CA GLY D 303 -50.43 4.73 -12.08
C GLY D 303 -49.03 5.19 -12.41
N SER D 304 -48.54 4.83 -13.59
CA SER D 304 -47.21 5.24 -14.04
C SER D 304 -47.11 5.29 -15.55
N GLN D 305 -46.12 6.03 -16.01
CA GLN D 305 -45.73 6.00 -17.41
C GLN D 305 -45.53 4.53 -17.80
N VAL D 306 -46.16 4.11 -18.90
CA VAL D 306 -46.04 2.71 -19.34
C VAL D 306 -44.97 2.61 -20.40
N THR D 307 -43.88 1.91 -20.08
CA THR D 307 -42.78 1.72 -21.01
C THR D 307 -42.88 0.53 -21.97
N SER D 308 -43.53 -0.55 -21.52
CA SER D 308 -43.76 -1.68 -22.40
C SER D 308 -44.93 -2.52 -21.91
N LEU D 309 -45.46 -3.33 -22.80
CA LEU D 309 -46.51 -4.28 -22.48
C LEU D 309 -46.15 -5.61 -23.11
N ILE D 310 -46.20 -6.67 -22.32
CA ILE D 310 -45.85 -7.97 -22.86
C ILE D 310 -46.85 -9.02 -22.44
N TRP D 311 -47.50 -9.63 -23.42
CA TRP D 311 -48.47 -10.68 -23.16
C TRP D 311 -47.79 -11.96 -22.72
N SER D 312 -48.39 -12.64 -21.74
CA SER D 312 -47.98 -13.99 -21.38
C SER D 312 -48.44 -14.96 -22.44
N PRO D 313 -47.52 -15.75 -23.01
CA PRO D 313 -47.89 -16.82 -23.95
C PRO D 313 -48.66 -17.96 -23.30
N HIS D 314 -48.29 -18.33 -22.08
CA HIS D 314 -48.80 -19.53 -21.45
C HIS D 314 -49.96 -19.30 -20.49
N SER D 315 -50.38 -18.06 -20.34
CA SER D 315 -51.30 -17.71 -19.27
C SER D 315 -52.12 -16.47 -19.62
N LYS D 316 -53.15 -16.24 -18.82
CA LYS D 316 -54.17 -15.21 -19.05
C LYS D 316 -53.72 -13.83 -18.56
N GLU D 317 -52.42 -13.72 -18.33
CA GLU D 317 -51.82 -12.52 -17.76
C GLU D 317 -51.14 -11.64 -18.81
N ILE D 318 -51.08 -10.34 -18.53
CA ILE D 318 -50.23 -9.42 -19.27
C ILE D 318 -49.26 -8.69 -18.33
N MET D 319 -48.04 -8.44 -18.81
CA MET D 319 -47.02 -7.75 -18.03
C MET D 319 -46.81 -6.35 -18.54
N SER D 320 -46.60 -5.41 -17.61
CA SER D 320 -46.27 -4.03 -17.97
C SER D 320 -45.02 -3.54 -17.21
N THR D 321 -44.24 -2.67 -17.83
CA THR D 321 -43.10 -2.06 -17.19
C THR D 321 -43.35 -0.58 -17.13
N HIS D 322 -42.81 0.08 -16.11
CA HIS D 322 -43.15 1.46 -15.84
C HIS D 322 -41.97 2.44 -15.67
N GLY D 323 -42.27 3.68 -16.05
CA GLY D 323 -41.42 4.85 -15.91
C GLY D 323 -41.86 5.65 -14.70
N PHE D 324 -41.99 6.96 -14.88
CA PHE D 324 -42.33 7.82 -13.76
C PHE D 324 -43.69 7.45 -13.20
N PRO D 325 -43.80 7.42 -11.87
CA PRO D 325 -42.63 7.48 -10.99
C PRO D 325 -42.27 6.12 -10.38
N ASP D 326 -43.03 5.09 -10.75
CA ASP D 326 -42.90 3.77 -10.12
C ASP D 326 -41.59 2.97 -10.32
N ASN D 327 -41.03 3.01 -11.52
CA ASN D 327 -39.88 2.17 -11.86
C ASN D 327 -40.10 0.69 -11.54
N ASN D 328 -41.30 0.20 -11.81
CA ASN D 328 -41.64 -1.16 -11.44
C ASN D 328 -42.14 -1.99 -12.62
N LEU D 329 -42.37 -3.26 -12.32
CA LEU D 329 -42.88 -4.22 -13.26
C LEU D 329 -44.14 -4.77 -12.62
N SER D 330 -45.24 -4.73 -13.34
CA SER D 330 -46.50 -5.25 -12.83
C SER D 330 -46.99 -6.41 -13.68
N ILE D 331 -47.61 -7.39 -13.02
CA ILE D 331 -48.24 -8.51 -13.69
C ILE D 331 -49.74 -8.52 -13.38
N TRP D 332 -50.55 -8.55 -14.43
CA TRP D 332 -52.00 -8.46 -14.33
C TRP D 332 -52.67 -9.72 -14.88
N SER D 333 -53.74 -10.17 -14.23
CA SER D 333 -54.59 -11.20 -14.81
C SER D 333 -55.59 -10.55 -15.75
N TYR D 334 -55.81 -11.15 -16.91
CA TYR D 334 -56.70 -10.58 -17.91
C TYR D 334 -57.97 -11.43 -18.09
N SER D 335 -59.12 -10.81 -17.88
CA SER D 335 -60.39 -11.46 -18.18
C SER D 335 -61.32 -10.50 -18.91
N SER D 336 -62.32 -11.05 -19.60
CA SER D 336 -63.30 -10.21 -20.29
C SER D 336 -63.95 -9.23 -19.31
N SER D 337 -64.05 -9.66 -18.05
CA SER D 337 -64.67 -8.84 -17.01
C SER D 337 -63.83 -7.61 -16.71
N GLY D 338 -62.54 -7.82 -16.45
CA GLY D 338 -61.61 -6.75 -16.13
C GLY D 338 -60.23 -7.28 -15.77
N LEU D 339 -59.33 -6.39 -15.36
CA LEU D 339 -57.98 -6.79 -14.99
C LEU D 339 -57.70 -6.72 -13.49
N THR D 340 -56.89 -7.65 -13.02
CA THR D 340 -56.52 -7.71 -11.61
C THR D 340 -54.99 -7.71 -11.52
N LYS D 341 -54.45 -6.84 -10.66
CA LYS D 341 -53.01 -6.79 -10.52
C LYS D 341 -52.58 -7.92 -9.61
N GLN D 342 -51.85 -8.87 -10.19
CA GLN D 342 -51.32 -10.01 -9.44
C GLN D 342 -49.99 -9.71 -8.74
N VAL D 343 -49.10 -9.00 -9.44
CA VAL D 343 -47.76 -8.75 -8.88
C VAL D 343 -47.24 -7.34 -9.14
N ASP D 344 -46.61 -6.75 -8.13
CA ASP D 344 -45.94 -5.45 -8.27
C ASP D 344 -44.51 -5.54 -7.76
N ILE D 345 -43.55 -5.45 -8.68
CA ILE D 345 -42.13 -5.56 -8.37
C ILE D 345 -41.38 -4.26 -8.56
N PRO D 346 -40.66 -3.82 -7.51
CA PRO D 346 -39.75 -2.67 -7.60
C PRO D 346 -38.53 -3.12 -8.39
N ALA D 347 -38.62 -3.04 -9.71
CA ALA D 347 -37.66 -3.69 -10.60
C ALA D 347 -36.26 -3.05 -10.68
N HIS D 348 -36.20 -1.73 -10.80
CA HIS D 348 -34.95 -1.02 -10.99
C HIS D 348 -34.92 0.25 -10.14
N ASP D 349 -33.78 0.95 -10.16
CA ASP D 349 -33.64 2.21 -9.42
C ASP D 349 -33.91 3.41 -10.32
N THR D 350 -34.23 3.15 -11.58
CA THR D 350 -34.61 4.19 -12.53
C THR D 350 -35.73 3.58 -13.39
N ARG D 351 -36.28 4.33 -14.34
CA ARG D 351 -37.43 3.81 -15.08
C ARG D 351 -37.05 2.51 -15.78
N VAL D 352 -38.00 1.59 -15.88
CA VAL D 352 -37.68 0.38 -16.61
C VAL D 352 -38.07 0.72 -18.03
N LEU D 353 -37.07 1.09 -18.82
CA LEU D 353 -37.31 1.55 -20.19
C LEU D 353 -37.36 0.42 -21.21
N TYR D 354 -36.64 -0.66 -20.94
CA TYR D 354 -36.43 -1.71 -21.94
C TYR D 354 -36.83 -3.03 -21.34
N SER D 355 -37.40 -3.90 -22.16
CA SER D 355 -37.83 -5.23 -21.73
C SER D 355 -37.87 -6.18 -22.91
N ALA D 356 -37.66 -7.47 -22.67
CA ALA D 356 -37.92 -8.49 -23.68
C ALA D 356 -38.18 -9.80 -22.98
N LEU D 357 -39.17 -10.55 -23.47
CA LEU D 357 -39.48 -11.87 -22.93
C LEU D 357 -38.68 -12.95 -23.66
N SER D 358 -38.26 -13.99 -22.92
CA SER D 358 -37.52 -15.12 -23.50
C SER D 358 -38.41 -15.98 -24.39
N PRO D 359 -37.81 -16.71 -25.35
CA PRO D 359 -38.57 -17.49 -26.33
C PRO D 359 -39.55 -18.50 -25.70
N ASP D 360 -39.25 -18.99 -24.50
CA ASP D 360 -40.12 -19.96 -23.84
C ASP D 360 -41.11 -19.26 -22.92
N GLY D 361 -41.02 -17.94 -22.87
CA GLY D 361 -41.96 -17.15 -22.09
C GLY D 361 -41.91 -17.30 -20.59
N ARG D 362 -40.84 -17.89 -20.07
CA ARG D 362 -40.67 -18.03 -18.62
C ARG D 362 -39.87 -16.93 -17.93
N ILE D 363 -39.17 -16.10 -18.72
CA ILE D 363 -38.22 -15.15 -18.18
C ILE D 363 -38.36 -13.79 -18.83
N LEU D 364 -38.63 -12.78 -18.02
CA LEU D 364 -38.66 -11.43 -18.53
C LEU D 364 -37.33 -10.76 -18.27
N SER D 365 -36.72 -10.19 -19.30
CA SER D 365 -35.54 -9.37 -19.10
C SER D 365 -35.95 -7.91 -19.11
N THR D 366 -35.39 -7.13 -18.18
CA THR D 366 -35.59 -5.68 -18.16
C THR D 366 -34.25 -4.96 -18.08
N ALA D 367 -34.17 -3.76 -18.63
CA ALA D 367 -32.95 -2.95 -18.52
C ALA D 367 -33.30 -1.50 -18.25
N ALA D 368 -32.37 -0.78 -17.65
CA ALA D 368 -32.62 0.60 -17.24
C ALA D 368 -31.28 1.31 -17.07
N SER D 369 -31.34 2.64 -17.01
CA SER D 369 -30.16 3.50 -16.80
C SER D 369 -29.48 3.31 -15.43
N ASP D 370 -29.99 2.41 -14.59
CA ASP D 370 -29.24 2.03 -13.41
C ASP D 370 -28.15 1.03 -13.81
N GLU D 371 -28.07 0.76 -15.12
CA GLU D 371 -27.02 -0.10 -15.70
C GLU D 371 -27.10 -1.56 -15.28
N ASN D 372 -28.29 -2.00 -14.93
CA ASN D 372 -28.54 -3.41 -14.69
C ASN D 372 -29.49 -4.01 -15.73
N LEU D 373 -29.08 -5.15 -16.25
CA LEU D 373 -29.91 -5.96 -17.13
C LEU D 373 -30.33 -7.16 -16.29
N LYS D 374 -31.59 -7.18 -15.91
CA LYS D 374 -32.11 -8.14 -14.92
C LYS D 374 -33.03 -9.17 -15.57
N PHE D 375 -33.01 -10.38 -15.00
CA PHE D 375 -33.80 -11.50 -15.48
C PHE D 375 -34.74 -11.99 -14.37
N TRP D 376 -36.03 -11.91 -14.65
CA TRP D 376 -37.08 -12.19 -13.70
C TRP D 376 -37.80 -13.46 -14.12
N ARG D 377 -38.05 -14.35 -13.17
CA ARG D 377 -38.74 -15.59 -13.51
C ARG D 377 -40.20 -15.29 -13.36
N VAL D 378 -40.89 -15.17 -14.49
CA VAL D 378 -42.30 -14.80 -14.46
C VAL D 378 -43.26 -15.97 -14.62
N TYR D 379 -42.74 -17.14 -14.93
CA TYR D 379 -43.57 -18.33 -15.08
C TYR D 379 -42.89 -19.58 -14.54
N ASP D 380 -43.53 -20.26 -13.60
CA ASP D 380 -42.97 -21.48 -13.00
C ASP D 380 -41.45 -21.43 -12.85
N GLY E 14 -68.32 33.18 -38.06
CA GLY E 14 -67.98 31.79 -38.32
C GLY E 14 -66.64 31.40 -37.73
N SER E 15 -65.60 32.11 -38.12
CA SER E 15 -64.25 31.84 -37.60
C SER E 15 -64.14 32.31 -36.15
N SER E 16 -64.73 33.46 -35.86
CA SER E 16 -64.74 34.02 -34.51
C SER E 16 -65.41 33.06 -33.53
N LYS E 17 -66.41 32.33 -34.03
CA LYS E 17 -67.13 31.34 -33.24
C LYS E 17 -66.25 30.13 -32.93
N LEU E 18 -65.61 29.58 -33.95
CA LEU E 18 -64.73 28.44 -33.76
C LEU E 18 -63.63 28.81 -32.77
N VAL E 19 -63.15 30.05 -32.88
CA VAL E 19 -62.10 30.56 -31.99
C VAL E 19 -62.57 30.70 -30.55
N SER E 20 -63.72 31.34 -30.36
CA SER E 20 -64.28 31.51 -29.02
C SER E 20 -64.52 30.15 -28.36
N GLU E 21 -65.06 29.22 -29.14
CA GLU E 21 -65.33 27.86 -28.69
C GLU E 21 -64.03 27.19 -28.26
N PHE E 22 -63.00 27.33 -29.09
CA PHE E 22 -61.68 26.82 -28.74
C PHE E 22 -61.23 27.43 -27.41
N PHE E 23 -61.53 28.70 -27.20
CA PHE E 23 -61.17 29.36 -25.94
C PHE E 23 -61.92 28.77 -24.76
N GLU E 24 -63.17 28.36 -24.99
CA GLU E 24 -63.92 27.67 -23.96
C GLU E 24 -63.25 26.36 -23.59
N TYR E 25 -63.07 25.48 -24.59
CA TYR E 25 -62.47 24.17 -24.33
C TYR E 25 -61.10 24.30 -23.69
N ALA E 26 -60.31 25.25 -24.19
CA ALA E 26 -58.97 25.49 -23.68
C ALA E 26 -59.00 25.93 -22.22
N VAL E 27 -59.81 26.94 -21.93
CA VAL E 27 -59.94 27.42 -20.55
C VAL E 27 -60.35 26.27 -19.63
N ASN E 28 -61.32 25.47 -20.06
CA ASN E 28 -61.72 24.26 -19.32
C ASN E 28 -60.56 23.30 -19.07
N SER E 29 -59.78 23.05 -20.12
CA SER E 29 -58.64 22.15 -20.03
C SER E 29 -57.59 22.65 -19.05
N ILE E 30 -57.30 23.94 -19.07
CA ILE E 30 -56.29 24.49 -18.15
C ILE E 30 -56.83 24.52 -16.72
N LEU E 31 -58.12 24.76 -16.58
CA LEU E 31 -58.77 24.68 -15.27
C LEU E 31 -58.59 23.28 -14.67
N PHE E 32 -58.88 22.26 -15.47
CA PHE E 32 -58.79 20.88 -15.02
C PHE E 32 -57.34 20.43 -14.78
N GLN E 33 -56.47 20.70 -15.73
CA GLN E 33 -55.09 20.22 -15.71
C GLN E 33 -54.26 20.89 -14.63
N ARG E 34 -54.64 22.11 -14.26
CA ARG E 34 -53.96 22.85 -13.20
C ARG E 34 -54.68 22.70 -11.87
N GLY E 35 -55.72 21.87 -11.86
CA GLY E 35 -56.39 21.47 -10.64
C GLY E 35 -57.16 22.57 -9.90
N ILE E 36 -57.65 23.56 -10.62
CA ILE E 36 -58.44 24.62 -10.00
C ILE E 36 -59.75 24.03 -9.44
N TYR E 37 -60.18 22.93 -10.05
CA TYR E 37 -61.37 22.22 -9.59
C TYR E 37 -61.10 20.72 -9.61
N PRO E 38 -61.84 19.96 -8.78
CA PRO E 38 -61.65 18.51 -8.71
C PRO E 38 -61.92 17.85 -10.07
N ALA E 39 -61.21 16.76 -10.35
CA ALA E 39 -61.37 16.04 -11.61
C ALA E 39 -62.80 15.48 -11.76
N GLU E 40 -63.47 15.30 -10.63
CA GLU E 40 -64.84 14.78 -10.62
C GLU E 40 -65.83 15.82 -11.12
N ASP E 41 -65.38 17.07 -11.23
CA ASP E 41 -66.22 18.16 -11.71
C ASP E 41 -66.14 18.30 -13.22
N PHE E 42 -65.43 17.38 -13.87
CA PHE E 42 -65.25 17.44 -15.31
C PHE E 42 -65.73 16.18 -16.03
N LYS E 43 -66.41 16.38 -17.15
CA LYS E 43 -66.90 15.29 -17.98
C LYS E 43 -66.18 15.26 -19.33
N VAL E 44 -66.05 14.07 -19.92
CA VAL E 44 -65.40 13.93 -21.21
C VAL E 44 -66.40 14.06 -22.37
N VAL E 45 -66.14 15.02 -23.25
CA VAL E 45 -66.96 15.23 -24.43
C VAL E 45 -66.07 15.13 -25.67
N ARG E 46 -66.60 14.60 -26.75
CA ARG E 46 -65.82 14.45 -27.97
C ARG E 46 -65.76 15.75 -28.76
N LYS E 47 -64.56 16.28 -28.96
CA LYS E 47 -64.37 17.44 -29.82
C LYS E 47 -62.99 17.49 -30.44
N TYR E 48 -62.92 18.02 -31.66
CA TYR E 48 -61.67 18.08 -32.40
C TYR E 48 -61.12 16.68 -32.63
N GLY E 49 -62.01 15.69 -32.62
CA GLY E 49 -61.62 14.30 -32.76
C GLY E 49 -60.89 13.79 -31.53
N LEU E 50 -60.86 14.59 -30.47
CA LEU E 50 -60.21 14.19 -29.22
C LEU E 50 -61.22 14.03 -28.09
N ASN E 51 -60.72 13.61 -26.93
CA ASN E 51 -61.51 13.59 -25.71
C ASN E 51 -61.21 14.85 -24.90
N MET E 52 -62.20 15.73 -24.79
CA MET E 52 -62.01 17.03 -24.14
C MET E 52 -62.69 17.07 -22.78
N LEU E 53 -62.09 17.84 -21.87
CA LEU E 53 -62.65 18.01 -20.53
C LEU E 53 -63.54 19.26 -20.43
N VAL E 54 -64.82 19.03 -20.17
CA VAL E 54 -65.77 20.12 -19.96
C VAL E 54 -66.39 19.99 -18.57
N SER E 55 -66.22 21.03 -17.75
CA SER E 55 -66.77 21.03 -16.40
C SER E 55 -68.28 20.80 -16.40
N VAL E 56 -68.76 20.02 -15.44
CA VAL E 56 -70.19 19.78 -15.31
C VAL E 56 -70.82 20.69 -14.26
N ASP E 57 -69.99 21.50 -13.60
CA ASP E 57 -70.47 22.38 -12.53
C ASP E 57 -71.12 23.65 -13.09
N GLU E 58 -72.35 23.89 -12.69
CA GLU E 58 -73.16 24.97 -13.26
C GLU E 58 -72.59 26.37 -13.03
N GLU E 59 -71.98 26.59 -11.85
CA GLU E 59 -71.35 27.87 -11.55
C GLU E 59 -70.20 28.18 -12.52
N VAL E 60 -69.22 27.28 -12.58
CA VAL E 60 -68.12 27.45 -13.53
C VAL E 60 -68.64 27.40 -14.96
N LYS E 61 -69.67 26.60 -15.19
CA LYS E 61 -70.27 26.50 -16.53
C LYS E 61 -70.79 27.84 -17.05
N THR E 62 -71.62 28.52 -16.26
CA THR E 62 -72.18 29.80 -16.69
C THR E 62 -71.17 30.95 -16.54
N TYR E 63 -70.19 30.77 -15.66
CA TYR E 63 -69.11 31.74 -15.53
C TYR E 63 -68.33 31.80 -16.85
N ILE E 64 -67.84 30.64 -17.28
CA ILE E 64 -67.13 30.53 -18.53
C ILE E 64 -68.05 30.86 -19.71
N ARG E 65 -69.32 30.53 -19.58
CA ARG E 65 -70.28 30.81 -20.65
C ARG E 65 -70.41 32.31 -20.87
N LYS E 66 -70.46 33.07 -19.77
CA LYS E 66 -70.52 34.53 -19.82
C LYS E 66 -69.26 35.09 -20.44
N ILE E 67 -68.12 34.73 -19.84
CA ILE E 67 -66.83 35.19 -20.34
C ILE E 67 -66.69 34.94 -21.85
N VAL E 68 -67.06 33.73 -22.27
CA VAL E 68 -66.92 33.30 -23.66
C VAL E 68 -67.92 33.98 -24.59
N SER E 69 -69.10 34.30 -24.07
CA SER E 69 -70.05 35.09 -24.85
C SER E 69 -69.39 36.41 -25.18
N GLN E 70 -68.90 37.10 -24.15
CA GLN E 70 -68.26 38.39 -24.38
C GLN E 70 -67.09 38.27 -25.35
N LEU E 71 -66.26 37.28 -25.10
CA LEU E 71 -65.09 36.99 -25.93
C LEU E 71 -65.47 36.86 -27.41
N HIS E 72 -66.51 36.08 -27.67
CA HIS E 72 -66.99 35.88 -29.04
C HIS E 72 -67.45 37.20 -29.63
N LYS E 73 -68.17 37.99 -28.83
CA LYS E 73 -68.57 39.33 -29.25
C LYS E 73 -67.36 40.13 -29.73
N TRP E 74 -66.31 40.17 -28.92
CA TRP E 74 -65.10 40.91 -29.28
C TRP E 74 -64.35 40.29 -30.47
N MET E 75 -64.57 39.00 -30.71
CA MET E 75 -63.98 38.31 -31.85
C MET E 75 -64.63 38.77 -33.15
N PHE E 76 -65.96 38.78 -33.19
CA PHE E 76 -66.69 39.22 -34.38
C PHE E 76 -66.33 40.65 -34.78
N ALA E 77 -66.18 41.53 -33.80
CA ALA E 77 -65.91 42.94 -34.07
C ALA E 77 -64.43 43.24 -34.32
N LYS E 78 -63.60 42.20 -34.23
CA LYS E 78 -62.16 42.34 -34.44
C LYS E 78 -61.54 43.27 -33.40
N LYS E 79 -62.11 43.24 -32.20
CA LYS E 79 -61.61 44.04 -31.09
C LYS E 79 -60.42 43.41 -30.35
N ILE E 80 -60.50 42.10 -30.15
CA ILE E 80 -59.58 41.41 -29.22
C ILE E 80 -58.24 40.96 -29.80
N GLN E 81 -57.18 41.53 -29.25
CA GLN E 81 -55.80 41.18 -29.57
C GLN E 81 -55.26 39.96 -28.80
N LYS E 82 -55.61 39.86 -27.52
CA LYS E 82 -55.08 38.78 -26.70
C LYS E 82 -56.05 38.29 -25.63
N LEU E 83 -55.87 37.05 -25.21
CA LEU E 83 -56.58 36.49 -24.07
C LEU E 83 -55.60 36.00 -23.00
N ILE E 84 -55.72 36.55 -21.80
CA ILE E 84 -54.75 36.29 -20.72
C ILE E 84 -55.37 35.51 -19.58
N LEU E 85 -54.80 34.33 -19.29
CA LEU E 85 -55.26 33.52 -18.18
C LEU E 85 -54.22 33.53 -17.06
N VAL E 86 -54.55 34.20 -15.96
CA VAL E 86 -53.61 34.35 -14.85
C VAL E 86 -54.02 33.53 -13.63
N ILE E 87 -53.06 32.79 -13.08
CA ILE E 87 -53.34 31.98 -11.91
C ILE E 87 -52.54 32.46 -10.70
N THR E 88 -53.26 32.71 -9.60
CA THR E 88 -52.69 33.41 -8.46
C THR E 88 -53.07 32.76 -7.13
N SER E 89 -52.08 32.39 -6.34
CA SER E 89 -52.32 31.89 -4.99
C SER E 89 -52.82 33.02 -4.11
N LYS E 90 -53.80 32.72 -3.27
CA LYS E 90 -54.36 33.73 -2.37
C LYS E 90 -53.37 34.12 -1.28
N CYS E 91 -52.69 33.13 -0.73
CA CYS E 91 -51.70 33.37 0.32
C CYS E 91 -50.56 34.25 -0.17
N SER E 92 -49.89 33.79 -1.23
CA SER E 92 -48.78 34.55 -1.81
C SER E 92 -49.26 35.92 -2.27
N GLY E 93 -50.48 35.98 -2.79
CA GLY E 93 -51.03 37.22 -3.31
C GLY E 93 -50.40 37.61 -4.63
N GLU E 94 -49.72 36.66 -5.26
CA GLU E 94 -49.01 36.92 -6.51
C GLU E 94 -49.39 35.91 -7.59
N ASP E 95 -49.35 36.34 -8.84
CA ASP E 95 -49.61 35.45 -9.95
C ASP E 95 -48.37 34.59 -10.16
N LEU E 96 -48.54 33.27 -10.08
CA LEU E 96 -47.40 32.36 -10.30
C LEU E 96 -47.28 31.81 -11.72
N GLU E 97 -48.31 32.00 -12.54
CA GLU E 97 -48.36 31.41 -13.86
C GLU E 97 -49.23 32.28 -14.76
N ARG E 98 -48.84 32.45 -16.02
CA ARG E 98 -49.58 33.33 -16.93
C ARG E 98 -49.74 32.76 -18.33
N TRP E 99 -50.97 32.66 -18.80
CA TRP E 99 -51.23 32.15 -20.15
C TRP E 99 -51.72 33.24 -21.10
N GLN E 100 -50.92 33.52 -22.13
CA GLN E 100 -51.24 34.49 -23.18
C GLN E 100 -51.75 33.78 -24.42
N PHE E 101 -52.97 34.07 -24.84
CA PHE E 101 -53.44 33.58 -26.14
C PHE E 101 -53.40 34.70 -27.17
N ASN E 102 -52.49 34.57 -28.14
CA ASN E 102 -52.29 35.57 -29.17
C ASN E 102 -53.16 35.39 -30.40
N VAL E 103 -53.75 36.51 -30.84
CA VAL E 103 -54.67 36.53 -31.96
C VAL E 103 -54.10 37.35 -33.12
N GLU E 104 -53.92 36.69 -34.26
CA GLU E 104 -53.44 37.36 -35.46
C GLU E 104 -54.46 37.22 -36.59
N MET E 105 -54.34 38.07 -37.60
CA MET E 105 -55.26 38.06 -38.73
C MET E 105 -54.65 37.40 -39.96
N ASP E 120 -59.97 25.27 -44.87
CA ASP E 120 -60.18 23.83 -44.75
C ASP E 120 -60.32 23.41 -43.30
N GLU E 121 -61.39 22.70 -42.98
CA GLU E 121 -61.69 22.31 -41.60
C GLU E 121 -60.72 21.27 -41.02
N LEU E 122 -60.42 20.24 -41.82
CA LEU E 122 -59.57 19.14 -41.36
C LEU E 122 -58.19 19.63 -40.92
N ARG E 123 -57.58 20.48 -41.73
CA ARG E 123 -56.29 21.06 -41.42
C ARG E 123 -56.36 21.79 -40.07
N VAL E 124 -57.40 22.60 -39.89
CA VAL E 124 -57.58 23.35 -38.66
C VAL E 124 -57.72 22.42 -37.44
N GLN E 125 -58.50 21.36 -37.58
CA GLN E 125 -58.70 20.42 -36.49
C GLN E 125 -57.38 19.74 -36.13
N LYS E 126 -56.56 19.46 -37.14
CA LYS E 126 -55.26 18.83 -36.90
C LYS E 126 -54.33 19.79 -36.16
N GLU E 127 -54.28 21.04 -36.63
CA GLU E 127 -53.43 22.04 -36.00
C GLU E 127 -53.84 22.24 -34.53
N ILE E 128 -55.16 22.31 -34.32
CA ILE E 128 -55.73 22.45 -32.98
C ILE E 128 -55.31 21.28 -32.10
N GLN E 129 -55.52 20.07 -32.60
CA GLN E 129 -55.07 18.85 -31.90
C GLN E 129 -53.60 18.94 -31.48
N ALA E 130 -52.76 19.40 -32.39
CA ALA E 130 -51.33 19.51 -32.07
C ALA E 130 -51.09 20.55 -30.97
N LEU E 131 -51.81 21.66 -31.03
CA LEU E 131 -51.71 22.71 -30.01
C LEU E 131 -52.05 22.15 -28.65
N ILE E 132 -53.24 21.56 -28.56
CA ILE E 132 -53.71 20.94 -27.32
C ILE E 132 -52.64 19.99 -26.80
N ALA E 133 -52.19 19.10 -27.67
CA ALA E 133 -51.12 18.17 -27.32
C ALA E 133 -49.97 18.94 -26.69
N GLN E 134 -49.67 20.12 -27.23
CA GLN E 134 -48.58 20.93 -26.66
C GLN E 134 -48.88 21.47 -25.27
N ILE E 135 -50.09 21.99 -25.05
CA ILE E 135 -50.51 22.44 -23.73
C ILE E 135 -50.36 21.34 -22.66
N THR E 136 -50.96 20.20 -22.95
CA THR E 136 -50.85 19.04 -22.07
C THR E 136 -49.38 18.70 -21.87
N ALA E 137 -48.59 18.88 -22.92
CA ALA E 137 -47.14 18.70 -22.82
C ALA E 137 -46.51 19.69 -21.86
N THR E 138 -47.00 20.93 -21.87
CA THR E 138 -46.49 21.99 -21.00
C THR E 138 -46.71 21.67 -19.52
N VAL E 139 -47.84 21.04 -19.22
CA VAL E 139 -48.22 20.74 -17.85
C VAL E 139 -47.16 19.83 -17.23
N THR E 140 -46.53 19.02 -18.06
CA THR E 140 -45.52 18.09 -17.59
C THR E 140 -44.34 18.78 -16.90
N PHE E 141 -43.89 19.92 -17.44
CA PHE E 141 -42.77 20.62 -16.80
C PHE E 141 -43.17 21.81 -15.92
N LEU E 142 -44.45 22.08 -15.78
CA LEU E 142 -44.88 23.18 -14.91
C LEU E 142 -44.81 22.78 -13.44
N PRO E 143 -44.55 23.76 -12.55
CA PRO E 143 -44.50 23.51 -11.11
C PRO E 143 -45.83 22.97 -10.61
N GLN E 144 -45.82 22.23 -9.51
CA GLN E 144 -47.07 21.82 -8.89
C GLN E 144 -47.58 22.99 -8.09
N LEU E 145 -48.89 23.23 -8.15
CA LEU E 145 -49.44 24.32 -7.37
C LEU E 145 -49.67 23.77 -5.96
N GLU E 146 -48.92 24.33 -5.01
CA GLU E 146 -48.97 23.87 -3.62
C GLU E 146 -50.10 24.50 -2.82
N GLU E 147 -50.44 25.74 -3.15
CA GLU E 147 -51.46 26.47 -2.40
C GLU E 147 -52.80 26.44 -3.11
N GLN E 148 -53.80 27.08 -2.49
CA GLN E 148 -55.12 27.20 -3.10
C GLN E 148 -55.13 28.44 -4.01
N CYS E 149 -55.34 28.21 -5.30
CA CYS E 149 -55.21 29.28 -6.28
C CYS E 149 -56.56 29.66 -6.87
N THR E 150 -56.79 30.97 -7.03
CA THR E 150 -57.98 31.44 -7.71
C THR E 150 -57.66 31.61 -9.18
N PHE E 151 -58.66 31.96 -9.98
CA PHE E 151 -58.51 32.00 -11.42
C PHE E 151 -58.91 33.37 -11.96
N ASN E 152 -57.95 34.06 -12.58
CA ASN E 152 -58.18 35.39 -13.11
C ASN E 152 -58.06 35.43 -14.63
N VAL E 153 -58.79 36.35 -15.27
CA VAL E 153 -58.79 36.46 -16.72
C VAL E 153 -58.74 37.91 -17.20
N LEU E 154 -57.79 38.20 -18.09
CA LEU E 154 -57.66 39.52 -18.69
C LEU E 154 -57.66 39.46 -20.23
N VAL E 155 -57.95 40.59 -20.86
CA VAL E 155 -58.02 40.65 -22.32
C VAL E 155 -57.28 41.87 -22.86
N TYR E 156 -56.68 41.73 -24.04
CA TYR E 156 -56.14 42.87 -24.76
C TYR E 156 -57.12 43.24 -25.87
N ALA E 157 -57.38 44.53 -26.03
CA ALA E 157 -58.34 44.99 -27.02
C ALA E 157 -57.89 46.30 -27.65
N ASP E 158 -58.53 46.66 -28.75
CA ASP E 158 -58.32 47.97 -29.34
C ASP E 158 -58.57 49.04 -28.29
N LYS E 159 -57.75 50.09 -28.32
CA LYS E 159 -57.85 51.18 -27.35
C LYS E 159 -59.30 51.64 -27.24
N ASP E 160 -59.99 51.66 -28.38
CA ASP E 160 -61.41 51.92 -28.41
C ASP E 160 -62.17 50.62 -28.65
N SER E 161 -62.85 50.13 -27.62
CA SER E 161 -63.56 48.86 -27.68
C SER E 161 -64.78 48.90 -26.76
N GLU E 162 -65.86 48.24 -27.16
CA GLU E 162 -67.09 48.29 -26.38
C GLU E 162 -67.02 47.34 -25.17
N VAL E 163 -67.11 47.93 -23.98
CA VAL E 163 -66.88 47.21 -22.73
C VAL E 163 -68.13 47.01 -21.87
N PRO E 164 -68.46 45.75 -21.52
CA PRO E 164 -69.57 45.42 -20.63
C PRO E 164 -69.39 46.04 -19.24
N THR E 165 -70.50 46.12 -18.47
CA THR E 165 -70.45 46.69 -17.13
C THR E 165 -69.60 45.85 -16.19
N ASP E 166 -69.35 44.60 -16.57
CA ASP E 166 -68.50 43.71 -15.79
C ASP E 166 -67.03 44.04 -16.00
N TRP E 167 -66.55 43.79 -17.21
CA TRP E 167 -65.15 43.98 -17.57
C TRP E 167 -64.66 45.39 -17.25
N VAL E 168 -63.52 45.47 -16.55
CA VAL E 168 -62.97 46.76 -16.16
C VAL E 168 -61.49 46.86 -16.51
N ASP E 169 -60.96 48.08 -16.40
CA ASP E 169 -59.53 48.31 -16.63
C ASP E 169 -58.68 47.58 -15.59
N SER E 170 -57.53 47.07 -16.02
CA SER E 170 -56.65 46.36 -15.11
C SER E 170 -55.21 46.37 -15.59
N ASP E 171 -54.28 46.14 -14.65
CA ASP E 171 -52.86 46.08 -14.96
C ASP E 171 -52.53 44.77 -15.68
N PRO E 172 -51.39 44.75 -16.39
CA PRO E 172 -51.06 43.60 -17.24
C PRO E 172 -50.84 42.32 -16.44
N ARG E 173 -50.49 42.47 -15.16
CA ARG E 173 -50.22 41.34 -14.29
C ARG E 173 -49.27 40.35 -14.95
N ILE E 174 -48.27 40.88 -15.66
CA ILE E 174 -47.26 40.05 -16.29
C ILE E 174 -46.26 39.56 -15.25
N LEU E 175 -45.71 38.37 -15.47
CA LEU E 175 -44.79 37.74 -14.51
C LEU E 175 -43.34 38.15 -14.76
N ARG E 176 -42.72 38.74 -13.74
CA ARG E 176 -41.34 39.24 -13.84
C ARG E 176 -40.31 38.18 -13.44
N ASP E 177 -39.20 38.14 -14.17
CA ASP E 177 -38.13 37.19 -13.91
C ASP E 177 -38.65 35.76 -13.91
N ALA E 178 -39.04 35.26 -15.08
CA ALA E 178 -39.67 33.95 -15.17
C ALA E 178 -39.15 33.09 -16.31
N GLU E 179 -39.67 31.87 -16.37
CA GLU E 179 -39.47 31.00 -17.52
C GLU E 179 -40.57 31.33 -18.52
N GLN E 180 -40.20 31.35 -19.79
CA GLN E 180 -41.13 31.72 -20.85
C GLN E 180 -41.09 30.69 -21.97
N VAL E 181 -42.24 30.12 -22.30
CA VAL E 181 -42.29 29.16 -23.38
C VAL E 181 -43.33 29.53 -24.43
N GLN E 182 -42.93 29.41 -25.68
CA GLN E 182 -43.78 29.74 -26.82
C GLN E 182 -44.40 28.46 -27.38
N LEU E 183 -45.68 28.53 -27.69
CA LEU E 183 -46.44 27.35 -28.12
C LEU E 183 -46.92 27.45 -29.56
N ARG E 184 -47.23 26.30 -30.13
CA ARG E 184 -47.59 26.16 -31.55
C ARG E 184 -48.83 26.96 -31.86
N SER E 185 -49.02 27.23 -33.15
CA SER E 185 -50.13 28.04 -33.63
C SER E 185 -51.07 27.19 -34.47
N PHE E 186 -52.31 27.64 -34.62
CA PHE E 186 -53.17 27.17 -35.71
C PHE E 186 -53.81 28.36 -36.42
N SER E 187 -54.03 28.21 -37.73
CA SER E 187 -54.47 29.35 -38.54
C SER E 187 -55.63 29.01 -39.45
N THR E 188 -56.76 29.66 -39.22
CA THR E 188 -57.90 29.52 -40.12
C THR E 188 -57.78 30.55 -41.24
N SER E 189 -58.84 30.68 -42.04
CA SER E 189 -58.83 31.64 -43.14
C SER E 189 -58.54 33.07 -42.67
N MET E 190 -59.36 33.56 -41.75
CA MET E 190 -59.23 34.93 -41.26
C MET E 190 -58.48 35.08 -39.92
N HIS E 191 -58.04 33.97 -39.34
CA HIS E 191 -57.41 34.05 -38.03
C HIS E 191 -56.24 33.07 -37.83
N LYS E 192 -55.26 33.52 -37.06
CA LYS E 192 -54.16 32.66 -36.63
C LYS E 192 -53.93 32.80 -35.13
N ILE E 193 -54.16 31.72 -34.40
CA ILE E 193 -54.08 31.76 -32.94
C ILE E 193 -52.81 31.05 -32.47
N ASP E 194 -52.08 31.67 -31.55
CA ASP E 194 -50.95 31.00 -30.88
C ASP E 194 -51.04 31.22 -29.37
N CYS E 195 -50.07 30.71 -28.62
CA CYS E 195 -50.08 30.89 -27.18
C CYS E 195 -48.68 30.93 -26.54
N GLN E 196 -48.49 31.80 -25.55
CA GLN E 196 -47.28 31.86 -24.76
C GLN E 196 -47.62 31.56 -23.31
N VAL E 197 -46.68 31.00 -22.56
CA VAL E 197 -46.92 30.79 -21.13
C VAL E 197 -45.69 31.13 -20.32
N ALA E 198 -45.89 31.84 -19.21
CA ALA E 198 -44.80 32.16 -18.30
C ALA E 198 -45.06 31.54 -16.94
N TYR E 199 -43.99 31.19 -16.23
CA TYR E 199 -44.11 30.57 -14.90
C TYR E 199 -42.81 30.73 -14.13
N ARG E 200 -42.87 30.54 -12.82
CA ARG E 200 -41.65 30.59 -12.01
C ARG E 200 -41.32 29.20 -11.45
N VAL E 201 -40.03 28.91 -11.34
CA VAL E 201 -39.62 27.60 -10.83
C VAL E 201 -39.47 27.68 -9.31
N ASN E 202 -40.41 27.04 -8.62
CA ASN E 202 -40.59 27.19 -7.18
C ASN E 202 -41.41 26.03 -6.63
N TRP F 10 -37.28 32.92 -26.23
CA TRP F 10 -38.54 32.23 -26.04
C TRP F 10 -38.48 30.79 -26.52
N VAL F 11 -38.18 29.89 -25.59
CA VAL F 11 -38.15 28.46 -25.87
C VAL F 11 -39.50 27.97 -26.42
N HIS F 12 -39.45 27.20 -27.51
CA HIS F 12 -40.66 26.80 -28.22
C HIS F 12 -41.10 25.40 -27.82
N MET F 13 -42.41 25.20 -27.69
CA MET F 13 -42.95 23.88 -27.33
C MET F 13 -42.60 22.79 -28.36
N ASP F 14 -42.50 23.16 -29.63
CA ASP F 14 -42.15 22.20 -30.67
C ASP F 14 -40.93 21.37 -30.27
N VAL F 15 -39.96 22.02 -29.63
CA VAL F 15 -38.72 21.38 -29.24
C VAL F 15 -38.83 20.54 -27.97
N ILE F 16 -39.57 21.02 -26.99
CA ILE F 16 -39.71 20.34 -25.71
C ILE F 16 -40.62 19.10 -25.83
N GLU F 17 -41.67 19.22 -26.62
CA GLU F 17 -42.64 18.14 -26.75
C GLU F 17 -42.00 16.89 -27.29
N GLN F 18 -41.04 17.07 -28.19
CA GLN F 18 -40.33 15.93 -28.76
C GLN F 18 -39.65 15.08 -27.67
N SER F 19 -39.22 15.74 -26.60
CA SER F 19 -38.62 15.05 -25.47
C SER F 19 -39.56 14.88 -24.27
N LYS F 20 -40.84 15.18 -24.47
CA LYS F 20 -41.77 15.22 -23.33
C LYS F 20 -41.80 13.98 -22.44
N GLU F 21 -41.56 12.79 -23.00
CA GLU F 21 -41.64 11.57 -22.20
C GLU F 21 -40.36 11.31 -21.37
N ASN F 22 -39.38 12.20 -21.48
CA ASN F 22 -38.21 12.14 -20.61
C ASN F 22 -38.25 13.13 -19.44
N ILE F 23 -39.37 13.84 -19.32
CA ILE F 23 -39.49 14.88 -18.31
C ILE F 23 -40.12 14.35 -17.02
N GLU F 24 -39.31 14.29 -15.97
CA GLU F 24 -39.79 13.85 -14.67
C GLU F 24 -40.73 14.88 -14.07
N PRO F 25 -41.93 14.47 -13.64
CA PRO F 25 -42.77 15.45 -12.96
C PRO F 25 -42.12 15.89 -11.64
N ARG F 26 -41.98 17.19 -11.45
CA ARG F 26 -41.30 17.71 -10.26
C ARG F 26 -42.14 18.81 -9.67
N LYS F 27 -42.25 18.81 -8.35
CA LYS F 27 -42.94 19.87 -7.64
C LYS F 27 -42.48 21.25 -8.12
N ALA F 28 -41.16 21.42 -8.22
CA ALA F 28 -40.56 22.70 -8.58
C ALA F 28 -40.68 23.06 -10.07
N GLY F 29 -41.05 22.09 -10.91
CA GLY F 29 -41.11 22.31 -12.34
C GLY F 29 -39.72 22.24 -12.94
N HIS F 30 -39.61 22.58 -14.23
CA HIS F 30 -38.33 22.54 -14.94
C HIS F 30 -38.04 23.89 -15.56
N SER F 31 -36.76 24.17 -15.79
CA SER F 31 -36.38 25.38 -16.49
C SER F 31 -36.61 25.20 -18.01
N ALA F 32 -37.24 26.21 -18.62
CA ALA F 32 -37.51 26.22 -20.05
C ALA F 32 -36.24 26.06 -20.90
N SER F 33 -35.27 26.94 -20.68
CA SER F 33 -34.03 26.91 -21.44
C SER F 33 -33.28 25.60 -21.23
N ALA F 34 -33.38 25.06 -20.02
CA ALA F 34 -32.79 23.77 -19.71
C ALA F 34 -33.43 22.68 -20.57
N LEU F 35 -34.74 22.70 -20.67
CA LEU F 35 -35.46 21.71 -21.47
C LEU F 35 -35.18 21.86 -22.96
N ALA F 36 -35.03 23.10 -23.41
CA ALA F 36 -34.69 23.33 -24.81
C ALA F 36 -33.33 22.69 -25.07
N LYS F 37 -32.39 22.94 -24.16
CA LYS F 37 -31.02 22.46 -24.31
C LYS F 37 -30.97 20.93 -24.28
N SER F 38 -31.74 20.34 -23.37
CA SER F 38 -31.68 18.91 -23.18
C SER F 38 -32.53 18.09 -24.15
N SER F 39 -33.48 18.72 -24.83
CA SER F 39 -34.29 18.00 -25.82
C SER F 39 -33.58 17.91 -27.16
N SER F 40 -32.44 18.57 -27.25
CA SER F 40 -31.57 18.55 -28.42
C SER F 40 -30.45 17.51 -28.31
N ARG F 41 -30.51 16.67 -27.28
CA ARG F 41 -29.46 15.68 -27.06
C ARG F 41 -29.21 14.84 -28.31
N ASN F 42 -27.95 14.75 -28.72
CA ASN F 42 -27.57 13.89 -29.82
C ASN F 42 -27.12 12.51 -29.33
N HIS F 43 -26.92 12.37 -28.03
CA HIS F 43 -26.38 11.13 -27.45
C HIS F 43 -24.99 10.73 -27.97
N THR F 44 -24.23 11.69 -28.50
CA THR F 44 -22.86 11.39 -28.93
C THR F 44 -21.84 11.35 -27.79
N GLU F 45 -20.75 10.65 -28.04
CA GLU F 45 -19.60 10.60 -27.13
C GLU F 45 -19.13 12.01 -26.76
N LYS F 46 -19.14 12.92 -27.73
CA LYS F 46 -18.74 14.31 -27.51
C LYS F 46 -19.63 15.01 -26.50
N GLU F 47 -20.93 14.73 -26.59
CA GLU F 47 -21.92 15.36 -25.72
C GLU F 47 -21.76 14.85 -24.29
N VAL F 48 -21.61 13.53 -24.16
CA VAL F 48 -21.36 12.91 -22.87
C VAL F 48 -20.08 13.50 -22.24
N ALA F 49 -19.06 13.70 -23.07
CA ALA F 49 -17.79 14.25 -22.59
C ALA F 49 -17.93 15.72 -22.17
N GLY F 50 -18.75 16.49 -22.88
CA GLY F 50 -18.98 17.86 -22.51
C GLY F 50 -19.65 17.92 -21.14
N LEU F 51 -20.65 17.07 -20.96
CA LEU F 51 -21.33 17.00 -19.68
C LEU F 51 -20.38 16.59 -18.55
N GLN F 52 -19.51 15.62 -18.84
CA GLN F 52 -18.52 15.14 -17.87
C GLN F 52 -17.58 16.29 -17.47
N LYS F 53 -17.13 17.03 -18.46
CA LYS F 53 -16.30 18.21 -18.26
C LYS F 53 -16.97 19.21 -17.29
N GLU F 54 -18.23 19.53 -17.56
CA GLU F 54 -18.96 20.42 -16.66
C GLU F 54 -19.10 19.87 -15.23
N ARG F 55 -19.34 18.56 -15.14
CA ARG F 55 -19.43 17.90 -13.85
C ARG F 55 -18.13 18.09 -13.07
N MET F 56 -17.00 17.86 -13.74
CA MET F 56 -15.71 18.00 -13.08
C MET F 56 -15.51 19.45 -12.64
N GLY F 57 -16.04 20.39 -13.40
CA GLY F 57 -15.97 21.79 -13.00
C GLY F 57 -16.63 21.95 -11.64
N HIS F 58 -17.83 21.39 -11.52
CA HIS F 58 -18.54 21.45 -10.25
C HIS F 58 -17.80 20.74 -9.09
N GLU F 59 -17.27 19.55 -9.35
CA GLU F 59 -16.52 18.82 -8.33
C GLU F 59 -15.32 19.63 -7.86
N ARG F 60 -14.70 20.36 -8.79
CA ARG F 60 -13.52 21.14 -8.46
C ARG F 60 -13.94 22.32 -7.59
N LYS F 61 -15.11 22.90 -7.88
CA LYS F 61 -15.65 23.91 -6.98
C LYS F 61 -15.93 23.37 -5.57
N ILE F 62 -16.47 22.15 -5.49
CA ILE F 62 -16.67 21.52 -4.17
C ILE F 62 -15.33 21.32 -3.45
N GLU F 63 -14.32 20.94 -4.22
CA GLU F 63 -13.02 20.58 -3.70
C GLU F 63 -12.31 21.79 -3.07
N THR F 64 -12.54 22.97 -3.63
CA THR F 64 -11.94 24.21 -3.13
C THR F 64 -12.89 24.99 -2.22
N SER F 65 -14.05 24.40 -1.91
CA SER F 65 -15.14 25.15 -1.29
C SER F 65 -14.90 25.66 0.15
N GLU F 66 -13.83 25.23 0.79
CA GLU F 66 -13.55 25.74 2.14
C GLU F 66 -13.10 27.20 2.08
N SER F 67 -12.82 27.70 0.89
CA SER F 67 -12.36 29.08 0.73
C SER F 67 -13.53 30.07 0.68
N LEU F 68 -14.74 29.56 0.76
CA LEU F 68 -15.95 30.37 0.52
C LEU F 68 -16.68 30.74 1.81
N ASP F 69 -17.29 31.92 1.80
CA ASP F 69 -18.22 32.32 2.85
C ASP F 69 -19.44 31.42 2.92
N ASP F 70 -20.02 31.11 1.75
CA ASP F 70 -21.27 30.36 1.68
C ASP F 70 -21.07 29.12 0.83
N PRO F 71 -20.36 28.12 1.37
CA PRO F 71 -20.01 26.93 0.60
C PRO F 71 -21.25 26.24 -0.01
N LEU F 72 -22.39 26.34 0.67
CA LEU F 72 -23.60 25.69 0.20
C LEU F 72 -23.92 26.12 -1.23
N GLN F 73 -23.58 27.35 -1.57
CA GLN F 73 -23.90 27.85 -2.90
C GLN F 73 -23.39 26.88 -3.97
N VAL F 74 -22.17 26.39 -3.79
CA VAL F 74 -21.54 25.58 -4.81
C VAL F 74 -22.33 24.29 -5.03
N TRP F 75 -22.87 23.76 -3.93
CA TRP F 75 -23.67 22.56 -4.01
C TRP F 75 -24.99 22.89 -4.71
N ILE F 76 -25.58 24.03 -4.36
CA ILE F 76 -26.84 24.42 -4.98
C ILE F 76 -26.67 24.45 -6.51
N ASP F 77 -25.66 25.18 -6.98
CA ASP F 77 -25.41 25.25 -8.42
C ASP F 77 -25.28 23.85 -8.99
N TYR F 78 -24.53 23.00 -8.29
CA TYR F 78 -24.24 21.67 -8.79
C TYR F 78 -25.56 20.91 -8.92
N ILE F 79 -26.38 20.99 -7.86
CA ILE F 79 -27.66 20.28 -7.87
C ILE F 79 -28.51 20.84 -9.01
N LYS F 80 -28.48 22.15 -9.18
CA LYS F 80 -29.30 22.78 -10.20
C LYS F 80 -28.84 22.25 -11.55
N TRP F 81 -27.51 22.21 -11.72
CA TRP F 81 -26.95 21.78 -12.98
C TRP F 81 -27.49 20.38 -13.30
N THR F 82 -27.55 19.53 -12.27
CA THR F 82 -27.92 18.15 -12.48
C THR F 82 -29.37 18.13 -12.95
N LEU F 83 -30.21 18.86 -12.23
CA LEU F 83 -31.62 18.86 -12.56
C LEU F 83 -31.82 19.42 -13.96
N ASP F 84 -30.97 20.36 -14.37
CA ASP F 84 -31.19 21.02 -15.64
C ASP F 84 -30.73 20.10 -16.75
N ASN F 85 -29.69 19.30 -16.49
CA ASN F 85 -29.13 18.51 -17.58
C ASN F 85 -29.67 17.10 -17.67
N PHE F 86 -30.40 16.70 -16.64
CA PHE F 86 -30.99 15.39 -16.59
C PHE F 86 -32.44 15.58 -16.17
N PRO F 87 -33.30 15.91 -17.14
CA PRO F 87 -34.73 16.15 -16.90
C PRO F 87 -35.43 14.91 -16.34
N GLN F 88 -34.87 13.71 -16.53
CA GLN F 88 -35.47 12.49 -15.98
C GLN F 88 -35.06 12.21 -14.52
N GLY F 89 -34.22 13.06 -13.96
CA GLY F 89 -33.79 12.89 -12.58
C GLY F 89 -32.73 11.84 -12.38
N GLU F 90 -33.01 10.84 -11.55
CA GLU F 90 -31.98 9.88 -11.15
C GLU F 90 -31.63 8.89 -12.26
N THR F 91 -30.36 8.86 -12.62
CA THR F 91 -29.76 7.79 -13.45
C THR F 91 -28.34 7.58 -12.95
N LYS F 92 -27.70 6.48 -13.34
CA LYS F 92 -26.33 6.22 -12.91
C LYS F 92 -25.48 7.42 -13.31
N THR F 93 -25.74 7.93 -14.52
CA THR F 93 -24.99 9.04 -15.07
C THR F 93 -25.29 10.39 -14.40
N SER F 94 -26.54 10.63 -14.02
CA SER F 94 -26.87 11.92 -13.41
C SER F 94 -26.31 11.99 -12.00
N GLY F 95 -26.38 10.89 -11.27
CA GLY F 95 -25.86 10.82 -9.91
C GLY F 95 -26.59 11.74 -8.96
N LEU F 96 -27.83 12.12 -9.31
CA LEU F 96 -28.60 13.09 -8.53
C LEU F 96 -28.70 12.73 -7.04
N VAL F 97 -29.11 11.50 -6.76
CA VAL F 97 -29.40 11.10 -5.38
C VAL F 97 -28.12 11.05 -4.53
N THR F 98 -27.04 10.61 -5.17
CA THR F 98 -25.74 10.61 -4.52
C THR F 98 -25.31 12.03 -4.19
N LEU F 99 -25.61 12.96 -5.09
CA LEU F 99 -25.29 14.37 -4.86
C LEU F 99 -26.06 14.87 -3.65
N LEU F 100 -27.33 14.51 -3.58
CA LEU F 100 -28.19 14.95 -2.49
C LEU F 100 -27.71 14.39 -1.14
N GLU F 101 -27.31 13.12 -1.13
CA GLU F 101 -26.72 12.51 0.05
C GLU F 101 -25.46 13.26 0.47
N ARG F 102 -24.57 13.48 -0.50
CA ARG F 102 -23.32 14.17 -0.22
C ARG F 102 -23.57 15.55 0.38
N CYS F 103 -24.53 16.26 -0.18
CA CYS F 103 -24.77 17.63 0.22
C CYS F 103 -25.40 17.73 1.60
N THR F 104 -26.43 16.91 1.84
CA THR F 104 -27.03 16.90 3.16
C THR F 104 -26.02 16.46 4.21
N ARG F 105 -25.26 15.42 3.90
CA ARG F 105 -24.21 14.93 4.80
C ARG F 105 -23.16 16.02 5.09
N GLU F 106 -22.81 16.79 4.06
CA GLU F 106 -21.72 17.77 4.15
C GLU F 106 -21.90 18.81 5.25
N PHE F 107 -23.11 19.33 5.37
CA PHE F 107 -23.41 20.41 6.30
C PHE F 107 -24.12 20.04 7.60
N VAL F 108 -24.33 18.75 7.82
CA VAL F 108 -25.07 18.29 9.00
C VAL F 108 -24.65 18.96 10.31
N ARG F 109 -23.34 19.14 10.49
CA ARG F 109 -22.83 19.79 11.71
C ARG F 109 -22.45 21.28 11.56
N ASN F 110 -22.71 21.86 10.40
CA ASN F 110 -22.35 23.26 10.16
C ASN F 110 -23.39 24.20 10.76
N PRO F 111 -23.00 24.93 11.82
CA PRO F 111 -23.98 25.74 12.57
C PRO F 111 -24.64 26.80 11.69
N LEU F 112 -23.93 27.23 10.65
CA LEU F 112 -24.42 28.30 9.79
C LEU F 112 -25.69 27.93 9.03
N TYR F 113 -25.83 26.65 8.70
CA TYR F 113 -26.98 26.19 7.90
C TYR F 113 -28.13 25.52 8.65
N LYS F 114 -28.04 25.42 9.97
CA LYS F 114 -29.07 24.74 10.75
C LYS F 114 -30.48 25.22 10.43
N ASP F 115 -30.64 26.53 10.38
CA ASP F 115 -31.91 27.15 10.00
C ASP F 115 -32.01 27.73 8.59
N ASP F 116 -31.01 27.45 7.76
CA ASP F 116 -30.97 27.97 6.39
C ASP F 116 -31.99 27.22 5.53
N VAL F 117 -32.93 27.96 4.95
CA VAL F 117 -34.03 27.35 4.19
C VAL F 117 -33.58 26.65 2.91
N ARG F 118 -32.49 27.11 2.31
CA ARG F 118 -31.96 26.45 1.12
C ARG F 118 -31.49 25.04 1.48
N TYR F 119 -30.84 24.94 2.63
CA TYR F 119 -30.35 23.66 3.12
C TYR F 119 -31.52 22.70 3.40
N LEU F 120 -32.53 23.18 4.12
CA LEU F 120 -33.71 22.34 4.36
C LEU F 120 -34.38 21.94 3.04
N ARG F 121 -34.39 22.84 2.06
CA ARG F 121 -34.95 22.50 0.75
C ARG F 121 -34.20 21.32 0.15
N ILE F 122 -32.88 21.35 0.24
CA ILE F 122 -32.11 20.21 -0.27
C ILE F 122 -32.47 18.92 0.48
N TRP F 123 -32.69 19.05 1.79
CA TRP F 123 -33.15 17.91 2.57
C TRP F 123 -34.51 17.40 2.06
N MET F 124 -35.37 18.31 1.65
CA MET F 124 -36.72 17.94 1.25
C MET F 124 -36.73 17.32 -0.13
N GLN F 125 -35.81 17.76 -0.99
CA GLN F 125 -35.61 17.09 -2.27
C GLN F 125 -35.10 15.68 -2.02
N TYR F 126 -34.24 15.53 -1.02
CA TYR F 126 -33.64 14.22 -0.74
C TYR F 126 -34.69 13.26 -0.18
N VAL F 127 -35.58 13.78 0.65
CA VAL F 127 -36.55 12.95 1.32
C VAL F 127 -37.40 12.12 0.35
N ASN F 128 -37.57 12.60 -0.88
CA ASN F 128 -38.38 11.86 -1.86
C ASN F 128 -37.82 10.48 -2.22
N TYR F 129 -36.52 10.29 -2.03
CA TYR F 129 -35.86 9.02 -2.38
C TYR F 129 -35.71 8.11 -1.17
N ILE F 130 -36.24 8.55 -0.03
CA ILE F 130 -36.11 7.81 1.22
C ILE F 130 -37.29 6.88 1.49
N ASP F 131 -36.98 5.64 1.89
CA ASP F 131 -38.01 4.64 2.18
C ASP F 131 -38.95 5.09 3.30
N GLU F 132 -38.39 5.56 4.40
CA GLU F 132 -39.20 6.03 5.52
C GLU F 132 -38.82 7.45 5.95
N PRO F 133 -39.52 8.45 5.39
CA PRO F 133 -39.34 9.87 5.70
C PRO F 133 -39.36 10.18 7.20
N VAL F 134 -40.08 9.38 7.99
CA VAL F 134 -40.12 9.59 9.43
C VAL F 134 -38.71 9.60 10.03
N GLU F 135 -37.90 8.63 9.66
CA GLU F 135 -36.53 8.55 10.14
C GLU F 135 -35.75 9.82 9.81
N LEU F 136 -36.01 10.37 8.62
CA LEU F 136 -35.36 11.59 8.18
C LEU F 136 -35.79 12.82 8.99
N PHE F 137 -37.11 13.03 9.11
CA PHE F 137 -37.61 14.15 9.91
C PHE F 137 -37.11 14.08 11.35
N SER F 138 -37.17 12.89 11.93
CA SER F 138 -36.67 12.68 13.27
C SER F 138 -35.20 13.04 13.34
N PHE F 139 -34.42 12.57 12.36
CA PHE F 139 -33.00 12.88 12.31
C PHE F 139 -32.74 14.38 12.33
N LEU F 140 -33.48 15.10 11.49
CA LEU F 140 -33.36 16.55 11.45
C LEU F 140 -33.67 17.16 12.83
N ALA F 141 -34.78 16.73 13.42
CA ALA F 141 -35.15 17.23 14.74
C ALA F 141 -34.00 17.03 15.71
N HIS F 142 -33.44 15.83 15.69
CA HIS F 142 -32.37 15.46 16.60
C HIS F 142 -31.15 16.35 16.43
N HIS F 143 -30.80 16.66 15.18
CA HIS F 143 -29.64 17.53 14.95
C HIS F 143 -30.00 19.02 14.94
N HIS F 144 -31.26 19.32 15.23
CA HIS F 144 -31.71 20.69 15.36
C HIS F 144 -31.53 21.47 14.06
N ILE F 145 -31.93 20.83 12.96
CA ILE F 145 -31.94 21.47 11.66
C ILE F 145 -33.39 21.69 11.23
N GLY F 146 -33.74 22.92 10.89
CA GLY F 146 -35.04 23.22 10.33
C GLY F 146 -36.16 23.42 11.34
N GLN F 147 -35.85 23.32 12.63
CA GLN F 147 -36.86 23.40 13.67
C GLN F 147 -37.49 24.79 13.78
N GLU F 148 -36.80 25.79 13.25
CA GLU F 148 -37.27 27.16 13.29
C GLU F 148 -38.02 27.56 12.01
N SER F 149 -38.20 26.60 11.10
CA SER F 149 -38.80 26.91 9.80
C SER F 149 -40.11 26.19 9.51
N SER F 150 -41.01 26.90 8.84
CA SER F 150 -42.31 26.37 8.48
C SER F 150 -42.24 25.19 7.52
N ILE F 151 -41.24 25.18 6.64
CA ILE F 151 -41.14 24.12 5.63
C ILE F 151 -41.01 22.74 6.26
N PHE F 152 -40.15 22.61 7.27
CA PHE F 152 -39.97 21.35 7.98
C PHE F 152 -41.32 20.80 8.48
N TYR F 153 -42.05 21.62 9.24
CA TYR F 153 -43.32 21.18 9.79
C TYR F 153 -44.35 20.93 8.70
N GLU F 154 -44.25 21.67 7.61
CA GLU F 154 -45.13 21.49 6.48
C GLU F 154 -44.98 20.10 5.89
N GLU F 155 -43.76 19.75 5.50
CA GLU F 155 -43.52 18.46 4.87
C GLU F 155 -43.72 17.30 5.86
N TYR F 156 -43.26 17.51 7.08
CA TYR F 156 -43.40 16.51 8.14
C TYR F 156 -44.87 16.21 8.41
N ALA F 157 -45.71 17.25 8.33
CA ALA F 157 -47.15 17.08 8.52
C ALA F 157 -47.78 16.44 7.31
N ASN F 158 -47.31 16.84 6.13
CA ASN F 158 -47.84 16.34 4.86
C ASN F 158 -47.59 14.86 4.69
N TYR F 159 -46.52 14.37 5.29
CA TYR F 159 -46.23 12.94 5.24
C TYR F 159 -47.33 12.15 5.97
N PHE F 160 -47.67 12.59 7.17
CA PHE F 160 -48.74 11.95 7.94
C PHE F 160 -50.07 12.10 7.22
N GLU F 161 -50.31 13.31 6.74
CA GLU F 161 -51.55 13.64 6.05
C GLU F 161 -51.80 12.72 4.86
N SER F 162 -50.82 12.69 3.95
CA SER F 162 -50.93 11.87 2.74
C SER F 162 -51.29 10.42 3.06
N ARG F 163 -50.71 9.89 4.13
CA ARG F 163 -50.89 8.49 4.49
C ARG F 163 -52.17 8.26 5.31
N GLY F 164 -52.89 9.34 5.59
CA GLY F 164 -54.19 9.24 6.23
C GLY F 164 -54.21 9.49 7.72
N LEU F 165 -53.13 10.01 8.28
CA LEU F 165 -53.12 10.34 9.70
C LEU F 165 -53.21 11.85 9.88
N PHE F 166 -54.39 12.34 10.25
CA PHE F 166 -54.59 13.77 10.50
C PHE F 166 -54.17 14.16 11.90
N GLN F 167 -54.37 13.23 12.83
CA GLN F 167 -54.08 13.45 14.24
C GLN F 167 -52.62 13.81 14.44
N LYS F 168 -51.74 12.97 13.91
CA LYS F 168 -50.31 13.18 14.04
C LYS F 168 -49.85 14.41 13.25
N ALA F 169 -50.47 14.62 12.10
CA ALA F 169 -50.17 15.81 11.29
C ALA F 169 -50.37 17.04 12.14
N ASP F 170 -51.51 17.09 12.82
CA ASP F 170 -51.78 18.18 13.75
C ASP F 170 -50.78 18.18 14.90
N GLU F 171 -50.34 16.99 15.30
CA GLU F 171 -49.34 16.89 16.36
C GLU F 171 -48.10 17.71 15.99
N VAL F 172 -47.58 17.46 14.79
CA VAL F 172 -46.39 18.17 14.35
C VAL F 172 -46.69 19.64 14.09
N TYR F 173 -47.91 19.94 13.63
CA TYR F 173 -48.30 21.34 13.46
C TYR F 173 -48.24 22.10 14.79
N GLN F 174 -48.80 21.47 15.82
CA GLN F 174 -48.79 21.96 17.18
C GLN F 174 -47.36 22.03 17.66
N LYS F 175 -46.56 21.03 17.28
CA LYS F 175 -45.14 21.05 17.63
C LYS F 175 -44.55 22.27 16.97
N GLY F 176 -44.97 22.53 15.73
CA GLY F 176 -44.57 23.72 15.01
C GLY F 176 -45.09 24.95 15.74
N LYS F 177 -46.34 24.89 16.18
CA LYS F 177 -46.92 26.08 16.73
C LYS F 177 -46.11 26.49 17.93
N ARG F 178 -45.81 25.55 18.80
CA ARG F 178 -45.16 25.95 20.03
C ARG F 178 -43.86 26.58 19.64
N MET F 179 -43.22 25.92 18.70
CA MET F 179 -41.93 26.31 18.20
C MET F 179 -41.97 27.51 17.28
N LYS F 180 -40.89 28.25 17.24
CA LYS F 180 -40.71 29.30 16.25
C LYS F 180 -40.88 28.77 14.83
N ALA F 181 -41.62 29.53 14.02
CA ALA F 181 -41.71 29.31 12.59
C ALA F 181 -41.44 30.60 11.82
N LYS F 182 -41.20 30.47 10.52
CA LYS F 182 -41.16 31.63 9.64
C LYS F 182 -41.03 31.22 8.18
N PRO F 183 -41.78 31.89 7.30
CA PRO F 183 -42.69 32.98 7.66
C PRO F 183 -43.86 32.50 8.53
N PHE F 184 -44.13 33.20 9.63
CA PHE F 184 -45.20 32.80 10.53
C PHE F 184 -46.56 32.99 9.87
N LEU F 185 -46.62 33.95 8.94
CA LEU F 185 -47.85 34.17 8.18
C LEU F 185 -48.21 32.93 7.37
N ARG F 186 -47.25 32.44 6.60
CA ARG F 186 -47.45 31.27 5.75
C ARG F 186 -47.65 30.00 6.56
N PHE F 187 -47.02 29.93 7.72
CA PHE F 187 -47.17 28.78 8.61
C PHE F 187 -48.58 28.78 9.21
N GLN F 188 -49.09 29.96 9.51
CA GLN F 188 -50.43 30.11 10.05
C GLN F 188 -51.47 29.79 8.98
N GLN F 189 -51.18 30.19 7.74
CA GLN F 189 -52.07 29.94 6.62
C GLN F 189 -52.05 28.49 6.17
N LYS F 190 -50.92 27.83 6.40
CA LYS F 190 -50.75 26.43 6.04
C LYS F 190 -51.42 25.55 7.10
N TYR F 191 -51.22 25.92 8.36
CA TYR F 191 -51.92 25.28 9.47
C TYR F 191 -53.42 25.45 9.26
N GLN F 192 -53.80 26.65 8.85
CA GLN F 192 -55.20 26.97 8.60
C GLN F 192 -55.76 26.09 7.48
N GLN F 193 -55.07 26.09 6.34
CA GLN F 193 -55.51 25.32 5.18
C GLN F 193 -55.50 23.83 5.47
N PHE F 194 -54.77 23.44 6.51
CA PHE F 194 -54.70 22.04 6.92
C PHE F 194 -55.94 21.62 7.74
N THR F 195 -56.44 22.52 8.57
CA THR F 195 -57.58 22.21 9.43
C THR F 195 -58.90 22.05 8.66
N HIS F 196 -58.88 22.36 7.38
CA HIS F 196 -60.08 22.30 6.54
C HIS F 196 -60.32 20.90 5.99
N ARG F 197 -59.45 19.96 6.36
CA ARG F 197 -59.58 18.57 5.94
C ARG F 197 -59.69 17.62 7.13
N PRO F 215 -73.73 14.58 24.93
CA PRO F 215 -75.07 14.26 24.41
C PRO F 215 -75.96 13.62 25.47
N LEU F 216 -77.19 14.11 25.59
CA LEU F 216 -78.18 13.53 26.51
C LEU F 216 -77.97 13.92 27.98
N GLN F 217 -76.94 14.72 28.25
CA GLN F 217 -76.69 15.21 29.60
C GLN F 217 -77.82 16.11 30.08
N THR F 218 -77.97 16.21 31.41
CA THR F 218 -79.03 17.00 32.01
C THR F 218 -78.68 18.48 32.12
N THR F 219 -79.47 19.32 31.48
CA THR F 219 -79.35 20.77 31.69
C THR F 219 -80.31 21.31 32.74
N PHE F 220 -81.28 20.50 33.16
CA PHE F 220 -82.31 20.97 34.10
C PHE F 220 -82.89 19.83 34.94
N GLU F 221 -83.17 20.14 36.21
CA GLU F 221 -83.89 19.24 37.09
C GLU F 221 -84.78 20.06 38.03
N SER F 222 -85.92 19.50 38.42
CA SER F 222 -86.83 20.20 39.30
C SER F 222 -86.71 19.72 40.74
N ASN G 39 27.16 5.72 52.70
CA ASN G 39 25.91 5.03 52.41
C ASN G 39 25.69 4.82 50.91
N THR G 40 26.76 4.42 50.23
CA THR G 40 26.71 4.21 48.79
C THR G 40 25.87 3.00 48.42
N ARG G 41 25.24 3.06 47.26
CA ARG G 41 24.51 1.92 46.71
C ARG G 41 24.80 1.81 45.22
N VAL G 42 25.33 0.66 44.80
CA VAL G 42 25.60 0.43 43.38
C VAL G 42 24.40 -0.19 42.70
N LEU G 43 23.90 0.50 41.69
CA LEU G 43 22.72 0.05 40.95
C LEU G 43 23.01 -0.04 39.46
N ALA G 44 22.70 -1.19 38.87
CA ALA G 44 22.90 -1.39 37.43
C ALA G 44 21.56 -1.36 36.70
N PHE G 45 21.59 -0.90 35.45
CA PHE G 45 20.40 -0.83 34.61
C PHE G 45 20.09 -2.20 34.01
N LYS G 46 18.92 -2.73 34.30
CA LYS G 46 18.55 -4.10 33.93
C LYS G 46 18.44 -4.34 32.42
N LEU G 47 18.05 -3.32 31.69
CA LEU G 47 17.74 -3.48 30.27
C LEU G 47 18.97 -3.54 29.37
N ASP G 48 18.96 -4.51 28.45
CA ASP G 48 20.06 -4.68 27.49
C ASP G 48 20.00 -3.64 26.38
N ALA G 49 21.15 -3.04 26.08
CA ALA G 49 21.24 -2.06 25.00
C ALA G 49 21.08 -2.74 23.66
N PRO G 50 20.43 -2.07 22.70
CA PRO G 50 20.20 -2.62 21.36
C PRO G 50 21.51 -3.11 20.73
N GLU G 51 21.46 -4.31 20.13
CA GLU G 51 22.63 -4.88 19.48
C GLU G 51 23.09 -3.99 18.33
N ALA G 52 24.39 -4.01 18.05
CA ALA G 52 24.93 -3.20 16.95
C ALA G 52 24.53 -3.77 15.59
N ASN G 78 56.88 14.85 -10.78
CA ASN G 78 58.19 14.77 -10.15
C ASN G 78 58.10 14.40 -8.68
N THR G 79 57.77 13.14 -8.42
CA THR G 79 57.60 12.67 -7.05
C THR G 79 58.88 12.75 -6.22
N THR G 80 60.02 12.38 -6.82
CA THR G 80 61.29 12.42 -6.12
C THR G 80 61.74 13.83 -5.79
N PRO G 81 62.32 14.01 -4.62
CA PRO G 81 62.82 15.33 -4.19
C PRO G 81 64.01 15.79 -5.02
N GLU G 82 64.06 17.07 -5.33
CA GLU G 82 65.18 17.61 -6.10
C GLU G 82 66.50 17.47 -5.35
N ARG G 83 66.46 17.77 -4.05
CA ARG G 83 67.66 17.68 -3.23
C ARG G 83 67.34 17.35 -1.78
N VAL G 84 68.30 16.73 -1.09
CA VAL G 84 68.12 16.37 0.31
C VAL G 84 69.27 16.88 1.18
N LEU G 85 68.95 17.46 2.33
CA LEU G 85 69.96 17.94 3.24
C LEU G 85 69.85 17.24 4.59
N ASP G 86 70.98 17.00 5.24
CA ASP G 86 70.98 16.35 6.54
C ASP G 86 70.51 17.32 7.62
N ALA G 87 69.58 16.88 8.45
CA ALA G 87 69.02 17.75 9.49
C ALA G 87 69.17 17.09 10.85
N PRO G 88 70.42 16.83 11.24
CA PRO G 88 70.75 16.00 12.40
C PRO G 88 70.33 16.63 13.70
N GLY G 89 69.69 15.84 14.55
CA GLY G 89 69.26 16.30 15.85
C GLY G 89 67.98 17.11 15.86
N ILE G 90 67.22 17.09 14.77
CA ILE G 90 65.94 17.82 14.76
C ILE G 90 64.99 17.27 15.81
N ILE G 91 64.38 18.15 16.59
CA ILE G 91 63.43 17.73 17.59
C ILE G 91 62.16 17.25 16.90
N ASP G 92 61.57 16.18 17.41
CA ASP G 92 60.26 15.79 16.92
C ASP G 92 59.20 16.25 17.93
N ASP G 93 58.51 17.33 17.58
CA ASP G 93 57.39 17.79 18.38
C ASP G 93 56.45 18.54 17.46
N TYR G 94 55.16 18.31 17.65
CA TYR G 94 54.14 18.88 16.78
C TYR G 94 54.00 20.37 17.10
N TYR G 95 54.36 20.74 18.32
CA TYR G 95 54.11 22.10 18.79
C TYR G 95 55.23 23.10 18.46
N LEU G 96 56.28 22.61 17.80
CA LEU G 96 57.37 23.49 17.38
C LEU G 96 57.26 23.79 15.89
N ASN G 97 57.67 24.98 15.47
CA ASN G 97 57.82 25.25 14.04
C ASN G 97 59.27 25.64 13.75
N LEU G 98 60.02 24.70 13.19
CA LEU G 98 61.48 24.80 13.06
C LEU G 98 62.04 25.18 11.69
N LEU G 99 61.16 25.46 10.73
CA LEU G 99 61.58 25.63 9.35
C LEU G 99 60.94 26.84 8.67
N ASP G 100 61.77 27.72 8.09
CA ASP G 100 61.23 28.84 7.30
C ASP G 100 62.14 29.31 6.14
N TRP G 101 61.51 29.76 5.05
CA TRP G 101 62.22 30.19 3.85
C TRP G 101 61.96 31.67 3.60
N SER G 102 63.02 32.47 3.70
CA SER G 102 62.89 33.93 3.56
C SER G 102 62.69 34.35 2.11
N ASN G 103 62.18 35.57 1.91
CA ASN G 103 62.04 36.15 0.58
C ASN G 103 63.39 36.51 -0.03
N LEU G 104 64.44 36.42 0.77
CA LEU G 104 65.81 36.58 0.29
C LEU G 104 66.34 35.22 -0.14
N ASN G 105 65.46 34.23 -0.13
CA ASN G 105 65.79 32.87 -0.55
C ASN G 105 66.80 32.21 0.38
N VAL G 106 66.63 32.46 1.68
CA VAL G 106 67.47 31.83 2.69
C VAL G 106 66.62 30.93 3.58
N VAL G 107 67.00 29.67 3.66
CA VAL G 107 66.34 28.72 4.54
C VAL G 107 66.93 28.81 5.95
N ALA G 108 66.05 28.74 6.95
CA ALA G 108 66.44 28.69 8.34
C ALA G 108 65.82 27.46 9.01
N VAL G 109 66.67 26.66 9.65
CA VAL G 109 66.22 25.44 10.31
C VAL G 109 66.85 25.25 11.71
N ALA G 110 66.01 24.89 12.68
CA ALA G 110 66.42 24.77 14.07
C ALA G 110 66.73 23.33 14.47
N LEU G 111 67.98 23.09 14.84
CA LEU G 111 68.39 21.79 15.35
C LEU G 111 68.79 21.91 16.81
N GLU G 112 67.94 21.41 17.70
CA GLU G 112 68.15 21.55 19.15
C GLU G 112 68.30 23.01 19.60
N ARG G 113 69.47 23.32 20.16
CA ARG G 113 69.76 24.66 20.65
C ARG G 113 70.25 25.61 19.56
N ASN G 114 70.37 25.10 18.33
CA ASN G 114 70.95 25.87 17.25
C ASN G 114 70.01 26.21 16.10
N VAL G 115 70.22 27.39 15.51
CA VAL G 115 69.57 27.76 14.27
C VAL G 115 70.63 27.88 13.19
N TYR G 116 70.47 27.07 12.15
CA TYR G 116 71.33 27.06 10.96
C TYR G 116 70.67 27.73 9.77
N VAL G 117 71.49 28.41 8.97
CA VAL G 117 71.00 29.13 7.80
C VAL G 117 71.69 28.65 6.51
N TRP G 118 70.88 28.37 5.50
CA TRP G 118 71.34 27.86 4.22
C TRP G 118 70.87 28.73 3.06
N ASN G 119 71.82 29.29 2.32
CA ASN G 119 71.52 30.10 1.15
C ASN G 119 71.13 29.17 0.00
N ALA G 120 69.94 29.38 -0.55
CA ALA G 120 69.40 28.49 -1.58
C ALA G 120 70.07 28.69 -2.93
N ASP G 121 70.61 29.88 -3.15
CA ASP G 121 71.37 30.18 -4.36
C ASP G 121 72.80 29.67 -4.23
N SER G 122 73.53 30.23 -3.27
CA SER G 122 74.97 30.01 -3.14
C SER G 122 75.33 28.66 -2.53
N GLY G 123 74.44 28.11 -1.72
CA GLY G 123 74.67 26.81 -1.09
C GLY G 123 75.37 26.90 0.26
N SER G 124 75.65 28.13 0.69
CA SER G 124 76.38 28.37 1.93
C SER G 124 75.58 28.00 3.18
N VAL G 125 76.24 27.28 4.08
CA VAL G 125 75.70 26.92 5.39
C VAL G 125 76.45 27.65 6.51
N SER G 126 75.70 28.11 7.50
CA SER G 126 76.28 28.83 8.62
C SER G 126 75.45 28.57 9.87
N ALA G 127 76.08 28.67 11.04
CA ALA G 127 75.33 28.56 12.28
C ALA G 127 74.95 29.97 12.69
N LEU G 128 73.66 30.26 12.60
CA LEU G 128 73.17 31.60 12.87
C LEU G 128 73.05 31.88 14.36
N ALA G 129 72.53 30.92 15.12
CA ALA G 129 72.32 31.21 16.54
C ALA G 129 72.35 30.02 17.50
N GLU G 130 72.59 30.31 18.77
CA GLU G 130 72.51 29.30 19.82
C GLU G 130 71.70 29.78 21.03
N THR G 131 71.23 28.82 21.84
CA THR G 131 70.50 29.13 23.06
C THR G 131 71.24 28.50 24.25
N ASP G 132 70.93 28.96 25.46
CA ASP G 132 71.60 28.43 26.64
C ASP G 132 71.26 26.95 26.81
N GLU G 133 72.14 26.22 27.49
CA GLU G 133 71.99 24.77 27.66
C GLU G 133 70.68 24.39 28.36
N SER G 134 70.07 25.33 29.07
CA SER G 134 68.83 25.06 29.77
C SER G 134 67.60 25.22 28.88
N THR G 135 67.80 25.59 27.62
CA THR G 135 66.68 25.81 26.70
C THR G 135 66.95 25.32 25.27
N TYR G 136 65.96 25.47 24.40
CA TYR G 136 66.04 24.99 23.02
C TYR G 136 65.32 25.98 22.10
N VAL G 137 65.36 25.73 20.78
CA VAL G 137 64.62 26.58 19.84
C VAL G 137 63.25 26.00 19.53
N ALA G 138 62.21 26.69 19.95
CA ALA G 138 60.86 26.25 19.64
C ALA G 138 60.26 26.87 18.37
N SER G 139 60.85 27.94 17.86
CA SER G 139 60.21 28.70 16.79
C SER G 139 61.17 29.45 15.87
N VAL G 140 60.86 29.47 14.57
CA VAL G 140 61.66 30.20 13.59
C VAL G 140 60.79 30.91 12.53
N LYS G 141 60.95 32.23 12.41
CA LYS G 141 60.16 33.00 11.44
C LYS G 141 60.94 34.14 10.78
N TRP G 142 60.95 34.16 9.45
CA TRP G 142 61.57 35.27 8.72
C TRP G 142 60.58 36.44 8.60
N SER G 143 61.09 37.67 8.67
CA SER G 143 60.28 38.84 8.36
C SER G 143 60.01 38.89 6.86
N HIS G 144 59.00 39.65 6.44
CA HIS G 144 58.62 39.68 5.02
C HIS G 144 59.76 40.13 4.09
N ASP G 145 60.51 41.14 4.51
CA ASP G 145 61.64 41.60 3.69
C ASP G 145 62.75 40.56 3.67
N GLY G 146 62.77 39.69 4.68
CA GLY G 146 63.78 38.67 4.80
C GLY G 146 65.05 39.17 5.46
N SER G 147 65.00 40.39 5.99
CA SER G 147 66.16 40.99 6.65
C SER G 147 66.34 40.45 8.07
N PHE G 148 65.23 40.22 8.76
CA PHE G 148 65.30 39.81 10.17
C PHE G 148 64.71 38.42 10.43
N LEU G 149 65.35 37.69 11.33
CA LEU G 149 64.90 36.35 11.70
C LEU G 149 64.52 36.28 13.18
N SER G 150 63.24 36.04 13.43
CA SER G 150 62.72 35.88 14.79
C SER G 150 62.83 34.42 15.24
N VAL G 151 63.23 34.22 16.50
CA VAL G 151 63.34 32.87 17.05
C VAL G 151 62.75 32.80 18.45
N GLY G 152 61.66 32.06 18.62
CA GLY G 152 61.11 31.82 19.95
C GLY G 152 61.75 30.64 20.64
N LEU G 153 61.97 30.76 21.95
CA LEU G 153 62.65 29.70 22.70
C LEU G 153 61.70 28.87 23.57
N GLY G 154 62.26 27.84 24.21
CA GLY G 154 61.49 27.01 25.11
C GLY G 154 61.21 27.72 26.43
N ASN G 155 62.01 28.75 26.70
CA ASN G 155 61.88 29.50 27.95
C ASN G 155 60.99 30.73 27.83
N GLY G 156 60.39 30.94 26.65
CA GLY G 156 59.47 32.05 26.45
C GLY G 156 60.07 33.29 25.82
N LEU G 157 61.40 33.40 25.85
CA LEU G 157 62.10 34.54 25.27
C LEU G 157 61.99 34.56 23.75
N VAL G 158 62.04 35.75 23.16
CA VAL G 158 62.06 35.86 21.71
C VAL G 158 63.28 36.63 21.22
N ASP G 159 64.08 36.02 20.34
CA ASP G 159 65.25 36.72 19.79
C ASP G 159 64.97 37.26 18.41
N ILE G 160 65.58 38.39 18.08
CA ILE G 160 65.57 38.92 16.74
C ILE G 160 67.01 39.02 16.26
N TYR G 161 67.28 38.32 15.16
CA TYR G 161 68.62 38.25 14.56
C TYR G 161 68.66 38.95 13.20
N ASP G 162 69.81 39.53 12.87
CA ASP G 162 69.99 40.13 11.55
C ASP G 162 70.75 39.15 10.67
N VAL G 163 70.13 38.77 9.55
CA VAL G 163 70.70 37.75 8.68
C VAL G 163 72.04 38.16 8.04
N GLU G 164 72.19 39.44 7.75
CA GLU G 164 73.39 39.91 7.06
C GLU G 164 74.58 40.00 8.02
N SER G 165 74.34 40.59 9.19
CA SER G 165 75.38 40.71 10.21
C SER G 165 75.55 39.40 10.96
N GLN G 166 74.51 38.57 10.94
CA GLN G 166 74.52 37.26 11.59
C GLN G 166 74.67 37.37 13.11
N THR G 167 74.26 38.50 13.67
CA THR G 167 74.32 38.72 15.11
C THR G 167 72.91 38.94 15.70
N LYS G 168 72.77 38.72 17.00
CA LYS G 168 71.48 38.89 17.65
C LYS G 168 71.13 40.36 17.83
N LEU G 169 70.01 40.77 17.25
CA LEU G 169 69.58 42.16 17.34
C LEU G 169 68.91 42.47 18.68
N ARG G 170 68.22 41.49 19.25
CA ARG G 170 67.64 41.71 20.58
C ARG G 170 66.93 40.50 21.20
N THR G 171 66.70 40.58 22.50
CA THR G 171 65.88 39.58 23.19
C THR G 171 64.70 40.24 23.89
N MET G 172 63.51 39.96 23.38
CA MET G 172 62.27 40.47 23.95
C MET G 172 61.67 39.43 24.91
N ALA G 173 61.52 39.83 26.16
CA ALA G 173 60.98 38.97 27.20
C ALA G 173 59.47 39.16 27.35
N GLY G 174 58.92 38.58 28.41
CA GLY G 174 57.50 38.73 28.73
C GLY G 174 56.65 37.48 28.56
N HIS G 175 57.16 36.48 27.86
CA HIS G 175 56.41 35.22 27.72
C HIS G 175 56.71 34.25 28.84
N GLN G 176 55.67 33.64 29.39
CA GLN G 176 55.80 32.76 30.55
C GLN G 176 56.07 31.31 30.15
N ALA G 177 55.92 31.01 28.86
CA ALA G 177 56.10 29.65 28.38
C ALA G 177 56.75 29.63 27.00
N ARG G 178 56.97 28.44 26.47
CA ARG G 178 57.54 28.29 25.15
C ARG G 178 56.83 29.16 24.11
N VAL G 179 57.59 29.87 23.30
CA VAL G 179 57.02 30.56 22.15
C VAL G 179 57.13 29.63 20.94
N GLY G 180 56.00 29.09 20.52
CA GLY G 180 56.00 28.03 19.52
C GLY G 180 55.61 28.47 18.13
N CYS G 181 55.01 29.67 18.01
CA CYS G 181 54.64 30.21 16.71
C CYS G 181 54.87 31.71 16.63
N LEU G 182 55.20 32.16 15.42
CA LEU G 182 55.53 33.55 15.17
C LEU G 182 54.93 33.97 13.83
N SER G 183 54.40 35.18 13.77
CA SER G 183 53.92 35.73 12.51
C SER G 183 54.20 37.23 12.42
N TRP G 184 54.70 37.67 11.26
CA TRP G 184 55.05 39.08 11.05
C TRP G 184 53.92 39.89 10.41
N ASN G 185 53.81 41.14 10.83
CA ASN G 185 53.00 42.13 10.13
C ASN G 185 53.82 43.42 9.99
N ARG G 186 54.17 43.77 8.76
CA ARG G 186 55.05 44.92 8.55
C ARG G 186 56.22 44.83 9.53
N HIS G 187 56.37 45.87 10.36
CA HIS G 187 57.38 45.89 11.41
C HIS G 187 56.94 45.20 12.70
N VAL G 188 55.69 44.72 12.74
CA VAL G 188 55.16 44.04 13.93
C VAL G 188 55.33 42.52 13.89
N LEU G 189 55.76 41.93 15.01
CA LEU G 189 55.89 40.48 15.10
C LEU G 189 55.01 39.92 16.23
N SER G 190 54.16 38.97 15.88
CA SER G 190 53.30 38.34 16.88
C SER G 190 53.86 36.99 17.33
N SER G 191 53.83 36.73 18.64
CA SER G 191 54.37 35.48 19.18
C SER G 191 53.34 34.70 19.99
N GLY G 192 53.01 33.50 19.51
CA GLY G 192 52.15 32.58 20.23
C GLY G 192 52.90 31.72 21.22
N SER G 193 52.27 31.47 22.37
CA SER G 193 52.95 30.80 23.47
C SER G 193 52.20 29.56 23.91
N ARG G 194 52.88 28.71 24.66
CA ARG G 194 52.25 27.54 25.23
C ARG G 194 51.19 27.98 26.23
N SER G 195 51.42 29.13 26.86
CA SER G 195 50.48 29.67 27.84
C SER G 195 49.13 29.95 27.22
N GLY G 196 49.10 30.11 25.90
CA GLY G 196 47.87 30.45 25.20
C GLY G 196 47.75 31.94 24.96
N ALA G 197 48.77 32.68 25.35
CA ALA G 197 48.81 34.13 25.14
C ALA G 197 49.50 34.45 23.82
N ILE G 198 49.01 35.48 23.15
CA ILE G 198 49.63 35.99 21.94
C ILE G 198 50.15 37.40 22.21
N HIS G 199 51.47 37.57 22.13
CA HIS G 199 52.07 38.87 22.39
C HIS G 199 52.41 39.62 21.10
N HIS G 200 52.05 40.90 21.07
CA HIS G 200 52.38 41.76 19.93
C HIS G 200 53.65 42.56 20.21
N HIS G 201 54.65 42.41 19.34
CA HIS G 201 55.94 43.07 19.53
C HIS G 201 56.26 44.07 18.43
N ASP G 202 56.48 45.33 18.81
CA ASP G 202 57.10 46.30 17.90
C ASP G 202 58.59 46.24 18.18
N VAL G 203 59.35 45.68 17.24
CA VAL G 203 60.73 45.29 17.50
C VAL G 203 61.69 46.48 17.47
N ARG G 204 61.20 47.64 17.03
CA ARG G 204 62.01 48.85 16.92
C ARG G 204 62.17 49.59 18.25
N ILE G 205 61.18 49.49 19.12
CA ILE G 205 61.15 50.30 20.35
C ILE G 205 61.57 49.54 21.61
N ALA G 206 62.23 50.27 22.51
CA ALA G 206 62.74 49.68 23.76
C ALA G 206 61.68 48.85 24.48
N ASN G 207 60.49 49.42 24.69
CA ASN G 207 59.43 48.66 25.30
C ASN G 207 58.68 48.01 24.15
N HIS G 208 58.89 46.71 24.01
CA HIS G 208 58.52 46.00 22.81
C HIS G 208 57.07 45.58 22.75
N GLN G 209 56.51 45.25 23.90
CA GLN G 209 55.22 44.59 23.88
C GLN G 209 54.14 45.68 23.92
N ILE G 210 53.57 45.94 22.76
CA ILE G 210 52.56 46.96 22.58
C ILE G 210 51.19 46.43 22.95
N GLY G 211 51.02 45.12 22.77
CA GLY G 211 49.73 44.51 22.96
C GLY G 211 49.81 43.08 23.43
N THR G 212 48.70 42.63 24.01
CA THR G 212 48.59 41.30 24.55
C THR G 212 47.21 40.76 24.26
N LEU G 213 47.14 39.46 23.98
CA LEU G 213 45.86 38.78 23.85
C LEU G 213 45.92 37.48 24.63
N GLN G 214 44.80 37.07 25.22
CA GLN G 214 44.73 35.70 25.65
C GLN G 214 43.88 35.02 24.58
N GLY G 215 44.55 34.26 23.72
CA GLY G 215 43.89 33.70 22.55
C GLY G 215 43.14 32.42 22.86
N HIS G 216 43.74 31.61 23.73
CA HIS G 216 43.30 30.23 23.90
C HIS G 216 43.43 29.79 25.35
N SER G 217 42.73 28.72 25.69
CA SER G 217 42.84 28.14 27.03
C SER G 217 44.14 27.37 27.17
N SER G 218 44.76 27.08 26.02
CA SER G 218 46.01 26.29 25.97
C SER G 218 46.90 26.74 24.82
N GLU G 219 47.92 25.96 24.52
CA GLU G 219 48.96 26.37 23.58
C GLU G 219 48.46 26.89 22.23
N VAL G 220 48.97 28.05 21.84
CA VAL G 220 48.75 28.55 20.49
C VAL G 220 49.64 27.75 19.55
N CYS G 221 49.06 27.26 18.45
CA CYS G 221 49.78 26.43 17.50
C CYS G 221 49.94 27.12 16.16
N GLY G 222 48.83 27.42 15.48
CA GLY G 222 48.92 28.24 14.29
C GLY G 222 48.85 29.73 14.59
N LEU G 223 49.71 30.50 13.92
CA LEU G 223 49.69 31.95 14.03
C LEU G 223 50.02 32.56 12.67
N ALA G 224 49.12 33.36 12.12
CA ALA G 224 49.40 34.04 10.86
C ALA G 224 48.70 35.39 10.76
N TRP G 225 49.44 36.41 10.32
CA TRP G 225 48.84 37.67 9.91
C TRP G 225 48.41 37.60 8.45
N ARG G 226 47.34 38.32 8.11
CA ARG G 226 47.00 38.51 6.71
C ARG G 226 48.10 39.32 6.04
N SER G 227 48.23 39.19 4.73
CA SER G 227 49.25 39.93 3.98
C SER G 227 49.19 41.41 4.31
N ASP G 228 47.97 41.95 4.29
CA ASP G 228 47.73 43.38 4.50
C ASP G 228 47.63 43.75 5.98
N GLY G 229 47.80 42.77 6.85
CA GLY G 229 47.77 43.00 8.29
C GLY G 229 46.44 43.46 8.82
N LEU G 230 45.38 43.32 8.01
CA LEU G 230 44.04 43.72 8.43
C LEU G 230 43.37 42.67 9.31
N GLN G 231 43.76 41.40 9.13
CA GLN G 231 43.22 40.30 9.92
C GLN G 231 44.30 39.34 10.39
N LEU G 232 44.07 38.75 11.56
CA LEU G 232 45.01 37.81 12.18
C LEU G 232 44.26 36.52 12.49
N ALA G 233 44.94 35.39 12.34
CA ALA G 233 44.33 34.09 12.57
C ALA G 233 45.23 33.22 13.44
N SER G 234 44.64 32.55 14.42
CA SER G 234 45.41 31.68 15.29
C SER G 234 44.65 30.38 15.55
N GLY G 235 45.36 29.35 16.02
CA GLY G 235 44.68 28.19 16.52
C GLY G 235 45.47 27.47 17.58
N GLY G 236 44.70 26.94 18.53
CA GLY G 236 45.23 26.41 19.77
C GLY G 236 45.16 24.91 19.91
N ASN G 237 45.85 24.41 20.94
CA ASN G 237 45.74 23.02 21.37
C ASN G 237 44.37 22.78 22.04
N ASP G 238 43.60 23.86 22.19
CA ASP G 238 42.25 23.80 22.72
C ASP G 238 41.22 23.56 21.62
N ASN G 239 41.72 23.29 20.40
CA ASN G 239 40.87 23.01 19.25
C ASN G 239 40.03 24.20 18.79
N VAL G 240 40.57 25.40 18.99
CA VAL G 240 39.85 26.63 18.67
C VAL G 240 40.56 27.43 17.58
N VAL G 241 39.77 27.91 16.61
CA VAL G 241 40.28 28.81 15.58
C VAL G 241 39.79 30.22 15.87
N GLN G 242 40.75 31.12 16.02
CA GLN G 242 40.44 32.49 16.37
C GLN G 242 40.74 33.42 15.19
N ILE G 243 39.74 34.17 14.77
CA ILE G 243 39.89 35.19 13.73
C ILE G 243 39.70 36.58 14.32
N TRP G 244 40.81 37.31 14.44
CA TRP G 244 40.77 38.66 14.98
C TRP G 244 40.90 39.67 13.85
N ASP G 245 40.18 40.78 13.97
CA ASP G 245 40.44 41.93 13.11
C ASP G 245 41.45 42.83 13.81
N ALA G 246 42.36 43.41 13.03
CA ALA G 246 43.47 44.18 13.58
C ALA G 246 43.06 45.17 14.67
N ARG G 247 41.90 45.80 14.50
CA ARG G 247 41.49 46.89 15.40
C ARG G 247 40.72 46.43 16.64
N SER G 248 40.58 45.13 16.83
CA SER G 248 39.83 44.62 17.97
C SER G 248 40.53 43.48 18.73
N SER G 249 40.59 43.61 20.05
CA SER G 249 41.12 42.57 20.92
C SER G 249 40.02 41.56 21.24
N ILE G 250 38.84 41.79 20.68
CA ILE G 250 37.76 40.84 20.76
C ILE G 250 37.71 40.05 19.46
N PRO G 251 37.80 38.72 19.55
CA PRO G 251 37.77 37.88 18.34
C PRO G 251 36.56 38.23 17.47
N LYS G 252 36.81 38.44 16.18
CA LYS G 252 35.73 38.63 15.23
C LYS G 252 34.98 37.32 15.09
N PHE G 253 35.73 36.22 14.97
CA PHE G 253 35.11 34.90 14.91
C PHE G 253 35.85 33.87 15.75
N THR G 254 35.09 32.93 16.31
CA THR G 254 35.67 31.81 17.04
C THR G 254 35.02 30.53 16.53
N LYS G 255 35.83 29.65 15.95
CA LYS G 255 35.33 28.45 15.29
C LYS G 255 35.81 27.18 16.02
N THR G 256 34.84 26.40 16.48
CA THR G 256 35.09 25.21 17.28
C THR G 256 35.03 23.92 16.46
N ASN G 257 34.81 24.07 15.16
CA ASN G 257 34.62 22.91 14.28
C ASN G 257 35.67 21.79 14.43
N HIS G 258 36.94 22.15 14.41
CA HIS G 258 37.98 21.14 14.49
C HIS G 258 37.90 20.42 15.85
N ASN G 259 37.96 19.10 15.82
CA ASN G 259 37.94 18.30 17.04
C ASN G 259 39.35 18.02 17.62
N ALA G 260 40.36 18.69 17.07
CA ALA G 260 41.75 18.58 17.56
C ALA G 260 42.50 19.91 17.49
N ALA G 261 43.77 19.91 17.85
CA ALA G 261 44.59 21.12 17.76
C ALA G 261 44.68 21.63 16.32
N VAL G 262 44.75 22.96 16.16
CA VAL G 262 44.93 23.52 14.81
C VAL G 262 46.27 24.25 14.75
N LYS G 263 47.28 23.61 14.18
CA LYS G 263 48.54 24.31 13.97
C LYS G 263 48.64 24.82 12.54
N ALA G 264 47.75 24.34 11.67
CA ALA G 264 47.81 24.74 10.27
C ALA G 264 46.83 25.87 10.01
N VAL G 265 47.39 27.05 9.74
CA VAL G 265 46.63 28.25 9.47
C VAL G 265 47.26 28.98 8.29
N ALA G 266 46.52 29.13 7.19
CA ALA G 266 47.02 29.86 6.04
C ALA G 266 45.98 30.73 5.32
N TRP G 267 46.31 32.01 5.17
CA TRP G 267 45.51 32.91 4.38
C TRP G 267 45.77 32.66 2.90
N CYS G 268 44.73 32.77 2.09
CA CYS G 268 44.86 32.64 0.64
C CYS G 268 45.51 33.88 0.04
N PRO G 269 46.69 33.71 -0.60
CA PRO G 269 47.41 34.86 -1.18
C PRO G 269 46.65 35.51 -2.35
N TRP G 270 45.82 34.76 -3.05
CA TRP G 270 45.02 35.35 -4.14
C TRP G 270 43.58 35.71 -3.72
N GLN G 271 43.20 35.36 -2.49
CA GLN G 271 41.87 35.64 -1.97
C GLN G 271 41.94 36.30 -0.60
N SER G 272 41.51 37.55 -0.52
CA SER G 272 41.66 38.34 0.69
C SER G 272 41.04 37.67 1.93
N ASN G 273 39.79 37.22 1.79
CA ASN G 273 39.03 36.67 2.91
C ASN G 273 39.16 35.16 3.10
N LEU G 274 39.78 34.48 2.14
CA LEU G 274 39.85 33.03 2.20
C LEU G 274 40.93 32.56 3.16
N LEU G 275 40.50 31.82 4.18
CA LEU G 275 41.41 31.30 5.21
C LEU G 275 41.30 29.79 5.30
N ALA G 276 42.44 29.11 5.44
CA ALA G 276 42.43 27.66 5.56
C ALA G 276 43.01 27.21 6.90
N THR G 277 42.34 26.24 7.51
CA THR G 277 42.77 25.71 8.81
C THR G 277 42.72 24.19 8.81
N GLY G 278 43.51 23.53 9.67
CA GLY G 278 43.41 22.08 9.76
C GLY G 278 43.78 21.49 11.10
N GLY G 279 43.13 20.36 11.40
CA GLY G 279 43.09 19.82 12.74
C GLY G 279 44.04 18.66 12.96
N GLY G 280 44.26 18.32 14.23
CA GLY G 280 45.15 17.24 14.61
C GLY G 280 44.57 15.84 14.54
N THR G 281 45.21 14.94 15.30
CA THR G 281 45.00 13.49 15.20
C THR G 281 43.55 13.03 15.28
N MET G 282 42.78 13.62 16.19
CA MET G 282 41.39 13.19 16.39
C MET G 282 40.43 13.92 15.43
N ASP G 283 40.96 14.77 14.57
CA ASP G 283 40.16 15.54 13.64
C ASP G 283 40.47 15.15 12.19
N LYS G 284 41.70 15.43 11.76
CA LYS G 284 42.15 15.10 10.41
C LYS G 284 41.34 15.81 9.32
N GLN G 285 40.78 16.97 9.65
CA GLN G 285 40.02 17.75 8.68
C GLN G 285 40.74 19.03 8.28
N ILE G 286 40.48 19.47 7.06
CA ILE G 286 40.89 20.78 6.59
C ILE G 286 39.65 21.60 6.30
N HIS G 287 39.46 22.70 7.03
CA HIS G 287 38.30 23.57 6.84
C HIS G 287 38.68 24.86 6.12
N PHE G 288 37.74 25.38 5.32
CA PHE G 288 37.94 26.61 4.57
C PHE G 288 36.88 27.66 4.90
N TRP G 289 37.37 28.81 5.35
CA TRP G 289 36.53 29.89 5.89
C TRP G 289 36.57 31.15 5.05
N ASN G 290 35.42 31.84 5.03
CA ASN G 290 35.34 33.22 4.59
C ASN G 290 35.58 34.08 5.82
N ALA G 291 36.65 34.87 5.81
CA ALA G 291 37.05 35.60 7.02
C ALA G 291 36.16 36.80 7.28
N ALA G 292 35.43 37.23 6.25
CA ALA G 292 34.50 38.34 6.39
C ALA G 292 33.18 37.92 7.04
N THR G 293 32.60 36.82 6.57
CA THR G 293 31.29 36.36 7.06
C THR G 293 31.37 35.32 8.18
N GLY G 294 32.57 34.78 8.41
CA GLY G 294 32.75 33.73 9.40
C GLY G 294 32.12 32.42 8.97
N ALA G 295 31.70 32.36 7.70
CA ALA G 295 31.07 31.16 7.16
C ALA G 295 32.10 30.10 6.78
N ARG G 296 31.69 28.84 6.76
CA ARG G 296 32.54 27.77 6.26
C ARG G 296 32.25 27.54 4.79
N VAL G 297 33.21 27.90 3.94
CA VAL G 297 33.02 27.78 2.50
C VAL G 297 33.54 26.47 1.91
N ASN G 298 34.28 25.71 2.71
CA ASN G 298 34.71 24.37 2.26
C ASN G 298 35.27 23.48 3.38
N THR G 299 35.65 22.26 3.00
CA THR G 299 36.25 21.30 3.92
C THR G 299 36.62 20.01 3.20
N VAL G 300 37.58 19.28 3.76
CA VAL G 300 38.00 17.98 3.25
C VAL G 300 38.52 17.10 4.37
N ASP G 301 38.34 15.80 4.21
CA ASP G 301 38.86 14.83 5.15
C ASP G 301 40.22 14.37 4.66
N ALA G 302 41.27 14.74 5.40
CA ALA G 302 42.63 14.43 4.99
C ALA G 302 43.08 13.05 5.47
N GLY G 303 42.34 12.47 6.41
CA GLY G 303 42.66 11.16 6.94
C GLY G 303 43.96 11.10 7.73
N SER G 304 44.54 12.27 7.99
CA SER G 304 45.77 12.35 8.77
C SER G 304 45.87 13.64 9.56
N GLN G 305 46.56 13.57 10.68
CA GLN G 305 46.89 14.75 11.47
C GLN G 305 47.46 15.78 10.49
N VAL G 306 46.94 17.00 10.53
CA VAL G 306 47.36 18.02 9.57
C VAL G 306 48.38 18.95 10.22
N THR G 307 49.63 18.86 9.75
CA THR G 307 50.69 19.64 10.36
C THR G 307 50.97 21.00 9.70
N SER G 308 50.55 21.18 8.46
CA SER G 308 50.73 22.47 7.80
C SER G 308 49.86 22.65 6.57
N LEU G 309 49.69 23.90 6.18
CA LEU G 309 48.95 24.25 4.97
C LEU G 309 49.66 25.39 4.25
N ILE G 310 49.99 25.17 2.98
CA ILE G 310 50.61 26.22 2.18
C ILE G 310 49.94 26.38 0.82
N TRP G 311 49.35 27.55 0.59
CA TRP G 311 48.69 27.88 -0.66
C TRP G 311 49.70 28.00 -1.80
N SER G 312 49.21 27.88 -3.03
CA SER G 312 50.04 28.08 -4.20
C SER G 312 49.78 29.47 -4.78
N PRO G 313 50.81 30.32 -4.79
CA PRO G 313 50.68 31.71 -5.24
C PRO G 313 50.36 31.85 -6.73
N HIS G 314 50.96 31.03 -7.57
CA HIS G 314 50.82 31.17 -9.02
C HIS G 314 49.79 30.23 -9.66
N SER G 315 49.21 29.35 -8.86
CA SER G 315 48.26 28.36 -9.35
C SER G 315 47.08 28.34 -8.38
N LYS G 316 45.96 27.75 -8.77
CA LYS G 316 44.93 27.55 -7.77
C LYS G 316 44.99 26.09 -7.33
N GLU G 317 45.71 25.89 -6.24
CA GLU G 317 45.87 24.60 -5.59
C GLU G 317 46.41 24.86 -4.19
N ILE G 318 46.29 23.89 -3.30
CA ILE G 318 46.78 24.06 -1.94
C ILE G 318 47.44 22.80 -1.42
N MET G 319 48.53 23.00 -0.66
CA MET G 319 49.35 21.89 -0.21
C MET G 319 49.17 21.65 1.29
N SER G 320 49.12 20.38 1.67
CA SER G 320 49.09 19.99 3.07
C SER G 320 50.18 18.98 3.38
N THR G 321 50.59 18.93 4.65
CA THR G 321 51.60 18.00 5.12
C THR G 321 51.05 17.33 6.38
N HIS G 322 51.45 16.08 6.61
CA HIS G 322 50.75 15.27 7.61
C HIS G 322 51.59 14.45 8.59
N GLY G 323 51.00 14.24 9.76
CA GLY G 323 51.52 13.40 10.84
C GLY G 323 50.84 12.04 10.86
N PHE G 324 50.56 11.56 12.06
CA PHE G 324 49.90 10.27 12.24
C PHE G 324 48.68 10.16 11.33
N PRO G 325 48.48 8.98 10.72
CA PRO G 325 49.37 7.85 10.43
C PRO G 325 50.28 8.02 9.20
N ASP G 326 49.84 8.81 8.22
CA ASP G 326 50.39 8.73 6.86
C ASP G 326 51.74 9.40 6.58
N ASN G 327 52.15 10.37 7.40
CA ASN G 327 53.42 11.05 7.21
C ASN G 327 53.63 11.57 5.78
N ASN G 328 52.57 12.06 5.16
CA ASN G 328 52.63 12.34 3.74
C ASN G 328 52.54 13.82 3.39
N LEU G 329 52.67 14.07 2.09
CA LEU G 329 52.54 15.39 1.49
C LEU G 329 51.48 15.31 0.39
N SER G 330 50.54 16.23 0.40
CA SER G 330 49.44 16.18 -0.55
C SER G 330 49.12 17.53 -1.19
N ILE G 331 49.15 17.57 -2.52
CA ILE G 331 48.70 18.73 -3.27
C ILE G 331 47.26 18.52 -3.74
N TRP G 332 46.39 19.47 -3.39
CA TRP G 332 44.99 19.43 -3.77
C TRP G 332 44.68 20.52 -4.77
N SER G 333 43.72 20.27 -5.66
CA SER G 333 43.22 21.31 -6.55
C SER G 333 42.02 21.99 -5.87
N TYR G 334 41.98 23.32 -5.93
CA TYR G 334 40.96 24.07 -5.20
C TYR G 334 40.00 24.82 -6.11
N SER G 335 38.72 24.78 -5.76
CA SER G 335 37.70 25.55 -6.48
C SER G 335 36.49 25.85 -5.59
N SER G 336 35.68 26.82 -6.02
CA SER G 336 34.50 27.26 -5.28
C SER G 336 33.54 26.10 -4.98
N SER G 337 33.57 25.09 -5.84
CA SER G 337 32.71 23.92 -5.69
C SER G 337 33.21 22.96 -4.62
N GLY G 338 34.52 22.75 -4.57
CA GLY G 338 35.12 21.85 -3.60
C GLY G 338 36.61 21.59 -3.82
N LEU G 339 37.09 20.49 -3.25
CA LEU G 339 38.49 20.11 -3.36
C LEU G 339 38.68 18.76 -4.03
N THR G 340 39.83 18.58 -4.66
CA THR G 340 40.23 17.30 -5.22
C THR G 340 41.71 17.11 -4.95
N LYS G 341 42.09 15.94 -4.46
CA LYS G 341 43.49 15.67 -4.21
C LYS G 341 44.17 15.28 -5.52
N GLN G 342 45.11 16.10 -5.97
CA GLN G 342 45.86 15.82 -7.18
C GLN G 342 47.04 14.88 -6.94
N VAL G 343 47.82 15.18 -5.91
CA VAL G 343 49.03 14.40 -5.63
C VAL G 343 49.13 14.01 -4.16
N ASP G 344 49.45 12.74 -3.92
CA ASP G 344 49.68 12.26 -2.56
C ASP G 344 50.94 11.41 -2.56
N ILE G 345 51.96 11.84 -1.82
CA ILE G 345 53.21 11.10 -1.77
C ILE G 345 53.78 11.02 -0.37
N PRO G 346 54.32 9.85 0.01
CA PRO G 346 54.96 9.80 1.33
C PRO G 346 56.16 10.74 1.36
N ALA G 347 56.16 11.66 2.31
CA ALA G 347 57.21 12.67 2.39
C ALA G 347 58.46 12.23 3.14
N HIS G 348 58.25 11.57 4.27
CA HIS G 348 59.33 11.31 5.24
C HIS G 348 59.10 10.01 5.97
N ASP G 349 60.15 9.51 6.62
CA ASP G 349 60.04 8.27 7.39
C ASP G 349 59.35 8.50 8.73
N THR G 350 59.12 9.76 9.07
CA THR G 350 58.34 10.12 10.24
C THR G 350 57.37 11.25 9.89
N ARG G 351 56.67 11.77 10.89
CA ARG G 351 55.69 12.83 10.65
C ARG G 351 56.34 13.98 9.92
N VAL G 352 55.62 14.59 9.01
CA VAL G 352 56.16 15.79 8.38
C VAL G 352 55.61 16.88 9.27
N LEU G 353 56.47 17.40 10.15
CA LEU G 353 56.02 18.39 11.12
C LEU G 353 56.33 19.80 10.69
N TYR G 354 57.19 19.94 9.68
CA TYR G 354 57.72 21.24 9.31
C TYR G 354 57.83 21.41 7.80
N SER G 355 57.45 22.58 7.32
CA SER G 355 57.49 22.86 5.90
C SER G 355 57.69 24.34 5.67
N ALA G 356 58.20 24.68 4.50
CA ALA G 356 58.28 26.07 4.09
C ALA G 356 58.26 26.10 2.58
N LEU G 357 57.66 27.13 2.00
CA LEU G 357 57.63 27.30 0.57
C LEU G 357 58.68 28.33 0.15
N SER G 358 59.27 28.14 -1.04
CA SER G 358 60.25 29.07 -1.55
C SER G 358 59.57 30.40 -1.91
N PRO G 359 60.35 31.48 -2.05
CA PRO G 359 59.81 32.81 -2.33
C PRO G 359 59.12 32.91 -3.69
N ASP G 360 59.62 32.18 -4.67
CA ASP G 360 59.05 32.20 -6.01
C ASP G 360 57.86 31.24 -6.11
N GLY G 361 57.76 30.36 -5.12
CA GLY G 361 56.64 29.42 -5.06
C GLY G 361 56.83 28.18 -5.90
N ARG G 362 58.06 27.94 -6.35
CA ARG G 362 58.36 26.77 -7.19
C ARG G 362 58.83 25.54 -6.41
N ILE G 363 59.16 25.70 -5.13
CA ILE G 363 59.77 24.62 -4.36
C ILE G 363 59.28 24.54 -2.93
N LEU G 364 58.93 23.35 -2.48
CA LEU G 364 58.54 23.16 -1.09
C LEU G 364 59.58 22.35 -0.33
N SER G 365 60.09 22.94 0.75
CA SER G 365 60.97 22.22 1.65
C SER G 365 60.11 21.65 2.76
N THR G 366 60.48 20.46 3.23
CA THR G 366 59.86 19.87 4.40
C THR G 366 60.96 19.24 5.23
N ALA G 367 60.71 19.03 6.53
CA ALA G 367 61.72 18.42 7.37
C ALA G 367 61.05 17.50 8.36
N ALA G 368 61.73 16.41 8.70
CA ALA G 368 61.15 15.49 9.67
C ALA G 368 62.21 14.97 10.63
N SER G 369 61.78 14.48 11.79
CA SER G 369 62.68 13.97 12.81
C SER G 369 63.43 12.76 12.27
N ASP G 370 63.08 12.38 11.04
CA ASP G 370 63.84 11.39 10.30
C ASP G 370 65.19 12.00 9.92
N GLU G 371 65.36 13.26 10.31
CA GLU G 371 66.62 13.99 10.17
C GLU G 371 66.96 14.29 8.73
N ASN G 372 65.91 14.43 7.93
CA ASN G 372 66.03 14.89 6.55
C ASN G 372 65.23 16.16 6.31
N LEU G 373 65.86 17.04 5.52
CA LEU G 373 65.26 18.24 4.99
C LEU G 373 65.20 18.10 3.47
N LYS G 374 63.99 17.96 2.93
CA LYS G 374 63.82 17.62 1.53
C LYS G 374 63.24 18.79 0.73
N PHE G 375 63.61 18.84 -0.55
CA PHE G 375 63.14 19.90 -1.43
C PHE G 375 62.41 19.31 -2.64
N TRP G 376 61.13 19.62 -2.76
CA TRP G 376 60.33 19.08 -3.86
C TRP G 376 59.98 20.21 -4.83
N ARG G 377 59.94 19.89 -6.12
CA ARG G 377 59.58 20.90 -7.11
C ARG G 377 58.07 20.84 -7.31
N VAL G 378 57.40 21.89 -6.84
CA VAL G 378 55.94 21.95 -6.87
C VAL G 378 55.34 22.43 -8.20
N TYR G 379 55.95 23.44 -8.81
CA TYR G 379 55.38 24.07 -10.01
C TYR G 379 56.44 24.46 -11.03
N ASP G 380 56.19 24.10 -12.30
CA ASP G 380 57.10 24.44 -13.38
C ASP G 380 56.35 25.02 -14.57
N ILE H 6 27.62 40.17 41.29
CA ILE H 6 27.34 39.10 42.23
C ILE H 6 26.45 38.01 41.62
N ARG H 7 26.70 36.77 42.02
CA ARG H 7 26.05 35.60 41.42
C ARG H 7 24.92 35.06 42.30
N THR H 8 23.68 35.24 41.84
CA THR H 8 22.49 34.79 42.56
C THR H 8 21.90 33.46 42.07
N ASN H 9 22.60 32.80 41.15
CA ASN H 9 22.01 31.77 40.30
C ASN H 9 21.95 30.35 40.86
N PHE H 10 22.08 30.19 42.18
CA PHE H 10 22.16 28.84 42.71
C PHE H 10 20.79 28.17 42.67
N SER H 11 20.69 27.17 41.79
CA SER H 11 19.45 26.45 41.58
C SER H 11 19.74 24.97 41.44
N ALA H 12 19.20 24.15 42.35
CA ALA H 12 19.37 22.71 42.25
C ALA H 12 18.59 22.16 41.07
N LYS H 13 17.45 22.76 40.78
CA LYS H 13 16.61 22.35 39.64
C LYS H 13 17.32 22.54 38.31
N GLY H 14 17.71 23.78 38.01
CA GLY H 14 18.39 24.11 36.78
C GLY H 14 19.66 23.30 36.59
N SER H 15 20.47 23.23 37.63
CA SER H 15 21.72 22.49 37.58
C SER H 15 21.49 20.99 37.38
N SER H 16 20.45 20.46 38.03
CA SER H 16 20.08 19.06 37.85
C SER H 16 19.81 18.80 36.37
N LYS H 17 19.00 19.68 35.77
CA LYS H 17 18.71 19.61 34.34
C LYS H 17 19.99 19.64 33.50
N LEU H 18 20.81 20.68 33.69
CA LEU H 18 22.05 20.86 32.93
C LEU H 18 23.02 19.66 33.03
N VAL H 19 23.21 19.14 34.24
CA VAL H 19 24.08 17.98 34.45
C VAL H 19 23.51 16.69 33.84
N SER H 20 22.20 16.49 33.94
CA SER H 20 21.59 15.33 33.32
C SER H 20 21.75 15.38 31.79
N GLU H 21 21.52 16.56 31.22
CA GLU H 21 21.72 16.75 29.79
C GLU H 21 23.18 16.49 29.38
N PHE H 22 24.12 17.04 30.14
CA PHE H 22 25.51 16.75 29.85
C PHE H 22 25.75 15.25 29.89
N PHE H 23 25.13 14.56 30.83
CA PHE H 23 25.27 13.10 30.94
C PHE H 23 24.78 12.40 29.68
N GLU H 24 23.66 12.86 29.15
CA GLU H 24 23.14 12.33 27.89
C GLU H 24 24.16 12.51 26.76
N TYR H 25 24.67 13.72 26.63
CA TYR H 25 25.65 14.00 25.59
C TYR H 25 26.95 13.20 25.75
N ALA H 26 27.40 13.01 26.99
CA ALA H 26 28.62 12.25 27.27
C ALA H 26 28.40 10.81 26.86
N VAL H 27 27.25 10.26 27.24
CA VAL H 27 26.90 8.89 26.86
C VAL H 27 26.95 8.71 25.34
N ASN H 28 26.26 9.61 24.62
CA ASN H 28 26.30 9.56 23.15
C ASN H 28 27.74 9.63 22.60
N SER H 29 28.49 10.60 23.10
CA SER H 29 29.88 10.81 22.68
C SER H 29 30.73 9.56 22.86
N ILE H 30 30.56 8.86 23.98
CA ILE H 30 31.33 7.66 24.25
C ILE H 30 30.88 6.47 23.40
N LEU H 31 29.57 6.33 23.21
CA LEU H 31 29.05 5.28 22.33
C LEU H 31 29.63 5.47 20.94
N PHE H 32 29.79 6.72 20.53
CA PHE H 32 30.32 7.02 19.21
C PHE H 32 31.84 6.80 19.11
N GLN H 33 32.59 7.60 19.86
CA GLN H 33 34.04 7.58 19.82
C GLN H 33 34.64 6.17 19.98
N ARG H 34 33.97 5.34 20.78
CA ARG H 34 34.49 4.01 21.08
C ARG H 34 33.92 2.92 20.18
N GLY H 35 33.08 3.31 19.22
CA GLY H 35 32.59 2.39 18.22
C GLY H 35 31.62 1.34 18.74
N ILE H 36 30.94 1.63 19.84
CA ILE H 36 29.91 0.71 20.32
C ILE H 36 28.83 0.59 19.23
N TYR H 37 28.61 1.70 18.52
CA TYR H 37 27.72 1.70 17.35
C TYR H 37 28.42 2.37 16.17
N PRO H 38 27.97 2.07 14.94
CA PRO H 38 28.58 2.63 13.73
C PRO H 38 28.40 4.15 13.61
N ALA H 39 29.40 4.81 13.03
CA ALA H 39 29.36 6.26 12.86
C ALA H 39 28.10 6.71 12.15
N GLU H 40 27.65 5.91 11.19
CA GLU H 40 26.44 6.20 10.43
C GLU H 40 25.22 6.25 11.33
N ASP H 41 25.36 5.74 12.55
CA ASP H 41 24.26 5.67 13.51
C ASP H 41 24.17 6.94 14.34
N PHE H 42 24.99 7.93 14.00
CA PHE H 42 24.99 9.19 14.71
C PHE H 42 24.87 10.36 13.76
N LYS H 43 24.38 11.49 14.26
CA LYS H 43 24.32 12.72 13.49
C LYS H 43 24.92 13.80 14.36
N VAL H 44 25.38 14.87 13.72
CA VAL H 44 25.91 16.02 14.43
C VAL H 44 24.80 17.03 14.76
N VAL H 45 24.81 17.51 15.99
CA VAL H 45 23.94 18.61 16.42
C VAL H 45 24.79 19.65 17.13
N ARG H 46 24.35 20.91 17.10
CA ARG H 46 25.10 21.95 17.78
C ARG H 46 24.68 22.03 19.25
N LYS H 47 25.66 21.77 20.13
CA LYS H 47 25.45 21.87 21.58
C LYS H 47 26.75 22.26 22.30
N TYR H 48 26.65 23.16 23.27
CA TYR H 48 27.80 23.59 24.05
C TYR H 48 28.77 24.41 23.21
N GLY H 49 28.30 24.93 22.08
CA GLY H 49 29.14 25.72 21.20
C GLY H 49 30.05 24.84 20.37
N LEU H 50 29.81 23.53 20.40
CA LEU H 50 30.60 22.59 19.64
C LEU H 50 29.73 21.58 18.94
N ASN H 51 30.25 21.00 17.85
CA ASN H 51 29.53 19.96 17.15
C ASN H 51 29.54 18.69 18.00
N MET H 52 28.39 18.05 18.13
CA MET H 52 28.29 16.86 18.96
C MET H 52 27.60 15.73 18.21
N LEU H 53 27.91 14.50 18.59
CA LEU H 53 27.34 13.34 17.93
C LEU H 53 26.28 12.68 18.80
N VAL H 54 25.10 12.50 18.24
CA VAL H 54 23.99 11.87 18.93
C VAL H 54 23.35 10.81 18.05
N SER H 55 22.80 9.77 18.67
CA SER H 55 22.22 8.66 17.93
C SER H 55 20.92 9.02 17.20
N VAL H 56 20.83 8.60 15.94
CA VAL H 56 19.61 8.76 15.16
C VAL H 56 18.79 7.47 15.18
N ASP H 57 19.32 6.44 15.84
CA ASP H 57 18.67 5.14 15.94
C ASP H 57 17.65 5.14 17.09
N GLU H 58 16.40 4.85 16.77
CA GLU H 58 15.31 4.98 17.74
C GLU H 58 15.44 4.07 18.97
N GLU H 59 16.01 2.88 18.79
CA GLU H 59 16.20 1.95 19.90
C GLU H 59 17.17 2.54 20.91
N VAL H 60 18.28 3.05 20.39
CA VAL H 60 19.32 3.65 21.22
C VAL H 60 18.82 4.95 21.86
N LYS H 61 18.05 5.72 21.10
CA LYS H 61 17.46 6.94 21.63
C LYS H 61 16.52 6.64 22.79
N THR H 62 15.59 5.71 22.59
CA THR H 62 14.66 5.30 23.64
C THR H 62 15.42 4.81 24.88
N TYR H 63 16.45 4.01 24.64
CA TYR H 63 17.27 3.43 25.70
C TYR H 63 17.99 4.49 26.56
N ILE H 64 18.80 5.30 25.89
CA ILE H 64 19.57 6.35 26.55
C ILE H 64 18.64 7.33 27.24
N ARG H 65 17.54 7.67 26.58
CA ARG H 65 16.56 8.60 27.13
C ARG H 65 15.95 8.05 28.42
N LYS H 66 15.62 6.76 28.40
CA LYS H 66 15.07 6.10 29.58
C LYS H 66 16.07 6.15 30.74
N ILE H 67 17.34 5.92 30.46
CA ILE H 67 18.36 6.05 31.51
C ILE H 67 18.48 7.48 32.06
N VAL H 68 18.63 8.44 31.15
CA VAL H 68 18.85 9.83 31.51
C VAL H 68 17.69 10.42 32.30
N SER H 69 16.47 10.00 31.99
CA SER H 69 15.30 10.47 32.73
C SER H 69 15.49 10.19 34.23
N GLN H 70 15.76 8.93 34.55
CA GLN H 70 16.02 8.54 35.91
C GLN H 70 17.21 9.31 36.47
N LEU H 71 18.24 9.51 35.66
CA LEU H 71 19.38 10.31 36.11
C LEU H 71 18.91 11.68 36.60
N HIS H 72 18.04 12.32 35.81
CA HIS H 72 17.56 13.64 36.15
C HIS H 72 16.80 13.61 37.47
N LYS H 73 15.92 12.61 37.62
CA LYS H 73 15.19 12.46 38.87
C LYS H 73 16.14 12.32 40.07
N TRP H 74 17.15 11.46 39.93
CA TRP H 74 18.12 11.23 41.00
C TRP H 74 18.94 12.48 41.33
N MET H 75 19.26 13.27 40.30
CA MET H 75 19.95 14.54 40.49
C MET H 75 19.09 15.51 41.29
N PHE H 76 17.89 15.75 40.79
CA PHE H 76 16.96 16.66 41.45
C PHE H 76 16.69 16.21 42.88
N ALA H 77 16.69 14.89 43.09
CA ALA H 77 16.52 14.31 44.41
C ALA H 77 17.82 14.32 45.22
N LYS H 78 18.91 14.70 44.58
CA LYS H 78 20.22 14.80 45.23
C LYS H 78 20.66 13.46 45.79
N LYS H 79 20.20 12.38 45.16
CA LYS H 79 20.56 11.03 45.59
C LYS H 79 21.67 10.35 44.77
N ILE H 80 22.12 11.00 43.70
CA ILE H 80 23.06 10.35 42.79
C ILE H 80 24.51 10.79 43.00
N GLN H 81 25.32 9.87 43.50
CA GLN H 81 26.73 10.15 43.76
C GLN H 81 27.61 10.01 42.52
N LYS H 82 27.44 8.91 41.78
CA LYS H 82 28.29 8.66 40.62
C LYS H 82 27.57 8.04 39.45
N LEU H 83 28.09 8.30 38.25
CA LEU H 83 27.65 7.65 37.03
C LEU H 83 28.80 6.88 36.38
N ILE H 84 28.57 5.60 36.13
CA ILE H 84 29.60 4.75 35.54
C ILE H 84 29.15 4.16 34.21
N LEU H 85 30.06 4.08 33.25
CA LEU H 85 29.77 3.47 31.96
C LEU H 85 30.69 2.28 31.76
N VAL H 86 30.13 1.07 31.75
CA VAL H 86 30.91 -0.16 31.65
C VAL H 86 31.03 -0.65 30.21
N ILE H 87 32.26 -0.97 29.81
CA ILE H 87 32.54 -1.53 28.50
C ILE H 87 33.13 -2.92 28.67
N THR H 88 32.58 -3.91 27.98
CA THR H 88 32.98 -5.31 28.20
C THR H 88 32.97 -6.14 26.93
N SER H 89 33.98 -7.01 26.79
CA SER H 89 34.08 -7.88 25.62
C SER H 89 32.79 -8.65 25.34
N GLY H 93 35.37 -12.13 28.07
CA GLY H 93 34.13 -11.49 28.49
C GLY H 93 34.31 -10.57 29.69
N GLU H 94 35.53 -10.08 29.88
CA GLU H 94 35.83 -9.20 31.00
C GLU H 94 35.88 -7.73 30.59
N ASP H 95 35.38 -6.85 31.47
CA ASP H 95 35.29 -5.42 31.16
C ASP H 95 36.65 -4.87 30.75
N LEU H 96 36.72 -4.26 29.58
CA LEU H 96 37.97 -3.67 29.13
C LEU H 96 38.10 -2.20 29.50
N GLU H 97 36.99 -1.57 29.85
CA GLU H 97 36.96 -0.14 30.08
C GLU H 97 35.86 0.32 31.03
N ARG H 98 36.18 1.31 31.87
CA ARG H 98 35.21 1.85 32.80
C ARG H 98 35.34 3.38 32.86
N TRP H 99 34.27 4.07 32.47
CA TRP H 99 34.23 5.53 32.59
C TRP H 99 33.44 5.87 33.85
N GLN H 100 33.91 6.87 34.58
CA GLN H 100 33.31 7.20 35.86
C GLN H 100 33.12 8.70 36.04
N PHE H 101 31.88 9.10 36.25
CA PHE H 101 31.56 10.50 36.45
C PHE H 101 31.19 10.77 37.89
N ASN H 102 32.03 11.55 38.56
CA ASN H 102 31.83 11.88 39.96
C ASN H 102 31.02 13.18 40.13
N VAL H 103 30.01 13.08 41.00
CA VAL H 103 29.10 14.18 41.30
C VAL H 103 29.30 14.66 42.72
N GLU H 104 29.70 15.92 42.88
CA GLU H 104 29.86 16.54 44.18
C GLU H 104 29.03 17.82 44.24
N MET H 105 28.80 18.33 45.45
CA MET H 105 28.07 19.59 45.60
C MET H 105 29.03 20.78 45.62
N VAL H 106 28.47 21.97 45.76
CA VAL H 106 29.27 23.20 45.81
C VAL H 106 29.97 23.44 44.48
N ILE H 115 31.23 37.86 40.24
CA ILE H 115 30.86 37.37 38.91
C ILE H 115 29.35 37.22 38.74
N GLY H 116 28.81 37.83 37.70
CA GLY H 116 27.38 37.80 37.43
C GLY H 116 26.90 36.52 36.80
N ASN H 117 25.58 36.39 36.68
CA ASN H 117 24.95 35.14 36.23
C ASN H 117 25.23 34.71 34.78
N LYS H 118 25.11 35.66 33.85
CA LYS H 118 25.33 35.36 32.43
C LYS H 118 26.79 34.93 32.19
N GLU H 119 27.71 35.67 32.79
CA GLU H 119 29.13 35.36 32.72
C GLU H 119 29.39 33.98 33.33
N ASP H 120 28.70 33.70 34.44
CA ASP H 120 28.80 32.39 35.05
C ASP H 120 28.35 31.29 34.10
N GLU H 121 27.30 31.56 33.32
CA GLU H 121 26.81 30.57 32.36
C GLU H 121 27.82 30.35 31.23
N LEU H 122 28.48 31.42 30.79
CA LEU H 122 29.53 31.29 29.77
C LEU H 122 30.70 30.47 30.29
N ARG H 123 31.15 30.76 31.51
CA ARG H 123 32.27 30.00 32.05
C ARG H 123 31.89 28.54 32.28
N VAL H 124 30.63 28.30 32.67
CA VAL H 124 30.14 26.92 32.75
C VAL H 124 30.35 26.26 31.40
N GLN H 125 29.83 26.90 30.36
CA GLN H 125 29.97 26.35 29.01
C GLN H 125 31.43 26.05 28.64
N LYS H 126 32.33 26.97 28.95
CA LYS H 126 33.74 26.78 28.60
C LYS H 126 34.36 25.60 29.34
N GLU H 127 34.02 25.47 30.62
CA GLU H 127 34.47 24.32 31.39
C GLU H 127 33.95 22.99 30.78
N ILE H 128 32.67 22.98 30.43
CA ILE H 128 32.08 21.82 29.77
C ILE H 128 32.84 21.45 28.50
N GLN H 129 33.16 22.46 27.68
CA GLN H 129 33.85 22.14 26.43
C GLN H 129 35.30 21.71 26.65
N ALA H 130 35.93 22.18 27.72
CA ALA H 130 37.27 21.69 28.03
C ALA H 130 37.22 20.21 28.43
N LEU H 131 36.24 19.85 29.27
CA LEU H 131 36.07 18.44 29.66
C LEU H 131 35.76 17.52 28.47
N ILE H 132 34.87 17.96 27.59
CA ILE H 132 34.65 17.22 26.36
C ILE H 132 35.95 17.08 25.54
N ALA H 133 36.70 18.18 25.46
CA ALA H 133 37.96 18.19 24.70
C ALA H 133 38.95 17.14 25.23
N GLN H 134 39.06 17.00 26.55
CA GLN H 134 39.96 15.92 27.01
C GLN H 134 39.32 14.52 27.13
N ILE H 135 38.01 14.42 26.97
CA ILE H 135 37.40 13.13 26.70
C ILE H 135 37.93 12.64 25.35
N THR H 136 37.77 13.51 24.36
CA THR H 136 38.22 13.22 23.00
C THR H 136 39.72 12.96 22.96
N ALA H 137 40.50 13.81 23.61
CA ALA H 137 41.96 13.61 23.68
C ALA H 137 42.32 12.29 24.38
N THR H 138 41.60 11.97 25.45
CA THR H 138 41.82 10.71 26.14
C THR H 138 41.69 9.57 25.14
N VAL H 139 40.68 9.65 24.28
CA VAL H 139 40.45 8.58 23.31
C VAL H 139 41.71 8.18 22.54
N THR H 140 42.63 9.13 22.33
CA THR H 140 43.80 8.89 21.48
C THR H 140 44.61 7.68 21.91
N PHE H 141 45.02 7.67 23.18
CA PHE H 141 45.98 6.68 23.66
C PHE H 141 45.29 5.43 24.19
N LEU H 142 43.97 5.40 24.11
CA LEU H 142 43.22 4.22 24.50
C LEU H 142 43.48 3.10 23.49
N PRO H 143 43.37 1.85 23.93
CA PRO H 143 43.56 0.71 23.02
C PRO H 143 42.33 0.55 22.13
N GLN H 144 42.53 0.02 20.93
CA GLN H 144 41.39 -0.25 20.05
C GLN H 144 40.53 -1.34 20.66
N LEU H 145 39.22 -1.21 20.53
CA LEU H 145 38.35 -2.31 20.91
C LEU H 145 37.96 -3.00 19.61
N GLU H 146 38.55 -4.17 19.36
CA GLU H 146 38.26 -4.96 18.17
C GLU H 146 37.04 -5.87 18.33
N GLU H 147 36.95 -6.51 19.49
CA GLU H 147 35.88 -7.48 19.75
C GLU H 147 34.53 -6.79 19.82
N GLN H 148 33.47 -7.57 19.63
CA GLN H 148 32.13 -7.03 19.79
C GLN H 148 31.92 -6.74 21.27
N CYS H 149 31.61 -5.50 21.59
CA CYS H 149 31.58 -5.05 22.97
C CYS H 149 30.18 -4.69 23.46
N THR H 150 29.71 -5.42 24.46
CA THR H 150 28.50 -5.03 25.18
C THR H 150 28.88 -3.96 26.19
N PHE H 151 27.92 -3.11 26.56
CA PHE H 151 28.20 -2.05 27.53
C PHE H 151 27.04 -1.85 28.49
N ASN H 152 27.36 -1.70 29.77
CA ASN H 152 26.35 -1.47 30.79
C ASN H 152 26.63 -0.17 31.54
N VAL H 153 25.60 0.41 32.12
CA VAL H 153 25.76 1.64 32.89
C VAL H 153 25.24 1.45 34.30
N LEU H 154 26.06 1.81 35.28
CA LEU H 154 25.67 1.74 36.67
C LEU H 154 25.99 3.04 37.41
N VAL H 155 25.41 3.20 38.61
CA VAL H 155 25.58 4.43 39.38
C VAL H 155 25.72 4.16 40.88
N TYR H 156 26.48 5.01 41.55
CA TYR H 156 26.53 4.98 43.01
C TYR H 156 25.42 5.89 43.53
N ALA H 157 24.68 5.43 44.52
CA ALA H 157 23.59 6.23 45.08
C ALA H 157 23.45 6.02 46.58
N ASP H 158 22.74 6.94 47.23
CA ASP H 158 22.40 6.79 48.64
C ASP H 158 21.62 5.48 48.80
N LYS H 159 21.98 4.69 49.81
CA LYS H 159 21.34 3.39 49.98
C LYS H 159 19.85 3.50 50.31
N ASP H 160 19.37 4.72 50.57
CA ASP H 160 17.95 4.94 50.82
C ASP H 160 17.19 5.42 49.57
N SER H 161 17.89 5.53 48.46
CA SER H 161 17.28 6.05 47.23
C SER H 161 16.24 5.09 46.65
N GLU H 162 15.35 5.64 45.83
CA GLU H 162 14.30 4.84 45.20
C GLU H 162 14.88 3.90 44.14
N VAL H 163 14.45 2.64 44.18
CA VAL H 163 14.91 1.64 43.23
C VAL H 163 13.87 1.41 42.14
N PRO H 164 14.15 1.92 40.93
CA PRO H 164 13.24 1.71 39.79
C PRO H 164 13.29 0.27 39.33
N THR H 165 12.19 -0.22 38.75
CA THR H 165 12.12 -1.61 38.31
C THR H 165 13.21 -1.95 37.31
N ASP H 166 13.70 -0.94 36.58
CA ASP H 166 14.74 -1.16 35.58
C ASP H 166 16.12 -1.25 36.22
N TRP H 167 16.19 -0.96 37.51
CA TRP H 167 17.48 -0.91 38.21
C TRP H 167 17.56 -1.92 39.34
N VAL H 168 18.69 -2.59 39.45
CA VAL H 168 18.90 -3.60 40.48
C VAL H 168 20.23 -3.42 41.20
N ASP H 169 20.33 -3.92 42.42
CA ASP H 169 21.58 -3.86 43.19
C ASP H 169 22.68 -4.59 42.43
N SER H 170 23.80 -3.90 42.23
CA SER H 170 24.90 -4.45 41.44
C SER H 170 26.24 -4.42 42.16
N ASP H 171 27.26 -4.97 41.50
CA ASP H 171 28.65 -4.78 41.91
C ASP H 171 29.19 -3.56 41.17
N PRO H 172 30.21 -2.91 41.72
CA PRO H 172 30.80 -1.74 41.07
C PRO H 172 31.46 -2.12 39.75
N ARG H 173 31.90 -3.37 39.66
CA ARG H 173 32.51 -3.92 38.45
C ARG H 173 33.81 -3.20 38.09
N ILE H 174 34.59 -2.85 39.11
CA ILE H 174 35.86 -2.15 38.92
C ILE H 174 36.82 -2.99 38.08
N LEU H 175 37.68 -2.32 37.32
CA LEU H 175 38.69 -3.00 36.51
C LEU H 175 39.88 -3.44 37.36
N ARG H 176 40.49 -4.56 37.00
CA ARG H 176 41.73 -5.00 37.62
C ARG H 176 42.87 -4.78 36.64
N ASP H 177 44.05 -4.44 37.16
CA ASP H 177 45.24 -4.25 36.33
C ASP H 177 44.96 -3.26 35.19
N ALA H 178 44.43 -2.10 35.55
CA ALA H 178 43.99 -1.11 34.55
C ALA H 178 44.64 0.26 34.77
N GLU H 179 45.04 0.88 33.67
CA GLU H 179 45.51 2.26 33.69
C GLU H 179 44.37 3.15 34.16
N GLN H 180 44.72 4.24 34.85
CA GLN H 180 43.74 5.14 35.43
C GLN H 180 44.09 6.60 35.16
N VAL H 181 43.12 7.35 34.63
CA VAL H 181 43.33 8.77 34.32
C VAL H 181 42.26 9.67 34.91
N GLN H 182 42.70 10.78 35.51
CA GLN H 182 41.81 11.80 36.02
C GLN H 182 41.65 12.92 35.01
N LEU H 183 40.41 13.24 34.66
CA LEU H 183 40.14 14.40 33.81
C LEU H 183 39.74 15.61 34.65
N ARG H 184 39.58 16.75 33.99
CA ARG H 184 39.15 17.98 34.65
C ARG H 184 37.67 17.94 34.98
N SER H 185 37.25 18.81 35.89
CA SER H 185 35.84 18.92 36.21
C SER H 185 35.22 20.15 35.55
N PHE H 186 33.91 20.28 35.72
CA PHE H 186 33.20 21.51 35.42
C PHE H 186 32.20 21.73 36.54
N SER H 187 31.94 22.98 36.88
CA SER H 187 31.12 23.25 38.04
C SER H 187 30.09 24.33 37.79
N THR H 188 28.83 23.99 38.00
CA THR H 188 27.77 24.98 38.04
C THR H 188 27.85 25.63 39.41
N SER H 189 27.01 26.62 39.64
CA SER H 189 26.94 27.26 40.94
C SER H 189 26.61 26.24 42.03
N MET H 190 26.14 25.08 41.59
CA MET H 190 25.58 24.06 42.49
C MET H 190 26.37 22.76 42.52
N HIS H 191 26.50 22.13 41.36
CA HIS H 191 27.17 20.83 41.27
C HIS H 191 28.55 20.89 40.60
N LYS H 192 29.46 20.09 41.13
CA LYS H 192 30.77 19.89 40.52
C LYS H 192 30.84 18.47 39.95
N ILE H 193 31.15 18.36 38.65
CA ILE H 193 31.16 17.06 37.99
C ILE H 193 32.54 16.84 37.39
N ASP H 194 33.12 15.68 37.66
CA ASP H 194 34.38 15.36 37.02
C ASP H 194 34.33 13.97 36.41
N CYS H 195 35.32 13.65 35.60
CA CYS H 195 35.36 12.37 34.92
C CYS H 195 36.74 11.73 35.07
N GLN H 196 36.75 10.44 35.39
CA GLN H 196 37.98 9.68 35.42
C GLN H 196 37.71 8.38 34.70
N VAL H 197 38.71 7.83 34.04
CA VAL H 197 38.52 6.58 33.30
C VAL H 197 39.62 5.55 33.56
N ALA H 198 39.21 4.30 33.67
CA ALA H 198 40.15 3.19 33.78
C ALA H 198 40.03 2.34 32.52
N TYR H 199 41.16 1.80 32.07
CA TYR H 199 41.16 0.93 30.89
C TYR H 199 42.23 -0.16 31.00
N ARG H 200 41.92 -1.33 30.48
CA ARG H 200 42.87 -2.44 30.52
C ARG H 200 43.91 -2.30 29.43
N VAL H 201 45.14 -2.68 29.74
CA VAL H 201 46.21 -2.71 28.74
C VAL H 201 46.64 -4.14 28.44
N TRP I 10 46.90 7.88 40.51
CA TRP I 10 46.04 8.54 39.53
C TRP I 10 46.73 9.67 38.79
N VAL I 11 46.85 9.51 37.47
CA VAL I 11 47.47 10.52 36.62
C VAL I 11 46.43 11.48 36.05
N HIS I 12 46.76 12.76 36.00
CA HIS I 12 45.82 13.79 35.59
C HIS I 12 45.93 14.11 34.10
N MET I 13 44.78 14.33 33.47
CA MET I 13 44.74 14.55 32.03
C MET I 13 45.33 15.90 31.62
N ASP I 14 45.24 16.89 32.51
CA ASP I 14 45.73 18.23 32.22
C ASP I 14 47.19 18.27 31.74
N VAL I 15 48.04 17.40 32.27
CA VAL I 15 49.42 17.29 31.77
C VAL I 15 49.46 16.65 30.38
N ILE I 16 48.77 15.52 30.24
CA ILE I 16 48.73 14.76 29.00
C ILE I 16 48.19 15.50 27.76
N GLU I 17 47.06 16.20 27.92
CA GLU I 17 46.44 16.91 26.81
C GLU I 17 47.48 17.82 26.13
N GLN I 18 48.32 18.44 26.95
CA GLN I 18 49.39 19.28 26.43
C GLN I 18 50.16 18.52 25.35
N SER I 19 50.29 17.22 25.53
CA SER I 19 50.97 16.37 24.56
C SER I 19 50.06 15.56 23.63
N LYS I 20 48.76 15.79 23.72
CA LYS I 20 47.79 15.01 22.95
C LYS I 20 48.21 14.82 21.49
N GLU I 21 48.75 15.88 20.88
CA GLU I 21 49.12 15.82 19.47
C GLU I 21 50.44 15.07 19.21
N ASN I 22 51.12 14.69 20.29
CA ASN I 22 52.29 13.83 20.20
C ASN I 22 52.00 12.36 20.47
N ILE I 23 50.73 12.01 20.66
CA ILE I 23 50.39 10.64 21.02
C ILE I 23 50.03 9.77 19.81
N GLU I 24 50.92 8.83 19.50
CA GLU I 24 50.73 7.94 18.38
C GLU I 24 49.57 6.99 18.65
N PRO I 25 48.57 6.98 17.76
CA PRO I 25 47.50 6.00 17.95
C PRO I 25 48.09 4.60 17.81
N ARG I 26 47.86 3.75 18.81
CA ARG I 26 48.38 2.39 18.81
C ARG I 26 47.27 1.42 19.19
N LYS I 27 47.23 0.27 18.51
CA LYS I 27 46.21 -0.75 18.77
C LYS I 27 46.18 -1.11 20.25
N ALA I 28 47.38 -1.20 20.84
CA ALA I 28 47.52 -1.57 22.23
C ALA I 28 47.28 -0.39 23.18
N GLY I 29 47.38 0.83 22.64
CA GLY I 29 47.24 2.03 23.46
C GLY I 29 48.49 2.30 24.26
N HIS I 30 48.48 3.36 25.05
CA HIS I 30 49.66 3.76 25.82
C HIS I 30 49.43 3.64 27.32
N SER I 31 50.52 3.44 28.06
CA SER I 31 50.50 3.50 29.51
C SER I 31 50.28 4.94 29.94
N ALA I 32 49.22 5.17 30.71
CA ALA I 32 48.94 6.53 31.18
C ALA I 32 50.03 6.92 32.16
N SER I 33 50.48 5.92 32.92
CA SER I 33 51.61 6.09 33.82
C SER I 33 52.79 6.68 33.06
N ALA I 34 53.13 6.04 31.95
CA ALA I 34 54.20 6.52 31.10
C ALA I 34 53.86 7.88 30.46
N LEU I 35 52.60 8.05 30.07
CA LEU I 35 52.19 9.27 29.39
C LEU I 35 52.36 10.52 30.23
N ALA I 36 52.04 10.43 31.52
CA ALA I 36 52.20 11.57 32.41
C ALA I 36 53.66 12.02 32.39
N LYS I 37 54.56 11.08 32.71
CA LYS I 37 55.98 11.35 32.69
C LYS I 37 56.40 11.97 31.37
N SER I 38 56.00 11.34 30.26
CA SER I 38 56.37 11.83 28.93
C SER I 38 56.00 13.29 28.79
N SER I 39 54.73 13.60 29.03
CA SER I 39 54.20 14.95 28.86
C SER I 39 54.95 15.98 29.72
N SER I 40 55.27 15.62 30.95
CA SER I 40 55.90 16.56 31.88
C SER I 40 57.31 17.04 31.46
N ARG I 41 57.90 16.39 30.47
CA ARG I 41 59.29 16.70 30.11
C ARG I 41 59.40 17.63 28.91
N ASN I 42 60.19 18.70 29.03
CA ASN I 42 60.47 19.54 27.87
C ASN I 42 61.94 19.61 27.44
N HIS I 43 62.30 18.83 26.43
CA HIS I 43 63.46 19.07 25.57
C HIS I 43 64.71 19.62 26.25
N THR I 44 65.01 19.18 27.47
CA THR I 44 66.13 19.75 28.19
C THR I 44 67.33 18.79 28.27
N GLU I 45 68.53 19.36 28.20
CA GLU I 45 69.77 18.58 28.20
C GLU I 45 69.78 17.53 29.31
N LYS I 46 69.29 17.92 30.48
CA LYS I 46 69.21 17.01 31.63
C LYS I 46 68.36 15.79 31.29
N GLU I 47 67.12 16.05 30.90
CA GLU I 47 66.15 15.00 30.59
C GLU I 47 66.65 14.11 29.45
N VAL I 48 67.24 14.75 28.45
CA VAL I 48 67.78 14.04 27.28
C VAL I 48 68.91 13.09 27.67
N ALA I 49 69.94 13.63 28.31
CA ALA I 49 71.07 12.82 28.75
C ALA I 49 70.58 11.68 29.64
N GLY I 50 69.63 12.00 30.51
CA GLY I 50 69.03 11.01 31.38
C GLY I 50 68.45 9.85 30.58
N LEU I 51 67.59 10.18 29.62
CA LEU I 51 66.99 9.16 28.77
C LEU I 51 68.05 8.33 28.05
N GLN I 52 69.09 8.98 27.57
CA GLN I 52 70.20 8.28 26.94
C GLN I 52 70.83 7.27 27.91
N LYS I 53 70.95 7.68 29.17
CA LYS I 53 71.54 6.82 30.20
C LYS I 53 70.67 5.60 30.48
N GLU I 54 69.36 5.80 30.62
CA GLU I 54 68.44 4.70 30.77
C GLU I 54 68.60 3.74 29.60
N ARG I 55 68.68 4.32 28.41
CA ARG I 55 68.91 3.53 27.20
C ARG I 55 70.17 2.68 27.35
N MET I 56 71.22 3.30 27.91
CA MET I 56 72.47 2.58 28.18
C MET I 56 72.15 1.35 29.02
N GLY I 57 71.51 1.58 30.17
CA GLY I 57 71.19 0.49 31.07
C GLY I 57 70.57 -0.66 30.29
N HIS I 58 69.62 -0.32 29.43
CA HIS I 58 68.96 -1.35 28.62
C HIS I 58 69.93 -2.12 27.69
N GLU I 59 70.77 -1.38 26.97
CA GLU I 59 71.73 -2.03 26.09
C GLU I 59 72.68 -2.95 26.87
N ARG I 60 72.95 -2.59 28.12
CA ARG I 60 73.67 -3.49 29.02
C ARG I 60 72.86 -4.76 29.21
N LYS I 61 71.60 -4.58 29.57
CA LYS I 61 70.70 -5.72 29.80
C LYS I 61 70.67 -6.69 28.62
N ILE I 62 70.85 -6.17 27.40
CA ILE I 62 70.80 -7.03 26.21
C ILE I 62 72.02 -7.96 26.09
N GLU I 63 73.15 -7.53 26.63
CA GLU I 63 74.40 -8.28 26.50
C GLU I 63 74.39 -9.53 27.37
N THR I 64 73.81 -9.40 28.55
CA THR I 64 73.82 -10.48 29.54
C THR I 64 72.58 -11.37 29.39
N SER I 65 71.82 -11.13 28.34
CA SER I 65 70.51 -11.77 28.15
C SER I 65 70.56 -13.30 28.13
N GLU I 66 71.76 -13.86 28.01
CA GLU I 66 71.91 -15.31 28.06
C GLU I 66 71.86 -15.79 29.50
N SER I 67 72.30 -14.92 30.41
CA SER I 67 72.44 -15.27 31.83
C SER I 67 71.10 -15.60 32.47
N LEU I 68 70.02 -15.41 31.73
CA LEU I 68 68.69 -15.77 32.20
C LEU I 68 68.02 -16.77 31.25
N ASP I 69 66.95 -17.40 31.72
CA ASP I 69 66.25 -18.41 30.93
C ASP I 69 65.32 -17.79 29.89
N ASP I 70 64.90 -16.54 30.12
CA ASP I 70 63.98 -15.88 29.20
C ASP I 70 64.58 -14.60 28.61
N PRO I 71 65.41 -14.77 27.57
CA PRO I 71 66.10 -13.68 26.86
C PRO I 71 65.16 -12.71 26.16
N LEU I 72 63.90 -13.10 25.99
CA LEU I 72 62.91 -12.24 25.35
C LEU I 72 62.50 -11.09 26.24
N GLN I 73 62.65 -11.27 27.56
CA GLN I 73 62.15 -10.31 28.54
C GLN I 73 62.97 -9.04 28.63
N VAL I 74 64.28 -9.13 28.37
CA VAL I 74 65.12 -7.94 28.32
C VAL I 74 64.69 -7.06 27.16
N TRP I 75 64.56 -7.68 25.99
CA TRP I 75 64.08 -6.99 24.81
C TRP I 75 62.73 -6.35 25.09
N ILE I 76 61.83 -7.12 25.70
CA ILE I 76 60.52 -6.58 26.09
C ILE I 76 60.66 -5.35 26.97
N ASP I 77 61.58 -5.39 27.94
CA ASP I 77 61.80 -4.25 28.82
C ASP I 77 62.28 -3.02 28.05
N TYR I 78 63.15 -3.27 27.08
CA TYR I 78 63.75 -2.20 26.28
C TYR I 78 62.74 -1.52 25.34
N ILE I 79 61.95 -2.32 24.62
CA ILE I 79 60.96 -1.77 23.71
C ILE I 79 59.81 -1.13 24.49
N LYS I 80 59.40 -1.80 25.57
CA LYS I 80 58.45 -1.24 26.51
C LYS I 80 58.93 0.16 26.87
N TRP I 81 60.21 0.25 27.21
CA TRP I 81 60.81 1.51 27.62
C TRP I 81 60.73 2.57 26.53
N THR I 82 61.10 2.22 25.30
CA THR I 82 61.12 3.23 24.25
C THR I 82 59.70 3.71 23.92
N LEU I 83 58.75 2.79 23.89
CA LEU I 83 57.37 3.13 23.63
C LEU I 83 56.80 4.01 24.74
N ASP I 84 57.23 3.71 25.97
CA ASP I 84 56.77 4.44 27.14
C ASP I 84 57.35 5.84 27.19
N ASN I 85 58.57 6.01 26.68
CA ASN I 85 59.22 7.30 26.66
C ASN I 85 59.06 8.08 25.35
N PHE I 86 58.57 7.42 24.32
CA PHE I 86 58.46 8.03 23.00
C PHE I 86 57.06 7.85 22.44
N PRO I 87 56.11 8.65 22.95
CA PRO I 87 54.68 8.50 22.63
C PRO I 87 54.40 8.56 21.13
N GLN I 88 55.22 9.26 20.36
CA GLN I 88 54.98 9.39 18.92
C GLN I 88 55.56 8.24 18.07
N GLY I 89 56.14 7.24 18.74
CA GLY I 89 56.75 6.10 18.06
C GLY I 89 58.09 6.38 17.41
N GLU I 90 58.19 6.11 16.11
CA GLU I 90 59.48 6.16 15.43
C GLU I 90 59.99 7.57 15.16
N THR I 91 61.18 7.84 15.69
CA THR I 91 61.93 9.05 15.38
C THR I 91 63.39 8.60 15.38
N LYS I 92 64.29 9.41 14.86
CA LYS I 92 65.70 9.01 14.82
C LYS I 92 66.23 8.83 16.24
N THR I 93 65.71 9.63 17.16
CA THR I 93 66.04 9.53 18.58
C THR I 93 65.47 8.27 19.21
N SER I 94 64.23 7.90 18.85
CA SER I 94 63.59 6.75 19.46
C SER I 94 64.16 5.44 18.94
N GLY I 95 64.42 5.37 17.63
CA GLY I 95 65.04 4.21 17.02
C GLY I 95 64.21 2.94 17.10
N LEU I 96 62.92 3.09 17.36
CA LEU I 96 62.04 1.94 17.53
C LEU I 96 62.14 0.92 16.39
N VAL I 97 62.27 1.43 15.17
CA VAL I 97 62.32 0.58 13.98
C VAL I 97 63.52 -0.38 14.03
N THR I 98 64.71 0.21 14.10
CA THR I 98 65.94 -0.58 14.11
C THR I 98 65.82 -1.65 15.18
N LEU I 99 65.52 -1.21 16.40
CA LEU I 99 65.42 -2.12 17.54
C LEU I 99 64.49 -3.29 17.22
N LEU I 100 63.28 -2.98 16.75
CA LEU I 100 62.37 -4.04 16.34
C LEU I 100 63.07 -5.02 15.40
N GLU I 101 63.73 -4.47 14.38
CA GLU I 101 64.49 -5.28 13.43
C GLU I 101 65.49 -6.20 14.14
N ARG I 102 66.09 -5.69 15.21
CA ARG I 102 67.07 -6.46 15.98
C ARG I 102 66.41 -7.62 16.71
N CYS I 103 65.24 -7.37 17.27
CA CYS I 103 64.49 -8.43 17.92
C CYS I 103 64.14 -9.52 16.90
N THR I 104 63.73 -9.09 15.71
CA THR I 104 63.44 -10.01 14.61
C THR I 104 64.56 -11.02 14.42
N ARG I 105 65.79 -10.52 14.36
CA ARG I 105 66.95 -11.34 14.00
C ARG I 105 67.56 -12.03 15.20
N GLU I 106 66.91 -11.91 16.35
CA GLU I 106 67.48 -12.43 17.59
C GLU I 106 67.45 -13.96 17.64
N PHE I 107 66.27 -14.56 17.77
CA PHE I 107 66.24 -16.01 17.98
C PHE I 107 65.87 -16.84 16.76
N VAL I 108 66.88 -17.40 16.09
CA VAL I 108 66.79 -18.74 15.53
C VAL I 108 67.70 -19.65 16.36
N ARG I 109 68.51 -19.02 17.20
CA ARG I 109 69.55 -19.71 17.97
C ARG I 109 68.97 -20.35 19.22
N ASN I 110 68.10 -19.60 19.88
CA ASN I 110 67.32 -20.09 21.00
C ASN I 110 65.85 -19.97 20.62
N PRO I 111 65.43 -20.79 19.65
CA PRO I 111 64.07 -20.75 19.08
C PRO I 111 63.10 -21.59 19.90
N LEU I 112 63.06 -21.35 21.20
CA LEU I 112 62.01 -21.91 22.04
C LEU I 112 60.89 -20.89 22.05
N TYR I 113 61.09 -19.84 21.25
CA TYR I 113 60.09 -18.80 21.04
C TYR I 113 59.29 -19.00 19.77
N LYS I 114 59.53 -20.11 19.08
CA LYS I 114 58.76 -20.46 17.88
C LYS I 114 57.26 -20.37 18.15
N ASP I 115 56.81 -20.94 19.26
CA ASP I 115 55.39 -20.93 19.63
C ASP I 115 55.04 -19.83 20.63
N ASP I 116 56.04 -19.07 21.06
CA ASP I 116 55.81 -18.03 22.06
C ASP I 116 55.01 -16.87 21.47
N VAL I 117 53.91 -16.53 22.11
CA VAL I 117 52.96 -15.55 21.58
C VAL I 117 53.46 -14.11 21.74
N ARG I 118 54.25 -13.88 22.78
CA ARG I 118 54.87 -12.57 22.98
C ARG I 118 55.75 -12.26 21.79
N TYR I 119 56.55 -13.25 21.37
CA TYR I 119 57.43 -13.09 20.23
C TYR I 119 56.64 -12.71 18.98
N LEU I 120 55.61 -13.48 18.67
CA LEU I 120 54.75 -13.21 17.54
C LEU I 120 54.13 -11.81 17.58
N ARG I 121 53.68 -11.37 18.75
CA ARG I 121 53.17 -10.01 18.88
C ARG I 121 54.26 -8.99 18.55
N ILE I 122 55.48 -9.28 19.01
CA ILE I 122 56.61 -8.42 18.73
C ILE I 122 56.78 -8.30 17.22
N TRP I 123 56.73 -9.44 16.53
CA TRP I 123 56.79 -9.45 15.06
C TRP I 123 55.71 -8.56 14.44
N MET I 124 54.48 -8.77 14.89
CA MET I 124 53.35 -7.99 14.42
C MET I 124 53.59 -6.50 14.70
N GLN I 125 54.53 -6.22 15.59
CA GLN I 125 55.04 -4.86 15.75
C GLN I 125 56.09 -4.51 14.69
N TYR I 126 56.99 -5.45 14.40
CA TYR I 126 58.07 -5.20 13.45
C TYR I 126 57.50 -4.75 12.12
N VAL I 127 56.41 -5.40 11.73
CA VAL I 127 55.87 -5.40 10.37
C VAL I 127 55.44 -4.06 9.79
N ASN I 128 54.81 -3.21 10.58
CA ASN I 128 54.19 -2.01 10.06
C ASN I 128 55.23 -1.12 9.38
N TYR I 129 56.39 -1.02 9.99
CA TYR I 129 57.52 -0.32 9.40
C TYR I 129 57.99 -0.99 8.11
N ILE I 130 57.95 -2.32 8.10
CA ILE I 130 58.40 -3.11 6.95
C ILE I 130 57.55 -2.83 5.71
N ASP I 131 58.20 -2.77 4.55
CA ASP I 131 57.55 -2.37 3.32
C ASP I 131 56.41 -3.27 2.82
N GLU I 132 56.58 -4.58 2.90
CA GLU I 132 55.54 -5.49 2.41
C GLU I 132 55.00 -6.44 3.48
N PRO I 133 53.69 -6.39 3.68
CA PRO I 133 53.00 -7.32 4.59
C PRO I 133 53.05 -8.78 4.14
N VAL I 134 52.86 -9.01 2.85
CA VAL I 134 52.69 -10.36 2.32
C VAL I 134 54.04 -11.08 2.32
N GLU I 135 55.09 -10.36 1.95
CA GLU I 135 56.44 -10.89 2.03
C GLU I 135 56.77 -11.40 3.43
N LEU I 136 56.41 -10.61 4.44
CA LEU I 136 56.68 -10.98 5.82
C LEU I 136 55.87 -12.19 6.24
N PHE I 137 54.62 -12.25 5.78
CA PHE I 137 53.75 -13.37 6.14
C PHE I 137 54.17 -14.67 5.43
N SER I 138 54.75 -14.53 4.25
CA SER I 138 55.26 -15.67 3.50
C SER I 138 56.58 -16.20 4.08
N PHE I 139 57.49 -15.28 4.40
CA PHE I 139 58.74 -15.65 5.05
C PHE I 139 58.45 -16.28 6.41
N LEU I 140 57.46 -15.70 7.10
CA LEU I 140 57.01 -16.17 8.40
C LEU I 140 56.48 -17.60 8.28
N ALA I 141 55.49 -17.79 7.41
CA ALA I 141 54.88 -19.10 7.21
C ALA I 141 55.91 -20.12 6.73
N HIS I 142 56.97 -19.64 6.08
CA HIS I 142 58.06 -20.50 5.64
C HIS I 142 58.89 -20.97 6.84
N HIS I 143 59.23 -20.05 7.73
CA HIS I 143 59.99 -20.40 8.93
C HIS I 143 59.10 -21.06 10.00
N HIS I 144 57.80 -21.10 9.72
CA HIS I 144 56.84 -21.79 10.58
C HIS I 144 56.75 -21.20 11.98
N ILE I 145 57.12 -19.94 12.13
CA ILE I 145 57.10 -19.28 13.43
C ILE I 145 55.67 -18.95 13.88
N GLY I 146 55.37 -19.23 15.13
CA GLY I 146 54.06 -18.94 15.71
C GLY I 146 52.90 -19.50 14.90
N GLN I 147 53.02 -20.75 14.47
CA GLN I 147 51.99 -21.38 13.65
C GLN I 147 50.89 -22.06 14.48
N GLU I 148 51.13 -22.20 15.77
CA GLU I 148 50.11 -22.75 16.67
C GLU I 148 49.27 -21.63 17.29
N SER I 149 49.70 -20.40 17.07
CA SER I 149 49.01 -19.23 17.62
C SER I 149 48.10 -18.57 16.58
N SER I 150 46.82 -18.48 16.92
CA SER I 150 45.80 -18.03 15.97
C SER I 150 45.84 -16.53 15.70
N ILE I 151 46.57 -15.78 16.52
CA ILE I 151 46.67 -14.34 16.31
C ILE I 151 47.43 -14.04 15.03
N PHE I 152 48.29 -14.98 14.63
CA PHE I 152 49.02 -14.86 13.38
C PHE I 152 48.07 -14.90 12.19
N TYR I 153 47.23 -15.92 12.16
CA TYR I 153 46.19 -16.05 11.14
C TYR I 153 45.24 -14.84 11.18
N GLU I 154 44.96 -14.36 12.39
CA GLU I 154 44.12 -13.18 12.55
C GLU I 154 44.73 -12.00 11.83
N GLU I 155 46.04 -11.84 11.98
CA GLU I 155 46.74 -10.69 11.41
C GLU I 155 46.90 -10.78 9.89
N TYR I 156 47.32 -11.94 9.39
CA TYR I 156 47.47 -12.15 7.96
C TYR I 156 46.12 -12.04 7.24
N ALA I 157 45.14 -12.79 7.74
CA ALA I 157 43.80 -12.81 7.17
C ALA I 157 43.12 -11.44 7.24
N ASN I 158 43.05 -10.86 8.42
CA ASN I 158 42.43 -9.55 8.60
C ASN I 158 43.28 -8.43 8.00
N TYR I 159 44.47 -8.79 7.53
CA TYR I 159 45.23 -7.94 6.63
C TYR I 159 44.63 -8.05 5.23
N PHE I 160 44.37 -9.28 4.80
CA PHE I 160 43.68 -9.51 3.52
C PHE I 160 42.35 -8.78 3.47
N GLU I 161 41.64 -8.75 4.60
CA GLU I 161 40.29 -8.19 4.65
C GLU I 161 40.23 -6.67 4.47
N SER I 162 41.36 -6.00 4.68
CA SER I 162 41.42 -4.55 4.51
C SER I 162 41.49 -4.20 3.02
N ARG I 163 42.05 -5.11 2.23
CA ARG I 163 42.19 -4.92 0.78
C ARG I 163 40.88 -5.17 0.05
N GLY I 164 39.97 -5.90 0.69
CA GLY I 164 38.72 -6.26 0.06
C GLY I 164 38.68 -7.70 -0.44
N LEU I 165 39.63 -8.52 0.00
CA LEU I 165 39.62 -9.93 -0.38
C LEU I 165 39.08 -10.78 0.77
N PHE I 166 37.85 -11.25 0.60
CA PHE I 166 37.20 -12.10 1.59
C PHE I 166 37.59 -13.56 1.40
N GLN I 167 37.80 -13.93 0.15
CA GLN I 167 38.10 -15.32 -0.21
C GLN I 167 39.52 -15.71 0.17
N LYS I 168 40.47 -14.80 -0.02
CA LYS I 168 41.86 -15.05 0.35
C LYS I 168 42.07 -15.07 1.87
N ALA I 169 41.38 -14.17 2.57
CA ALA I 169 41.41 -14.17 4.03
C ALA I 169 40.71 -15.39 4.57
N ASP I 170 39.71 -15.88 3.85
CA ASP I 170 39.04 -17.11 4.25
C ASP I 170 39.95 -18.32 4.02
N GLU I 171 40.78 -18.24 2.98
CA GLU I 171 41.75 -19.29 2.72
C GLU I 171 42.80 -19.29 3.82
N VAL I 172 43.19 -18.11 4.26
CA VAL I 172 44.10 -17.98 5.39
C VAL I 172 43.46 -18.56 6.66
N TYR I 173 42.16 -18.31 6.82
CA TYR I 173 41.41 -18.82 7.96
C TYR I 173 41.30 -20.34 7.97
N GLN I 174 41.08 -20.94 6.81
CA GLN I 174 41.01 -22.39 6.72
C GLN I 174 42.41 -23.00 6.86
N LYS I 175 43.43 -22.24 6.49
CA LYS I 175 44.80 -22.64 6.76
C LYS I 175 44.99 -22.74 8.26
N GLY I 176 44.51 -21.72 8.97
CA GLY I 176 44.57 -21.69 10.42
C GLY I 176 43.78 -22.80 11.10
N LYS I 177 42.63 -23.13 10.54
CA LYS I 177 41.79 -24.19 11.09
C LYS I 177 42.42 -25.56 10.88
N ARG I 178 42.96 -25.79 9.70
CA ARG I 178 43.57 -27.08 9.37
C ARG I 178 44.90 -27.28 10.10
N MET I 179 45.39 -26.23 10.75
CA MET I 179 46.65 -26.31 11.47
C MET I 179 46.59 -25.54 12.79
N LEU I 185 39.34 -21.73 20.27
CA LEU I 185 38.14 -21.05 20.73
C LEU I 185 38.21 -19.56 20.45
N ARG I 186 39.39 -18.98 20.62
CA ARG I 186 39.62 -17.59 20.25
C ARG I 186 39.59 -17.52 18.73
N PHE I 187 40.27 -18.48 18.11
CA PHE I 187 40.31 -18.57 16.65
C PHE I 187 38.92 -18.75 16.07
N GLN I 188 38.11 -19.56 16.74
CA GLN I 188 36.73 -19.79 16.32
C GLN I 188 35.94 -18.50 16.38
N GLN I 189 36.09 -17.76 17.48
CA GLN I 189 35.44 -16.46 17.66
C GLN I 189 35.78 -15.54 16.49
N LYS I 190 37.07 -15.34 16.26
CA LYS I 190 37.54 -14.42 15.23
C LYS I 190 37.12 -14.84 13.81
N TYR I 191 37.19 -16.14 13.55
CA TYR I 191 36.81 -16.68 12.25
C TYR I 191 35.32 -16.48 11.98
N GLN I 192 34.50 -16.72 13.00
CA GLN I 192 33.05 -16.56 12.84
C GLN I 192 32.62 -15.09 12.87
N GLN I 193 33.48 -14.23 13.41
CA GLN I 193 33.28 -12.78 13.29
C GLN I 193 33.59 -12.36 11.87
N PHE I 194 34.60 -12.99 11.28
CA PHE I 194 34.94 -12.77 9.88
C PHE I 194 33.90 -13.37 8.94
N THR I 195 33.25 -14.45 9.36
CA THR I 195 32.25 -15.11 8.52
C THR I 195 31.16 -14.13 8.09
N HIS I 196 31.03 -13.02 8.81
CA HIS I 196 30.15 -11.96 8.35
C HIS I 196 31.02 -11.04 7.50
N ARG I 197 30.78 -11.08 6.20
CA ARG I 197 31.63 -10.38 5.24
C ARG I 197 30.75 -9.67 4.22
N TRP I 198 31.12 -8.43 3.92
CA TRP I 198 30.37 -7.60 2.98
C TRP I 198 31.25 -7.13 1.82
N ASN I 214 28.96 -25.60 -11.22
CA ASN I 214 28.52 -25.28 -12.57
C ASN I 214 27.06 -25.63 -12.85
N PRO I 215 26.25 -24.62 -13.20
CA PRO I 215 24.86 -24.86 -13.60
C PRO I 215 24.75 -25.77 -14.83
N LEU I 216 23.71 -26.60 -14.83
CA LEU I 216 23.39 -27.48 -15.95
C LEU I 216 24.45 -28.55 -16.21
N GLN I 217 25.21 -28.88 -15.18
CA GLN I 217 26.19 -29.96 -15.28
C GLN I 217 25.42 -31.28 -15.26
N THR I 218 25.97 -32.30 -15.89
CA THR I 218 25.28 -33.57 -16.01
C THR I 218 25.60 -34.43 -14.81
N THR I 219 24.61 -34.69 -13.97
CA THR I 219 24.82 -35.61 -12.85
C THR I 219 24.41 -37.04 -13.17
N PHE I 220 23.61 -37.23 -14.20
CA PHE I 220 23.27 -38.57 -14.67
C PHE I 220 22.88 -38.59 -16.14
N GLU I 221 23.34 -39.61 -16.87
CA GLU I 221 22.85 -39.84 -18.22
C GLU I 221 22.85 -41.33 -18.56
N SER I 222 21.74 -41.79 -19.14
CA SER I 222 21.65 -43.17 -19.61
C SER I 222 20.75 -43.26 -20.84
#